data_1HG4
#
_entry.id   1HG4
#
_cell.length_a   37.980
_cell.length_b   86.190
_cell.length_c   137.000
_cell.angle_alpha   85.57
_cell.angle_beta   85.94
_cell.angle_gamma   83.09
#
_symmetry.space_group_name_H-M   'P 1'
#
loop_
_entity.id
_entity.type
_entity.pdbx_description
1 polymer ULTRASPIRACLE
2 non-polymer '2-(HEXADECANOYLOXY)-1-[(PHOSPHONOOXY)METHYL]ETHYL HEXADECANOATE'
3 water water
#
_entity_poly.entity_id   1
_entity_poly.type   'polypeptide(L)'
_entity_poly.pdbx_seq_one_letter_code
;MTNSVSRDFSIERIIEAEQRAETQCGDRALTFLRVGPYSTVQPDYKGAVSALCQVVNKQLFQMVEYARMMPHFAQVPLDD
QVILLKAAWIELLIANVAWCSIVSLDDGGAGGGGGGLGHDGSFERRSPGLQPQQLFLNQSFSYHRNSAIKAGVSAIFDRI
LSELSVKMKRLNLDRRELSCLKAIILYNPDIRGIKSRAEIEMCREKVYACLDEHCRLEHPGDDGRFAQLLLRLPALRSIS
LKCQDHLFLFRITSDRPLEELFLEQLEAPPPPGLAMKLE
;
_entity_poly.pdbx_strand_id   A,B,C,D,E,F
#
# COMPACT_ATOMS: atom_id res chain seq x y z
N PHE A 9 -11.83 50.86 -1.89
CA PHE A 9 -10.65 51.11 -1.02
C PHE A 9 -9.57 51.86 -1.80
N SER A 10 -9.79 53.16 -1.95
CA SER A 10 -8.90 54.04 -2.70
C SER A 10 -8.66 55.34 -1.95
N ILE A 11 -7.60 56.06 -2.34
CA ILE A 11 -7.30 57.34 -1.71
C ILE A 11 -8.52 58.27 -1.82
N GLU A 12 -9.24 58.16 -2.94
CA GLU A 12 -10.42 58.97 -3.18
C GLU A 12 -11.52 58.66 -2.18
N ARG A 13 -11.65 57.38 -1.81
CA ARG A 13 -12.69 56.98 -0.87
C ARG A 13 -12.31 57.42 0.54
N ILE A 14 -11.01 57.46 0.80
CA ILE A 14 -10.53 57.88 2.09
C ILE A 14 -10.68 59.39 2.21
N ILE A 15 -10.46 60.10 1.11
CA ILE A 15 -10.57 61.54 1.08
C ILE A 15 -12.02 61.93 1.36
N GLU A 16 -12.93 61.24 0.70
CA GLU A 16 -14.35 61.51 0.86
C GLU A 16 -14.81 61.41 2.31
N ALA A 17 -14.27 60.43 3.03
CA ALA A 17 -14.63 60.24 4.43
C ALA A 17 -14.21 61.45 5.27
N GLU A 18 -12.97 61.89 5.09
CA GLU A 18 -12.45 63.03 5.83
C GLU A 18 -13.28 64.26 5.57
N GLN A 19 -13.42 64.60 4.30
CA GLN A 19 -14.15 65.79 3.88
C GLN A 19 -15.60 65.82 4.35
N ARG A 20 -16.33 64.73 4.15
CA ARG A 20 -17.71 64.69 4.56
C ARG A 20 -17.84 64.77 6.08
N ALA A 21 -16.95 64.09 6.81
CA ALA A 21 -17.02 64.13 8.26
C ALA A 21 -16.78 65.56 8.76
N GLU A 22 -15.98 66.30 8.01
CA GLU A 22 -15.65 67.67 8.37
C GLU A 22 -16.76 68.68 8.12
N THR A 23 -17.70 68.37 7.23
CA THR A 23 -18.77 69.33 6.93
C THR A 23 -20.20 68.96 7.32
N GLN A 24 -20.46 67.69 7.57
CA GLN A 24 -21.82 67.26 7.88
C GLN A 24 -22.18 67.10 9.36
N CYS A 25 -21.23 67.30 10.25
CA CYS A 25 -21.51 67.14 11.67
C CYS A 25 -22.00 68.43 12.33
N GLY A 26 -21.91 69.53 11.61
CA GLY A 26 -22.32 70.80 12.17
C GLY A 26 -21.55 71.15 13.44
N ASP A 27 -22.31 71.37 14.51
CA ASP A 27 -21.74 71.72 15.81
C ASP A 27 -21.73 70.58 16.82
N ARG A 28 -22.09 69.37 16.40
CA ARG A 28 -22.10 68.22 17.31
C ARG A 28 -20.68 67.99 17.85
N ALA A 29 -20.58 67.55 19.09
CA ALA A 29 -19.28 67.34 19.70
C ALA A 29 -19.26 66.24 20.72
N LEU A 30 -18.09 65.61 20.85
CA LEU A 30 -17.87 64.55 21.83
C LEU A 30 -17.19 65.33 22.96
N THR A 31 -17.91 65.54 24.05
CA THR A 31 -17.36 66.32 25.16
C THR A 31 -16.41 65.51 26.08
N PHE A 32 -15.15 65.41 25.68
CA PHE A 32 -14.16 64.71 26.48
C PHE A 32 -13.34 65.74 27.28
N LEU A 33 -13.01 66.85 26.64
CA LEU A 33 -12.24 67.89 27.31
C LEU A 33 -13.19 68.92 27.88
N ARG A 34 -12.77 69.53 28.98
CA ARG A 34 -13.53 70.57 29.64
C ARG A 34 -12.83 70.94 30.93
N VAL A 35 -12.99 72.19 31.34
CA VAL A 35 -12.34 72.66 32.55
C VAL A 35 -13.31 72.58 33.71
N GLY A 36 -12.90 71.85 34.75
CA GLY A 36 -13.74 71.70 35.93
C GLY A 36 -13.09 72.34 37.14
N PRO A 37 -13.73 72.30 38.33
CA PRO A 37 -13.14 72.90 39.53
C PRO A 37 -11.83 72.28 40.02
N TYR A 38 -11.35 71.25 39.32
CA TYR A 38 -10.10 70.59 39.70
C TYR A 38 -8.98 70.76 38.65
N SER A 39 -9.26 71.60 37.65
CA SER A 39 -8.33 71.89 36.58
C SER A 39 -7.25 72.84 37.06
N THR A 40 -6.01 72.56 36.70
CA THR A 40 -4.89 73.41 37.09
C THR A 40 -4.74 74.56 36.10
N VAL A 41 -5.81 75.34 35.95
CA VAL A 41 -5.85 76.48 35.06
C VAL A 41 -6.29 77.72 35.86
N GLN A 42 -5.54 78.80 35.75
CA GLN A 42 -5.90 80.02 36.46
C GLN A 42 -7.30 80.44 36.04
N PRO A 43 -8.10 80.98 36.98
CA PRO A 43 -9.48 81.41 36.68
C PRO A 43 -9.61 82.37 35.50
N ASP A 44 -8.70 83.32 35.38
CA ASP A 44 -8.74 84.29 34.28
C ASP A 44 -8.56 83.64 32.91
N TYR A 45 -8.02 82.43 32.88
CA TYR A 45 -7.82 81.78 31.59
C TYR A 45 -8.73 80.59 31.34
N LYS A 46 -9.83 80.49 32.09
CA LYS A 46 -10.77 79.40 31.90
C LYS A 46 -11.55 79.54 30.60
N GLY A 47 -12.02 80.75 30.31
CA GLY A 47 -12.76 80.98 29.09
C GLY A 47 -11.95 80.52 27.89
N ALA A 48 -10.71 80.97 27.82
CA ALA A 48 -9.81 80.63 26.71
C ALA A 48 -9.58 79.13 26.58
N VAL A 49 -9.26 78.47 27.68
CA VAL A 49 -9.03 77.04 27.66
C VAL A 49 -10.29 76.27 27.29
N SER A 50 -11.45 76.71 27.77
CA SER A 50 -12.69 76.01 27.46
C SER A 50 -13.03 76.16 25.98
N ALA A 51 -12.56 77.25 25.38
CA ALA A 51 -12.81 77.49 23.95
C ALA A 51 -12.00 76.43 23.18
N LEU A 52 -10.78 76.18 23.66
CA LEU A 52 -9.90 75.19 23.04
C LEU A 52 -10.55 73.83 23.19
N CYS A 53 -11.20 73.60 24.33
CA CYS A 53 -11.87 72.34 24.61
C CYS A 53 -13.02 72.11 23.62
N GLN A 54 -13.82 73.14 23.38
CA GLN A 54 -14.93 73.01 22.45
C GLN A 54 -14.47 72.66 21.04
N VAL A 55 -13.36 73.26 20.60
CA VAL A 55 -12.80 72.97 19.29
C VAL A 55 -12.41 71.50 19.17
N VAL A 56 -11.64 71.01 20.13
CA VAL A 56 -11.21 69.62 20.13
C VAL A 56 -12.40 68.67 20.24
N ASN A 57 -13.38 68.98 21.07
CA ASN A 57 -14.54 68.09 21.22
C ASN A 57 -15.33 67.94 19.91
N LYS A 58 -15.31 68.98 19.09
CA LYS A 58 -16.01 68.93 17.80
C LYS A 58 -15.20 68.09 16.80
N GLN A 59 -13.88 68.21 16.86
CA GLN A 59 -13.02 67.44 15.97
C GLN A 59 -13.08 65.97 16.34
N LEU A 60 -13.31 65.70 17.63
CA LEU A 60 -13.42 64.32 18.11
C LEU A 60 -14.68 63.68 17.55
N PHE A 61 -15.79 64.42 17.61
CA PHE A 61 -17.06 63.93 17.10
C PHE A 61 -16.88 63.59 15.62
N GLN A 62 -16.28 64.52 14.89
CA GLN A 62 -16.06 64.35 13.47
C GLN A 62 -15.18 63.15 13.18
N MET A 63 -14.18 62.94 14.03
CA MET A 63 -13.26 61.82 13.87
C MET A 63 -14.00 60.50 13.91
N VAL A 64 -14.92 60.37 14.87
CA VAL A 64 -15.70 59.15 15.01
C VAL A 64 -16.50 58.89 13.72
N GLU A 65 -17.13 59.93 13.17
CA GLU A 65 -17.91 59.76 11.94
C GLU A 65 -16.99 59.48 10.78
N TYR A 66 -15.77 60.00 10.85
CA TYR A 66 -14.76 59.76 9.82
C TYR A 66 -14.44 58.27 9.77
N ALA A 67 -14.10 57.69 10.92
CA ALA A 67 -13.78 56.26 11.01
C ALA A 67 -14.98 55.41 10.61
N ARG A 68 -16.17 55.90 10.94
CA ARG A 68 -17.38 55.16 10.60
C ARG A 68 -17.53 54.95 9.08
N MET A 69 -17.05 55.91 8.31
CA MET A 69 -17.13 55.86 6.86
C MET A 69 -15.88 55.29 6.21
N MET A 70 -14.89 54.93 7.02
CA MET A 70 -13.66 54.36 6.48
C MET A 70 -13.89 52.91 6.09
N PRO A 71 -13.31 52.48 4.95
CA PRO A 71 -13.46 51.10 4.46
C PRO A 71 -13.20 50.04 5.52
N HIS A 72 -14.17 49.15 5.71
CA HIS A 72 -14.10 48.03 6.67
C HIS A 72 -14.20 48.35 8.16
N PHE A 73 -13.93 49.58 8.55
CA PHE A 73 -13.97 49.98 9.96
C PHE A 73 -15.21 49.50 10.72
N ALA A 74 -16.38 49.84 10.20
CA ALA A 74 -17.64 49.47 10.85
C ALA A 74 -17.87 47.97 10.87
N GLN A 75 -17.02 47.21 10.18
CA GLN A 75 -17.17 45.78 10.16
C GLN A 75 -16.48 45.07 11.31
N VAL A 76 -15.34 45.57 11.74
CA VAL A 76 -14.66 44.91 12.83
C VAL A 76 -15.57 44.99 14.03
N PRO A 77 -15.40 44.08 14.99
CA PRO A 77 -16.28 44.16 16.16
C PRO A 77 -16.16 45.52 16.88
N LEU A 78 -17.28 45.98 17.42
CA LEU A 78 -17.36 47.25 18.13
C LEU A 78 -16.22 47.44 19.12
N ASP A 79 -15.92 46.41 19.88
CA ASP A 79 -14.85 46.51 20.86
C ASP A 79 -13.55 46.89 20.19
N ASP A 80 -13.32 46.41 18.97
CA ASP A 80 -12.10 46.75 18.27
C ASP A 80 -12.14 48.20 17.83
N GLN A 81 -13.31 48.64 17.33
CA GLN A 81 -13.48 50.00 16.84
C GLN A 81 -13.16 51.03 17.93
N VAL A 82 -13.57 50.71 19.14
CA VAL A 82 -13.34 51.59 20.28
C VAL A 82 -11.85 51.68 20.59
N ILE A 83 -11.15 50.55 20.52
CA ILE A 83 -9.72 50.52 20.81
C ILE A 83 -8.91 51.31 19.77
N LEU A 84 -9.30 51.17 18.50
CA LEU A 84 -8.60 51.86 17.42
C LEU A 84 -8.71 53.36 17.59
N LEU A 85 -9.90 53.84 17.92
CA LEU A 85 -10.12 55.27 18.10
C LEU A 85 -9.36 55.80 19.32
N LYS A 86 -9.35 55.02 20.40
CA LYS A 86 -8.65 55.42 21.62
C LYS A 86 -7.15 55.53 21.39
N ALA A 87 -6.63 54.68 20.52
CA ALA A 87 -5.18 54.70 20.25
C ALA A 87 -4.74 55.75 19.25
N ALA A 88 -5.59 56.09 18.29
CA ALA A 88 -5.17 57.07 17.28
C ALA A 88 -5.70 58.51 17.36
N TRP A 89 -6.73 58.78 18.18
CA TRP A 89 -7.29 60.14 18.22
C TRP A 89 -6.33 61.33 18.31
N ILE A 90 -5.43 61.33 19.30
CA ILE A 90 -4.48 62.43 19.44
C ILE A 90 -3.60 62.58 18.20
N GLU A 91 -3.09 61.48 17.66
CA GLU A 91 -2.25 61.55 16.48
C GLU A 91 -2.99 62.07 15.26
N LEU A 92 -4.28 61.73 15.17
CA LEU A 92 -5.08 62.20 14.04
C LEU A 92 -5.30 63.69 14.16
N LEU A 93 -5.60 64.17 15.36
CA LEU A 93 -5.81 65.61 15.56
C LEU A 93 -4.54 66.40 15.29
N ILE A 94 -3.42 65.97 15.85
CA ILE A 94 -2.15 66.65 15.66
C ILE A 94 -1.68 66.65 14.22
N ALA A 95 -2.03 65.62 13.45
CA ALA A 95 -1.64 65.55 12.05
C ALA A 95 -2.39 66.68 11.31
N ASN A 96 -3.65 66.89 11.69
CA ASN A 96 -4.43 67.95 11.09
C ASN A 96 -3.91 69.34 11.47
N VAL A 97 -3.43 69.53 12.69
CA VAL A 97 -2.91 70.85 13.05
C VAL A 97 -1.58 71.06 12.32
N ALA A 98 -0.80 69.99 12.14
CA ALA A 98 0.47 70.12 11.44
C ALA A 98 0.23 70.64 10.02
N TRP A 99 -0.78 70.10 9.35
CA TRP A 99 -1.16 70.45 7.99
C TRP A 99 -1.74 71.87 7.85
N CYS A 100 -2.58 72.28 8.81
CA CYS A 100 -3.17 73.62 8.78
C CYS A 100 -2.12 74.67 9.10
N SER A 101 -1.07 74.26 9.79
CA SER A 101 -0.02 75.20 10.17
C SER A 101 1.07 75.35 9.10
N ILE A 102 0.77 74.88 7.89
CA ILE A 102 1.73 74.99 6.79
C ILE A 102 1.50 76.31 6.06
N VAL A 103 0.30 76.87 6.23
CA VAL A 103 -0.07 78.14 5.58
C VAL A 103 0.76 79.33 6.03
N SER A 104 1.04 79.43 7.32
CA SER A 104 1.81 80.57 7.81
C SER A 104 3.25 80.25 8.20
N LEU A 105 3.90 79.38 7.44
CA LEU A 105 5.30 79.04 7.72
C LEU A 105 6.23 80.08 7.07
N GLN A 131 12.08 80.08 13.09
CA GLN A 131 11.23 79.47 14.11
C GLN A 131 9.78 79.92 14.01
N PRO A 132 8.89 79.06 13.50
CA PRO A 132 7.46 79.35 13.34
C PRO A 132 6.77 79.98 14.57
N GLN A 133 5.83 80.88 14.30
CA GLN A 133 5.13 81.60 15.35
C GLN A 133 3.63 81.31 15.47
N GLN A 134 3.08 80.57 14.52
CA GLN A 134 1.66 80.27 14.54
C GLN A 134 1.30 78.81 14.37
N LEU A 135 0.37 78.34 15.21
CA LEU A 135 -0.09 76.96 15.17
C LEU A 135 -1.60 77.01 14.95
N PHE A 136 -2.05 76.44 13.84
CA PHE A 136 -3.47 76.43 13.52
C PHE A 136 -4.17 75.12 13.90
N LEU A 137 -5.39 75.24 14.41
CA LEU A 137 -6.19 74.08 14.78
C LEU A 137 -7.25 73.91 13.71
N ASN A 138 -7.58 75.03 13.06
CA ASN A 138 -8.57 75.12 12.00
C ASN A 138 -7.99 76.09 11.00
N GLN A 139 -8.87 76.73 10.23
CA GLN A 139 -8.44 77.74 9.28
C GLN A 139 -8.66 79.11 9.92
N SER A 140 -9.47 79.16 10.98
CA SER A 140 -9.80 80.41 11.66
C SER A 140 -9.64 80.41 13.20
N PHE A 141 -8.82 79.50 13.73
CA PHE A 141 -8.58 79.43 15.17
C PHE A 141 -7.10 79.08 15.26
N SER A 142 -6.31 79.95 15.89
CA SER A 142 -4.88 79.68 15.97
C SER A 142 -4.20 80.36 17.13
N TYR A 143 -3.00 79.91 17.45
CA TYR A 143 -2.25 80.49 18.56
C TYR A 143 -0.91 81.03 18.14
N HIS A 144 -0.54 82.16 18.72
CA HIS A 144 0.76 82.73 18.46
C HIS A 144 1.68 82.13 19.53
N ARG A 145 2.98 82.13 19.29
CA ARG A 145 3.91 81.51 20.23
C ARG A 145 3.94 82.11 21.62
N ASN A 146 3.59 83.40 21.71
CA ASN A 146 3.57 84.09 23.01
C ASN A 146 2.53 83.47 23.93
N SER A 147 1.41 83.02 23.35
CA SER A 147 0.36 82.40 24.15
C SER A 147 0.80 81.02 24.63
N ALA A 148 1.51 80.26 23.77
CA ALA A 148 1.99 78.93 24.17
C ALA A 148 2.93 79.14 25.34
N ILE A 149 4.00 79.90 25.11
CA ILE A 149 4.95 80.22 26.17
C ILE A 149 4.19 80.60 27.44
N LYS A 150 3.21 81.49 27.29
CA LYS A 150 2.38 81.94 28.39
C LYS A 150 1.71 80.76 29.11
N ALA A 151 1.17 79.82 28.34
CA ALA A 151 0.50 78.63 28.91
C ALA A 151 1.50 77.56 29.37
N GLY A 152 2.79 77.78 29.08
CA GLY A 152 3.81 76.84 29.49
C GLY A 152 3.92 75.61 28.63
N VAL A 153 3.39 75.67 27.41
CA VAL A 153 3.44 74.52 26.50
C VAL A 153 4.09 74.88 25.16
N SER A 154 5.11 75.71 25.21
CA SER A 154 5.79 76.12 24.00
C SER A 154 6.70 75.03 23.43
N ALA A 155 7.14 74.09 24.26
CA ALA A 155 8.02 73.02 23.78
C ALA A 155 7.26 72.11 22.82
N ILE A 156 6.02 71.77 23.17
CA ILE A 156 5.20 70.92 22.33
C ILE A 156 4.67 71.73 21.15
N PHE A 157 4.61 73.04 21.33
CA PHE A 157 4.18 73.97 20.29
C PHE A 157 5.27 73.97 19.22
N ASP A 158 6.52 74.08 19.69
CA ASP A 158 7.65 74.11 18.78
C ASP A 158 7.92 72.83 18.01
N ARG A 159 7.97 71.68 18.68
CA ARG A 159 8.24 70.48 17.93
C ARG A 159 7.15 70.08 16.96
N ILE A 160 5.92 70.53 17.22
CA ILE A 160 4.85 70.23 16.27
C ILE A 160 5.14 70.94 14.97
N LEU A 161 5.61 72.18 15.06
CA LEU A 161 5.89 72.96 13.86
C LEU A 161 7.23 72.65 13.21
N SER A 162 8.23 72.33 14.01
CA SER A 162 9.55 72.02 13.46
C SER A 162 9.63 70.58 12.94
N GLU A 163 9.16 69.64 13.75
CA GLU A 163 9.20 68.23 13.41
C GLU A 163 8.13 67.72 12.44
N LEU A 164 7.02 68.44 12.32
CA LEU A 164 5.97 68.01 11.42
C LEU A 164 5.71 69.02 10.30
N SER A 165 5.13 70.18 10.65
CA SER A 165 4.82 71.20 9.66
C SER A 165 5.97 71.55 8.70
N VAL A 166 7.11 71.94 9.26
CA VAL A 166 8.28 72.30 8.45
C VAL A 166 8.69 71.17 7.53
N LYS A 167 8.89 69.98 8.08
CA LYS A 167 9.31 68.85 7.27
C LYS A 167 8.28 68.45 6.22
N MET A 168 7.00 68.60 6.52
CA MET A 168 5.96 68.26 5.55
C MET A 168 6.08 69.24 4.38
N LYS A 169 6.18 70.53 4.71
CA LYS A 169 6.33 71.58 3.69
C LYS A 169 7.58 71.28 2.86
N ARG A 170 8.68 71.05 3.56
CA ARG A 170 9.94 70.73 2.92
C ARG A 170 9.79 69.55 1.94
N LEU A 171 8.88 68.63 2.24
CA LEU A 171 8.66 67.44 1.39
C LEU A 171 7.61 67.67 0.31
N ASN A 172 6.90 68.78 0.38
CA ASN A 172 5.83 69.07 -0.58
C ASN A 172 4.69 68.07 -0.36
N LEU A 173 4.43 67.75 0.90
CA LEU A 173 3.38 66.81 1.23
C LEU A 173 2.05 67.33 0.68
N ASP A 174 1.28 66.47 0.02
CA ASP A 174 0.01 66.90 -0.51
C ASP A 174 -1.15 66.31 0.29
N ARG A 175 -2.35 66.78 0.00
CA ARG A 175 -3.54 66.32 0.71
C ARG A 175 -3.78 64.83 0.61
N ARG A 176 -3.40 64.23 -0.52
CA ARG A 176 -3.58 62.81 -0.72
C ARG A 176 -2.62 62.03 0.17
N GLU A 177 -1.38 62.49 0.26
CA GLU A 177 -0.41 61.79 1.11
C GLU A 177 -0.75 61.89 2.59
N LEU A 178 -1.35 63.01 3.02
CA LEU A 178 -1.72 63.17 4.44
C LEU A 178 -2.88 62.22 4.79
N SER A 179 -3.84 62.10 3.87
CA SER A 179 -4.95 61.19 4.08
C SER A 179 -4.43 59.77 4.27
N CYS A 180 -3.43 59.39 3.47
CA CYS A 180 -2.84 58.05 3.56
C CYS A 180 -2.15 57.86 4.92
N LEU A 181 -1.35 58.84 5.33
CA LEU A 181 -0.67 58.73 6.62
C LEU A 181 -1.67 58.57 7.77
N LYS A 182 -2.76 59.33 7.71
CA LYS A 182 -3.76 59.27 8.77
C LYS A 182 -4.46 57.91 8.80
N ALA A 183 -4.68 57.32 7.64
CA ALA A 183 -5.32 56.02 7.60
C ALA A 183 -4.34 54.98 8.17
N ILE A 184 -3.06 55.07 7.78
CA ILE A 184 -2.07 54.12 8.28
C ILE A 184 -2.14 54.13 9.82
N ILE A 185 -2.34 55.32 10.38
CA ILE A 185 -2.43 55.51 11.83
C ILE A 185 -3.66 54.82 12.38
N LEU A 186 -4.82 55.12 11.80
CA LEU A 186 -6.08 54.52 12.22
C LEU A 186 -6.02 52.99 12.24
N TYR A 187 -5.63 52.40 11.12
CA TYR A 187 -5.54 50.94 10.97
C TYR A 187 -4.32 50.35 11.69
N ASN A 188 -4.35 50.39 13.02
CA ASN A 188 -3.22 49.91 13.82
C ASN A 188 -3.57 48.57 14.47
N PRO A 189 -2.95 47.48 13.99
CA PRO A 189 -3.18 46.13 14.49
C PRO A 189 -2.40 45.69 15.71
N ASP A 190 -1.46 46.51 16.16
CA ASP A 190 -0.62 46.13 17.31
C ASP A 190 -1.10 46.59 18.67
N ILE A 191 -2.36 47.00 18.78
CA ILE A 191 -2.85 47.45 20.07
C ILE A 191 -3.32 46.28 20.90
N ARG A 192 -2.97 46.27 22.18
CA ARG A 192 -3.38 45.19 23.06
C ARG A 192 -4.89 45.12 23.14
N GLY A 193 -5.43 43.91 23.12
CA GLY A 193 -6.87 43.72 23.22
C GLY A 193 -7.63 43.56 21.92
N ILE A 194 -7.02 43.96 20.81
CA ILE A 194 -7.66 43.87 19.51
C ILE A 194 -7.95 42.44 19.07
N LYS A 195 -9.11 42.24 18.47
CA LYS A 195 -9.53 40.93 17.99
C LYS A 195 -9.16 40.66 16.54
N SER A 196 -9.55 41.58 15.66
CA SER A 196 -9.29 41.44 14.23
C SER A 196 -7.97 42.04 13.71
N ARG A 197 -6.85 41.58 14.26
CA ARG A 197 -5.54 42.08 13.83
C ARG A 197 -5.27 41.90 12.35
N ALA A 198 -5.54 40.71 11.82
CA ALA A 198 -5.30 40.42 10.40
C ALA A 198 -6.06 41.37 9.48
N GLU A 199 -7.36 41.45 9.68
CA GLU A 199 -8.20 42.35 8.88
C GLU A 199 -7.69 43.79 8.93
N ILE A 200 -7.30 44.25 10.10
CA ILE A 200 -6.81 45.62 10.25
C ILE A 200 -5.45 45.85 9.53
N GLU A 201 -4.53 44.89 9.69
CA GLU A 201 -3.22 44.99 9.05
C GLU A 201 -3.38 45.02 7.55
N MET A 202 -4.41 44.34 7.06
CA MET A 202 -4.68 44.27 5.64
C MET A 202 -5.09 45.65 5.12
N CYS A 203 -6.04 46.30 5.80
CA CYS A 203 -6.45 47.64 5.42
C CYS A 203 -5.19 48.54 5.37
N ARG A 204 -4.36 48.45 6.41
CA ARG A 204 -3.16 49.27 6.44
C ARG A 204 -2.29 49.02 5.22
N GLU A 205 -2.11 47.75 4.87
CA GLU A 205 -1.29 47.42 3.73
C GLU A 205 -1.89 47.91 2.42
N LYS A 206 -3.21 47.96 2.34
CA LYS A 206 -3.84 48.47 1.12
C LYS A 206 -3.58 49.99 1.02
N VAL A 207 -3.45 50.66 2.16
CA VAL A 207 -3.18 52.09 2.16
C VAL A 207 -1.72 52.29 1.72
N TYR A 208 -0.84 51.38 2.12
CA TYR A 208 0.56 51.43 1.75
C TYR A 208 0.64 51.40 0.24
N ALA A 209 -0.07 50.43 -0.34
CA ALA A 209 -0.12 50.27 -1.77
C ALA A 209 -0.62 51.57 -2.42
N CYS A 210 -1.66 52.18 -1.85
CA CYS A 210 -2.21 53.43 -2.41
C CYS A 210 -1.17 54.55 -2.32
N LEU A 211 -0.53 54.67 -1.16
CA LEU A 211 0.46 55.71 -0.95
C LEU A 211 1.61 55.57 -1.95
N ASP A 212 2.14 54.35 -2.07
CA ASP A 212 3.25 54.08 -2.97
C ASP A 212 2.89 54.42 -4.41
N GLU A 213 1.70 54.00 -4.86
CA GLU A 213 1.25 54.29 -6.22
C GLU A 213 1.22 55.80 -6.45
N HIS A 214 0.67 56.53 -5.49
CA HIS A 214 0.62 57.97 -5.60
C HIS A 214 2.04 58.50 -5.74
N CYS A 215 2.96 57.95 -4.96
CA CYS A 215 4.36 58.34 -5.03
C CYS A 215 4.93 58.05 -6.39
N ARG A 216 4.69 56.83 -6.88
CA ARG A 216 5.17 56.40 -8.18
C ARG A 216 4.62 57.29 -9.28
N LEU A 217 3.31 57.51 -9.25
CA LEU A 217 2.63 58.31 -10.25
C LEU A 217 2.99 59.78 -10.25
N GLU A 218 2.99 60.40 -9.07
CA GLU A 218 3.27 61.83 -8.96
C GLU A 218 4.71 62.25 -8.68
N HIS A 219 5.50 61.34 -8.13
CA HIS A 219 6.89 61.66 -7.80
C HIS A 219 7.86 60.58 -8.27
N PRO A 220 7.76 60.19 -9.54
CA PRO A 220 8.65 59.15 -10.07
C PRO A 220 10.15 59.42 -9.96
N GLY A 221 10.53 60.68 -9.65
CA GLY A 221 11.93 61.08 -9.55
C GLY A 221 12.77 60.77 -8.30
N ASP A 222 12.11 60.54 -7.16
CA ASP A 222 12.73 60.19 -5.88
C ASP A 222 12.04 58.91 -5.36
N ASP A 223 12.73 57.79 -5.50
CA ASP A 223 12.20 56.50 -5.05
C ASP A 223 12.27 56.39 -3.55
N GLY A 224 12.89 57.38 -2.91
CA GLY A 224 13.01 57.35 -1.47
C GLY A 224 11.90 58.13 -0.78
N ARG A 225 11.00 58.71 -1.57
CA ARG A 225 9.91 59.50 -1.00
C ARG A 225 9.02 58.72 -0.05
N PHE A 226 8.50 57.59 -0.52
CA PHE A 226 7.62 56.73 0.28
C PHE A 226 8.16 56.51 1.70
N ALA A 227 9.42 56.10 1.81
CA ALA A 227 10.04 55.84 3.10
C ALA A 227 10.15 57.11 3.92
N GLN A 228 10.54 58.20 3.28
CA GLN A 228 10.65 59.48 3.98
C GLN A 228 9.32 59.92 4.57
N LEU A 229 8.25 59.77 3.81
CA LEU A 229 6.93 60.18 4.29
C LEU A 229 6.58 59.40 5.56
N LEU A 230 6.94 58.13 5.58
CA LEU A 230 6.63 57.29 6.72
C LEU A 230 7.41 57.67 7.95
N LEU A 231 8.59 58.27 7.76
CA LEU A 231 9.42 58.70 8.89
C LEU A 231 8.72 59.73 9.79
N ARG A 232 7.74 60.45 9.24
CA ARG A 232 7.03 61.43 10.04
C ARG A 232 6.16 60.77 11.12
N LEU A 233 5.77 59.52 10.90
CA LEU A 233 4.90 58.81 11.86
C LEU A 233 5.47 58.68 13.27
N PRO A 234 6.75 58.28 13.39
CA PRO A 234 7.34 58.15 14.73
C PRO A 234 7.37 59.50 15.48
N ALA A 235 7.64 60.57 14.76
CA ALA A 235 7.68 61.88 15.38
C ALA A 235 6.27 62.29 15.79
N LEU A 236 5.28 61.86 15.01
CA LEU A 236 3.90 62.18 15.32
C LEU A 236 3.50 61.46 16.62
N ARG A 237 3.87 60.19 16.71
CA ARG A 237 3.54 59.42 17.91
C ARG A 237 4.20 59.97 19.17
N SER A 238 5.48 60.31 19.07
CA SER A 238 6.19 60.87 20.22
C SER A 238 5.56 62.16 20.72
N ILE A 239 5.28 63.09 19.81
CA ILE A 239 4.68 64.36 20.18
C ILE A 239 3.30 64.12 20.77
N SER A 240 2.56 63.23 20.14
CA SER A 240 1.23 62.86 20.56
C SER A 240 1.20 62.31 22.00
N LEU A 241 2.23 61.56 22.38
CA LEU A 241 2.29 61.01 23.74
C LEU A 241 2.50 62.13 24.76
N LYS A 242 3.28 63.14 24.43
CA LYS A 242 3.52 64.27 25.34
C LYS A 242 2.23 65.07 25.51
N CYS A 243 1.47 65.25 24.43
CA CYS A 243 0.20 65.98 24.50
C CYS A 243 -0.72 65.32 25.51
N GLN A 244 -0.81 64.01 25.44
CA GLN A 244 -1.65 63.29 26.37
C GLN A 244 -1.20 63.53 27.80
N ASP A 245 0.11 63.52 28.03
CA ASP A 245 0.64 63.77 29.37
C ASP A 245 0.18 65.12 29.88
N HIS A 246 0.25 66.13 29.02
CA HIS A 246 -0.20 67.47 29.38
C HIS A 246 -1.68 67.47 29.75
N LEU A 247 -2.49 66.76 28.98
CA LEU A 247 -3.92 66.71 29.25
C LEU A 247 -4.21 66.18 30.65
N PHE A 248 -3.45 65.16 31.06
CA PHE A 248 -3.66 64.56 32.38
C PHE A 248 -3.16 65.49 33.46
N LEU A 249 -2.04 66.17 33.17
CA LEU A 249 -1.42 67.09 34.11
C LEU A 249 -2.29 68.29 34.51
N PHE A 250 -2.97 68.89 33.53
CA PHE A 250 -3.82 70.06 33.78
C PHE A 250 -5.22 69.64 34.20
N ARG A 251 -5.52 68.35 34.10
CA ARG A 251 -6.84 67.81 34.47
C ARG A 251 -8.01 68.59 33.90
N ILE A 252 -8.23 68.43 32.60
CA ILE A 252 -9.32 69.05 31.87
C ILE A 252 -10.06 68.00 31.04
N THR A 253 -9.98 66.74 31.47
CA THR A 253 -10.65 65.64 30.78
C THR A 253 -11.85 65.18 31.57
N SER A 254 -12.79 64.55 30.88
CA SER A 254 -14.02 64.04 31.48
C SER A 254 -13.76 62.95 32.52
N ASP A 255 -14.64 62.82 33.50
CA ASP A 255 -14.41 61.74 34.46
C ASP A 255 -14.79 60.45 33.76
N ARG A 256 -15.71 60.56 32.79
CA ARG A 256 -16.12 59.39 32.04
C ARG A 256 -15.00 58.95 31.10
N PRO A 257 -14.67 57.65 31.07
CA PRO A 257 -13.61 57.15 30.20
C PRO A 257 -13.97 57.32 28.73
N LEU A 258 -13.02 57.85 27.97
CA LEU A 258 -13.20 58.11 26.54
C LEU A 258 -13.78 56.90 25.81
N GLU A 259 -13.36 55.69 26.20
CA GLU A 259 -13.87 54.47 25.59
C GLU A 259 -15.40 54.50 25.53
N GLU A 260 -16.02 54.86 26.64
CA GLU A 260 -17.47 54.92 26.72
C GLU A 260 -18.05 55.93 25.75
N LEU A 261 -17.45 57.10 25.68
CA LEU A 261 -17.94 58.15 24.80
C LEU A 261 -17.89 57.70 23.33
N PHE A 262 -16.82 57.01 22.96
CA PHE A 262 -16.67 56.51 21.60
C PHE A 262 -17.73 55.44 21.32
N LEU A 263 -17.86 54.51 22.25
CA LEU A 263 -18.82 53.43 22.14
C LEU A 263 -20.23 53.95 21.96
N GLU A 264 -20.57 54.99 22.71
CA GLU A 264 -21.90 55.56 22.63
C GLU A 264 -22.19 56.26 21.32
N GLN A 265 -21.21 56.96 20.75
CA GLN A 265 -21.46 57.62 19.47
C GLN A 265 -21.55 56.55 18.38
N LEU A 266 -20.68 55.54 18.46
CA LEU A 266 -20.71 54.48 17.46
C LEU A 266 -22.03 53.74 17.45
N GLU A 267 -22.55 53.41 18.64
CA GLU A 267 -23.81 52.68 18.75
C GLU A 267 -25.00 53.54 18.36
N ALA A 268 -24.73 54.80 18.04
CA ALA A 268 -25.79 55.71 17.65
C ALA A 268 -25.73 55.95 16.16
N PRO A 269 -26.84 56.39 15.55
CA PRO A 269 -26.85 56.66 14.11
C PRO A 269 -26.00 57.87 13.80
N PRO A 270 -25.63 58.04 12.54
CA PRO A 270 -24.81 59.21 12.19
C PRO A 270 -25.69 60.46 12.12
N PRO A 271 -25.07 61.65 12.16
CA PRO A 271 -25.89 62.85 12.07
C PRO A 271 -26.44 62.99 10.64
N PRO A 272 -27.29 64.00 10.40
CA PRO A 272 -27.85 64.19 9.05
C PRO A 272 -26.74 64.37 8.02
N GLY A 273 -25.97 63.30 7.78
CA GLY A 273 -24.88 63.36 6.83
C GLY A 273 -23.84 62.27 7.03
N PHE B 9 10.29 -28.57 6.22
CA PHE B 9 9.09 -28.06 5.47
C PHE B 9 7.93 -27.76 6.43
N SER B 10 7.89 -26.52 6.93
CA SER B 10 6.84 -26.10 7.86
C SER B 10 6.37 -24.70 7.51
N ILE B 11 5.24 -24.28 8.09
CA ILE B 11 4.73 -22.94 7.84
C ILE B 11 5.81 -21.94 8.27
N GLU B 12 6.60 -22.31 9.27
CA GLU B 12 7.65 -21.41 9.76
C GLU B 12 8.79 -21.24 8.75
N ARG B 13 9.14 -22.30 8.03
CA ARG B 13 10.20 -22.23 7.02
C ARG B 13 9.70 -21.49 5.78
N ILE B 14 8.38 -21.40 5.62
CA ILE B 14 7.81 -20.66 4.49
C ILE B 14 7.72 -19.19 4.89
N ILE B 15 7.43 -18.94 6.16
CA ILE B 15 7.35 -17.58 6.68
C ILE B 15 8.72 -16.94 6.60
N GLU B 16 9.74 -17.68 7.01
CA GLU B 16 11.11 -17.18 7.00
C GLU B 16 11.53 -16.71 5.61
N ALA B 17 11.14 -17.46 4.58
CA ALA B 17 11.50 -17.10 3.21
C ALA B 17 10.89 -15.75 2.83
N GLU B 18 9.59 -15.58 3.11
CA GLU B 18 8.91 -14.33 2.78
C GLU B 18 9.57 -13.15 3.48
N GLN B 19 9.67 -13.27 4.80
CA GLN B 19 10.26 -12.21 5.61
C GLN B 19 11.68 -11.81 5.23
N ARG B 20 12.54 -12.80 5.05
CA ARG B 20 13.93 -12.51 4.69
C ARG B 20 14.01 -11.87 3.29
N ALA B 21 13.21 -12.37 2.36
CA ALA B 21 13.22 -11.82 1.00
C ALA B 21 12.78 -10.37 1.02
N GLU B 22 11.89 -10.04 1.95
CA GLU B 22 11.37 -8.69 2.09
C GLU B 22 12.35 -7.69 2.70
N THR B 23 13.33 -8.14 3.46
CA THR B 23 14.27 -7.21 4.09
C THR B 23 15.73 -7.24 3.64
N GLN B 24 16.15 -8.30 2.98
CA GLN B 24 17.55 -8.41 2.57
C GLN B 24 17.90 -8.01 1.13
N CYS B 25 16.91 -7.64 0.34
CA CYS B 25 17.18 -7.25 -1.04
C CYS B 25 17.46 -5.76 -1.20
N GLY B 26 17.20 -5.00 -0.16
CA GLY B 26 17.43 -3.56 -0.23
C GLY B 26 16.63 -2.91 -1.33
N ASP B 27 17.33 -2.26 -2.26
CA ASP B 27 16.71 -1.55 -3.37
C ASP B 27 16.79 -2.21 -4.74
N ARG B 28 17.31 -3.44 -4.79
CA ARG B 28 17.40 -4.15 -6.06
C ARG B 28 16.01 -4.35 -6.65
N ALA B 29 15.92 -4.33 -7.97
CA ALA B 29 14.63 -4.49 -8.62
C ALA B 29 14.75 -5.21 -9.95
N LEU B 30 13.72 -5.95 -10.32
CA LEU B 30 13.72 -6.65 -11.60
C LEU B 30 12.87 -5.73 -12.49
N THR B 31 13.55 -4.79 -13.14
CA THR B 31 12.92 -3.79 -14.01
C THR B 31 12.10 -4.35 -15.16
N PHE B 32 10.88 -4.78 -14.89
CA PHE B 32 10.03 -5.30 -15.95
C PHE B 32 9.03 -4.20 -16.31
N LEU B 33 8.77 -3.31 -15.36
CA LEU B 33 7.85 -2.22 -15.57
C LEU B 33 8.60 -0.91 -15.72
N ARG B 34 8.19 -0.14 -16.72
CA ARG B 34 8.80 1.17 -17.03
C ARG B 34 7.87 1.96 -17.96
N VAL B 35 7.94 3.28 -17.92
CA VAL B 35 7.09 4.09 -18.79
C VAL B 35 7.68 4.15 -20.21
N GLY B 36 8.65 5.03 -20.43
CA GLY B 36 9.26 5.06 -21.75
C GLY B 36 8.71 5.91 -22.90
N PRO B 37 8.53 5.31 -24.10
CA PRO B 37 8.04 6.00 -25.29
C PRO B 37 6.67 5.65 -25.88
N TYR B 38 6.25 4.40 -25.77
CA TYR B 38 4.94 4.02 -26.33
C TYR B 38 3.83 3.87 -25.28
N SER B 39 4.18 4.12 -24.02
CA SER B 39 3.20 4.01 -22.93
C SER B 39 2.02 4.95 -23.15
N THR B 40 0.82 4.40 -23.10
CA THR B 40 -0.38 5.19 -23.27
C THR B 40 -0.68 5.84 -21.93
N VAL B 41 0.19 6.76 -21.54
CA VAL B 41 0.02 7.45 -20.28
C VAL B 41 0.13 8.95 -20.53
N GLN B 42 -0.84 9.71 -20.03
CA GLN B 42 -0.79 11.17 -20.20
C GLN B 42 0.56 11.59 -19.62
N PRO B 43 1.30 12.48 -20.32
CA PRO B 43 2.60 12.90 -19.82
C PRO B 43 2.62 13.55 -18.43
N ASP B 44 1.54 14.19 -18.01
CA ASP B 44 1.52 14.80 -16.68
C ASP B 44 1.55 13.72 -15.58
N TYR B 45 1.23 12.48 -15.95
CA TYR B 45 1.22 11.41 -14.96
C TYR B 45 2.27 10.33 -15.14
N LYS B 46 3.32 10.61 -15.91
CA LYS B 46 4.38 9.64 -16.10
C LYS B 46 5.17 9.42 -14.81
N GLY B 47 5.48 10.51 -14.11
CA GLY B 47 6.22 10.39 -12.87
C GLY B 47 5.51 9.44 -11.92
N ALA B 48 4.21 9.68 -11.72
CA ALA B 48 3.38 8.86 -10.84
C ALA B 48 3.38 7.39 -11.23
N VAL B 49 3.11 7.12 -12.50
CA VAL B 49 3.09 5.74 -12.97
C VAL B 49 4.45 5.06 -12.85
N SER B 50 5.52 5.80 -13.12
CA SER B 50 6.86 5.22 -13.03
C SER B 50 7.22 4.91 -11.59
N ALA B 51 6.60 5.63 -10.66
CA ALA B 51 6.85 5.39 -9.25
C ALA B 51 6.20 4.05 -8.92
N LEU B 52 5.02 3.81 -9.49
CA LEU B 52 4.32 2.56 -9.27
C LEU B 52 5.16 1.44 -9.84
N CYS B 53 5.78 1.71 -10.98
CA CYS B 53 6.63 0.72 -11.65
C CYS B 53 7.81 0.32 -10.78
N GLN B 54 8.45 1.29 -10.16
CA GLN B 54 9.61 1.01 -9.32
C GLN B 54 9.23 0.13 -8.13
N VAL B 55 8.07 0.40 -7.53
CA VAL B 55 7.58 -0.39 -6.41
C VAL B 55 7.42 -1.86 -6.83
N VAL B 56 6.69 -2.09 -7.91
CA VAL B 56 6.47 -3.43 -8.40
C VAL B 56 7.76 -4.14 -8.80
N ASN B 57 8.68 -3.43 -9.45
CA ASN B 57 9.93 -4.04 -9.87
C ASN B 57 10.78 -4.50 -8.67
N LYS B 58 10.61 -3.85 -7.52
CA LYS B 58 11.36 -4.23 -6.33
C LYS B 58 10.69 -5.46 -5.70
N GLN B 59 9.36 -5.50 -5.75
CA GLN B 59 8.64 -6.64 -5.20
C GLN B 59 8.89 -7.89 -6.06
N LEU B 60 9.14 -7.67 -7.35
CA LEU B 60 9.42 -8.76 -8.27
C LEU B 60 10.78 -9.38 -7.94
N PHE B 61 11.76 -8.52 -7.70
CA PHE B 61 13.10 -8.98 -7.36
C PHE B 61 13.02 -9.83 -6.10
N GLN B 62 12.31 -9.30 -5.10
CA GLN B 62 12.10 -9.97 -3.82
C GLN B 62 11.41 -11.31 -4.00
N MET B 63 10.43 -11.35 -4.90
CA MET B 63 9.69 -12.57 -5.16
C MET B 63 10.60 -13.69 -5.64
N VAL B 64 11.52 -13.35 -6.54
CA VAL B 64 12.46 -14.32 -7.07
C VAL B 64 13.31 -14.90 -5.94
N GLU B 65 13.79 -14.04 -5.04
CA GLU B 65 14.63 -14.50 -3.94
C GLU B 65 13.79 -15.30 -2.96
N TYR B 66 12.50 -14.96 -2.87
CA TYR B 66 11.56 -15.67 -2.02
C TYR B 66 11.46 -17.13 -2.51
N ALA B 67 11.17 -17.30 -3.80
CA ALA B 67 11.06 -18.63 -4.39
C ALA B 67 12.39 -19.42 -4.25
N ARG B 68 13.52 -18.73 -4.37
CA ARG B 68 14.81 -19.40 -4.25
C ARG B 68 15.07 -20.06 -2.87
N MET B 69 14.37 -19.56 -1.85
CA MET B 69 14.52 -20.06 -0.48
C MET B 69 13.36 -20.98 -0.11
N MET B 70 12.38 -21.09 -0.99
CA MET B 70 11.24 -21.96 -0.73
C MET B 70 11.69 -23.42 -0.82
N PRO B 71 11.10 -24.29 -0.01
CA PRO B 71 11.48 -25.72 -0.02
C PRO B 71 11.39 -26.38 -1.39
N HIS B 72 12.48 -27.05 -1.79
CA HIS B 72 12.55 -27.77 -3.05
C HIS B 72 12.54 -26.93 -4.34
N PHE B 73 12.16 -25.66 -4.25
CA PHE B 73 12.08 -24.81 -5.45
C PHE B 73 13.30 -24.81 -6.32
N ALA B 74 14.45 -24.62 -5.71
CA ALA B 74 15.69 -24.56 -6.46
C ALA B 74 16.16 -25.94 -6.88
N GLN B 75 15.39 -26.97 -6.55
CA GLN B 75 15.77 -28.32 -6.92
C GLN B 75 15.21 -28.71 -8.28
N VAL B 76 14.10 -28.10 -8.66
CA VAL B 76 13.55 -28.48 -9.94
C VAL B 76 14.33 -27.80 -11.04
N PRO B 77 14.29 -28.35 -12.26
CA PRO B 77 15.05 -27.67 -13.32
C PRO B 77 14.75 -26.18 -13.43
N LEU B 78 15.76 -25.45 -13.93
CA LEU B 78 15.68 -24.01 -14.17
C LEU B 78 14.44 -23.69 -14.98
N ASP B 79 14.24 -24.45 -16.06
CA ASP B 79 13.12 -24.22 -16.92
C ASP B 79 11.79 -24.21 -16.19
N ASP B 80 11.64 -25.08 -15.20
CA ASP B 80 10.38 -25.12 -14.45
C ASP B 80 10.32 -23.96 -13.47
N GLN B 81 11.47 -23.56 -12.94
CA GLN B 81 11.49 -22.47 -11.99
C GLN B 81 11.00 -21.21 -12.66
N VAL B 82 11.43 -21.02 -13.92
CA VAL B 82 11.04 -19.86 -14.69
C VAL B 82 9.53 -19.87 -14.96
N ILE B 83 9.01 -21.03 -15.36
CA ILE B 83 7.60 -21.15 -15.65
C ILE B 83 6.72 -20.91 -14.43
N LEU B 84 7.13 -21.42 -13.28
CA LEU B 84 6.38 -21.24 -12.04
C LEU B 84 6.26 -19.77 -11.67
N LEU B 85 7.37 -19.03 -11.79
CA LEU B 85 7.38 -17.62 -11.46
C LEU B 85 6.54 -16.81 -12.45
N LYS B 86 6.61 -17.17 -13.73
CA LYS B 86 5.85 -16.47 -14.76
C LYS B 86 4.34 -16.66 -14.55
N ALA B 87 3.96 -17.81 -14.03
CA ALA B 87 2.56 -18.10 -13.78
C ALA B 87 2.02 -17.48 -12.50
N ALA B 88 2.83 -17.42 -11.45
CA ALA B 88 2.36 -16.91 -10.17
C ALA B 88 2.62 -15.45 -9.77
N TRP B 89 3.56 -14.78 -10.42
CA TRP B 89 3.90 -13.43 -9.98
C TRP B 89 2.79 -12.44 -9.68
N ILE B 90 1.87 -12.23 -10.61
CA ILE B 90 0.79 -11.28 -10.38
C ILE B 90 -0.07 -11.69 -9.19
N GLU B 91 -0.41 -12.97 -9.10
CA GLU B 91 -1.24 -13.43 -7.98
C GLU B 91 -0.54 -13.26 -6.64
N LEU B 92 0.78 -13.43 -6.64
CA LEU B 92 1.54 -13.28 -5.40
C LEU B 92 1.54 -11.82 -4.98
N LEU B 93 1.74 -10.91 -5.94
CA LEU B 93 1.75 -9.48 -5.64
C LEU B 93 0.39 -9.01 -5.13
N ILE B 94 -0.67 -9.36 -5.85
CA ILE B 94 -2.02 -8.98 -5.47
C ILE B 94 -2.45 -9.55 -4.13
N ALA B 95 -1.93 -10.72 -3.76
CA ALA B 95 -2.27 -11.32 -2.46
C ALA B 95 -1.66 -10.43 -1.37
N ASN B 96 -0.47 -9.91 -1.63
CA ASN B 96 0.18 -9.03 -0.69
C ASN B 96 -0.54 -7.69 -0.55
N VAL B 97 -1.09 -7.15 -1.65
CA VAL B 97 -1.80 -5.89 -1.55
C VAL B 97 -3.11 -6.12 -0.81
N ALA B 98 -3.71 -7.29 -0.96
CA ALA B 98 -4.97 -7.54 -0.26
C ALA B 98 -4.73 -7.55 1.25
N TRP B 99 -3.63 -8.18 1.68
CA TRP B 99 -3.27 -8.27 3.09
C TRP B 99 -2.96 -6.90 3.69
N CYS B 100 -2.08 -6.14 3.03
CA CYS B 100 -1.70 -4.81 3.49
C CYS B 100 -2.92 -3.92 3.61
N SER B 101 -3.78 -3.98 2.61
CA SER B 101 -5.00 -3.17 2.57
C SER B 101 -6.08 -3.58 3.56
N ILE B 102 -5.73 -4.42 4.54
CA ILE B 102 -6.69 -4.85 5.56
C ILE B 102 -6.67 -3.84 6.73
N VAL B 103 -5.55 -3.13 6.86
CA VAL B 103 -5.37 -2.13 7.91
C VAL B 103 -6.41 -1.00 7.81
N SER B 104 -6.50 -0.41 6.63
CA SER B 104 -7.42 0.67 6.35
C SER B 104 -8.88 0.37 6.68
N LEU B 105 -9.38 -0.78 6.21
CA LEU B 105 -10.78 -1.17 6.46
C LEU B 105 -11.15 -1.03 7.94
N GLN B 131 -18.02 0.59 0.96
CA GLN B 131 -17.06 0.61 -0.15
C GLN B 131 -15.70 1.14 0.31
N PRO B 132 -14.66 0.27 0.32
CA PRO B 132 -13.32 0.68 0.75
C PRO B 132 -12.71 1.81 -0.12
N GLN B 133 -11.87 2.62 0.50
CA GLN B 133 -11.25 3.76 -0.18
C GLN B 133 -9.75 3.68 -0.42
N GLN B 134 -9.04 2.85 0.35
CA GLN B 134 -7.60 2.75 0.20
C GLN B 134 -7.07 1.39 -0.19
N LEU B 135 -6.11 1.37 -1.08
CA LEU B 135 -5.47 0.14 -1.52
C LEU B 135 -3.97 0.31 -1.26
N PHE B 136 -3.41 -0.53 -0.39
CA PHE B 136 -1.99 -0.46 -0.06
C PHE B 136 -1.13 -1.45 -0.86
N LEU B 137 0.04 -0.99 -1.27
CA LEU B 137 0.98 -1.83 -1.99
C LEU B 137 2.08 -2.22 -1.01
N ASN B 138 2.26 -1.36 -0.01
CA ASN B 138 3.26 -1.50 1.05
C ASN B 138 2.57 -1.01 2.31
N GLN B 139 3.41 -0.53 3.23
CA GLN B 139 2.97 0.04 4.49
C GLN B 139 2.89 1.56 4.32
N SER B 140 3.73 2.09 3.43
CA SER B 140 3.78 3.54 3.18
C SER B 140 3.51 4.00 1.74
N PHE B 141 2.82 3.18 0.96
CA PHE B 141 2.50 3.53 -0.43
C PHE B 141 1.08 3.02 -0.66
N SER B 142 0.14 3.94 -0.81
CA SER B 142 -1.27 3.59 -1.01
C SER B 142 -1.93 4.44 -2.09
N TYR B 143 -3.17 4.10 -2.41
CA TYR B 143 -3.93 4.82 -3.42
C TYR B 143 -5.35 5.00 -2.95
N HIS B 144 -5.88 6.20 -3.11
CA HIS B 144 -7.27 6.44 -2.74
C HIS B 144 -8.07 6.19 -4.01
N ARG B 145 -9.33 5.83 -3.83
CA ARG B 145 -10.20 5.51 -4.95
C ARG B 145 -10.26 6.55 -6.07
N ASN B 146 -10.29 7.83 -5.72
CA ASN B 146 -10.36 8.90 -6.72
C ASN B 146 -9.20 8.73 -7.71
N SER B 147 -8.04 8.35 -7.22
CA SER B 147 -6.88 8.13 -8.08
C SER B 147 -7.13 6.96 -9.03
N ALA B 148 -7.84 5.94 -8.56
CA ALA B 148 -8.15 4.78 -9.38
C ALA B 148 -9.04 5.24 -10.52
N ILE B 149 -10.21 5.77 -10.17
CA ILE B 149 -11.18 6.28 -11.12
C ILE B 149 -10.52 7.19 -12.13
N LYS B 150 -9.70 8.10 -11.65
CA LYS B 150 -9.02 9.03 -12.53
C LYS B 150 -8.08 8.31 -13.49
N ALA B 151 -7.66 7.09 -13.13
CA ALA B 151 -6.75 6.31 -13.98
C ALA B 151 -7.53 5.32 -14.85
N GLY B 152 -8.80 5.15 -14.53
CA GLY B 152 -9.65 4.25 -15.30
C GLY B 152 -9.51 2.79 -14.94
N VAL B 153 -9.12 2.53 -13.69
CA VAL B 153 -8.97 1.16 -13.24
C VAL B 153 -9.67 0.95 -11.92
N SER B 154 -10.78 1.65 -11.73
CA SER B 154 -11.54 1.53 -10.50
C SER B 154 -12.08 0.11 -10.35
N ALA B 155 -12.46 -0.52 -11.47
CA ALA B 155 -12.99 -1.88 -11.43
C ALA B 155 -12.01 -2.82 -10.70
N ILE B 156 -10.77 -2.88 -11.19
CA ILE B 156 -9.72 -3.71 -10.58
C ILE B 156 -9.56 -3.31 -9.11
N PHE B 157 -9.55 -2.02 -8.86
CA PHE B 157 -9.42 -1.44 -7.52
C PHE B 157 -10.49 -1.99 -6.59
N ASP B 158 -11.75 -1.91 -7.03
CA ASP B 158 -12.88 -2.38 -6.21
C ASP B 158 -12.98 -3.87 -5.89
N ARG B 159 -12.63 -4.75 -6.83
CA ARG B 159 -12.75 -6.16 -6.50
C ARG B 159 -11.55 -6.68 -5.70
N ILE B 160 -10.40 -6.06 -5.85
CA ILE B 160 -9.26 -6.49 -5.07
C ILE B 160 -9.63 -6.26 -3.60
N LEU B 161 -10.31 -5.16 -3.33
CA LEU B 161 -10.68 -4.82 -1.96
C LEU B 161 -11.93 -5.51 -1.46
N SER B 162 -12.89 -5.67 -2.36
CA SER B 162 -14.16 -6.29 -1.99
C SER B 162 -14.15 -7.81 -1.99
N GLU B 163 -13.47 -8.41 -2.97
CA GLU B 163 -13.41 -9.86 -3.06
C GLU B 163 -12.30 -10.49 -2.23
N LEU B 164 -11.25 -9.74 -1.97
CA LEU B 164 -10.13 -10.29 -1.22
C LEU B 164 -9.98 -9.72 0.18
N SER B 165 -9.59 -8.46 0.27
CA SER B 165 -9.40 -7.79 1.57
C SER B 165 -10.58 -7.96 2.54
N VAL B 166 -11.77 -7.53 2.12
CA VAL B 166 -12.95 -7.65 2.97
C VAL B 166 -13.19 -9.09 3.43
N LYS B 167 -13.23 -10.02 2.50
CA LYS B 167 -13.47 -11.42 2.85
C LYS B 167 -12.36 -12.00 3.73
N MET B 168 -11.13 -11.56 3.54
CA MET B 168 -10.05 -12.07 4.37
C MET B 168 -10.27 -11.59 5.79
N LYS B 169 -10.57 -10.29 5.93
CA LYS B 169 -10.82 -9.70 7.23
C LYS B 169 -11.99 -10.44 7.88
N ARG B 170 -13.06 -10.56 7.12
CA ARG B 170 -14.26 -11.25 7.58
C ARG B 170 -13.94 -12.66 8.09
N LEU B 171 -12.91 -13.30 7.52
CA LEU B 171 -12.50 -14.64 7.91
C LEU B 171 -11.46 -14.67 9.02
N ASN B 172 -10.91 -13.51 9.36
CA ASN B 172 -9.88 -13.43 10.39
C ASN B 172 -8.63 -14.14 9.88
N LEU B 173 -8.35 -13.96 8.58
CA LEU B 173 -7.18 -14.57 7.98
C LEU B 173 -5.93 -14.08 8.70
N ASP B 174 -5.04 -15.00 9.06
CA ASP B 174 -3.81 -14.61 9.74
C ASP B 174 -2.63 -14.74 8.79
N ARG B 175 -1.47 -14.25 9.21
CA ARG B 175 -0.28 -14.26 8.37
C ARG B 175 0.19 -15.67 7.97
N ARG B 176 -0.09 -16.66 8.81
CA ARG B 176 0.31 -18.02 8.52
C ARG B 176 -0.57 -18.66 7.45
N GLU B 177 -1.84 -18.32 7.45
CA GLU B 177 -2.74 -18.84 6.44
C GLU B 177 -2.43 -18.16 5.11
N LEU B 178 -2.04 -16.89 5.18
CA LEU B 178 -1.71 -16.16 3.96
C LEU B 178 -0.45 -16.74 3.31
N SER B 179 0.54 -17.05 4.13
CA SER B 179 1.76 -17.65 3.62
C SER B 179 1.44 -18.98 2.93
N CYS B 180 0.51 -19.73 3.51
CA CYS B 180 0.12 -21.02 2.95
C CYS B 180 -0.55 -20.85 1.59
N LEU B 181 -1.50 -19.92 1.51
CA LEU B 181 -2.19 -19.67 0.26
C LEU B 181 -1.20 -19.28 -0.85
N LYS B 182 -0.21 -18.45 -0.51
CA LYS B 182 0.76 -18.02 -1.48
C LYS B 182 1.67 -19.16 -1.99
N ALA B 183 1.99 -20.11 -1.12
CA ALA B 183 2.85 -21.23 -1.55
C ALA B 183 2.04 -22.12 -2.50
N ILE B 184 0.79 -22.39 -2.11
CA ILE B 184 -0.11 -23.21 -2.91
C ILE B 184 -0.13 -22.63 -4.33
N ILE B 185 -0.11 -21.29 -4.41
CA ILE B 185 -0.10 -20.62 -5.69
C ILE B 185 1.22 -20.89 -6.41
N LEU B 186 2.33 -20.68 -5.72
CA LEU B 186 3.64 -20.90 -6.31
C LEU B 186 3.80 -22.31 -6.85
N TYR B 187 3.52 -23.31 -6.01
CA TYR B 187 3.63 -24.73 -6.39
C TYR B 187 2.47 -25.19 -7.28
N ASN B 188 2.44 -24.70 -8.50
CA ASN B 188 1.39 -25.02 -9.46
C ASN B 188 1.90 -26.00 -10.53
N PRO B 189 1.45 -27.26 -10.45
CA PRO B 189 1.86 -28.31 -11.39
C PRO B 189 1.12 -28.40 -12.71
N ASP B 190 0.05 -27.62 -12.88
CA ASP B 190 -0.74 -27.69 -14.10
C ASP B 190 -0.37 -26.73 -15.22
N ILE B 191 0.83 -26.14 -15.15
CA ILE B 191 1.22 -25.20 -16.18
C ILE B 191 1.83 -25.93 -17.35
N ARG B 192 1.48 -25.49 -18.54
CA ARG B 192 2.00 -26.08 -19.77
C ARG B 192 3.52 -26.00 -19.78
N GLY B 193 4.17 -27.06 -20.23
CA GLY B 193 5.63 -27.05 -20.32
C GLY B 193 6.45 -27.53 -19.13
N ILE B 194 5.81 -27.63 -17.97
CA ILE B 194 6.50 -28.06 -16.76
C ILE B 194 6.99 -29.51 -16.83
N LYS B 195 8.19 -29.74 -16.31
CA LYS B 195 8.79 -31.06 -16.30
C LYS B 195 8.50 -31.85 -15.03
N SER B 196 8.75 -31.25 -13.89
CA SER B 196 8.56 -31.91 -12.60
C SER B 196 7.19 -31.73 -11.95
N ARG B 197 6.14 -32.12 -12.65
CA ARG B 197 4.78 -31.99 -12.11
C ARG B 197 4.57 -32.69 -10.78
N ALA B 198 5.02 -33.94 -10.68
CA ALA B 198 4.85 -34.72 -9.45
C ALA B 198 5.47 -34.06 -8.23
N GLU B 199 6.74 -33.67 -8.32
CA GLU B 199 7.42 -33.02 -7.20
C GLU B 199 6.67 -31.77 -6.80
N ILE B 200 6.30 -30.96 -7.78
CA ILE B 200 5.58 -29.73 -7.52
C ILE B 200 4.26 -29.97 -6.79
N GLU B 201 3.51 -30.98 -7.24
CA GLU B 201 2.22 -31.32 -6.60
C GLU B 201 2.43 -31.81 -5.17
N MET B 202 3.54 -32.52 -4.94
CA MET B 202 3.83 -33.02 -3.60
C MET B 202 4.03 -31.82 -2.69
N CYS B 203 4.84 -30.86 -3.14
CA CYS B 203 5.09 -29.64 -2.36
C CYS B 203 3.77 -28.96 -1.99
N ARG B 204 2.88 -28.80 -2.98
CA ARG B 204 1.59 -28.16 -2.75
C ARG B 204 0.78 -28.94 -1.72
N GLU B 205 0.81 -30.25 -1.82
CA GLU B 205 0.06 -31.08 -0.88
C GLU B 205 0.61 -30.97 0.53
N LYS B 206 1.91 -30.77 0.66
CA LYS B 206 2.49 -30.64 1.99
C LYS B 206 2.03 -29.30 2.61
N VAL B 207 1.80 -28.31 1.76
CA VAL B 207 1.32 -27.02 2.25
C VAL B 207 -0.14 -27.18 2.68
N TYR B 208 -0.88 -28.02 1.97
CA TYR B 208 -2.27 -28.29 2.31
C TYR B 208 -2.31 -28.84 3.73
N ALA B 209 -1.46 -29.83 3.97
CA ALA B 209 -1.40 -30.46 5.27
C ALA B 209 -1.02 -29.42 6.34
N CYS B 210 -0.12 -28.50 6.01
CA CYS B 210 0.27 -27.46 6.97
C CYS B 210 -0.90 -26.54 7.24
N LEU B 211 -1.58 -26.12 6.18
CA LEU B 211 -2.71 -25.22 6.31
C LEU B 211 -3.81 -25.86 7.15
N ASP B 212 -4.14 -27.11 6.84
CA ASP B 212 -5.19 -27.83 7.56
C ASP B 212 -4.84 -27.94 9.05
N GLU B 213 -3.60 -28.31 9.35
CA GLU B 213 -3.18 -28.45 10.73
C GLU B 213 -3.37 -27.14 11.47
N HIS B 214 -3.06 -26.04 10.78
CA HIS B 214 -3.21 -24.75 11.40
C HIS B 214 -4.68 -24.52 11.75
N CYS B 215 -5.56 -24.78 10.79
CA CYS B 215 -6.99 -24.58 10.98
C CYS B 215 -7.53 -25.40 12.14
N ARG B 216 -6.90 -26.53 12.43
CA ARG B 216 -7.39 -27.38 13.50
C ARG B 216 -6.87 -27.01 14.88
N LEU B 217 -5.59 -26.70 14.98
CA LEU B 217 -5.01 -26.33 16.26
C LEU B 217 -5.35 -24.90 16.66
N GLU B 218 -5.74 -24.09 15.69
CA GLU B 218 -6.05 -22.70 15.96
C GLU B 218 -7.55 -22.39 15.88
N HIS B 219 -8.27 -23.15 15.07
CA HIS B 219 -9.70 -22.94 14.94
C HIS B 219 -10.49 -24.22 15.14
N PRO B 220 -10.28 -24.90 16.28
CA PRO B 220 -11.00 -26.15 16.52
C PRO B 220 -12.45 -25.72 16.44
N GLY B 221 -13.22 -26.35 15.57
CA GLY B 221 -14.61 -25.93 15.48
C GLY B 221 -15.06 -25.75 14.05
N ASP B 222 -14.92 -24.55 13.47
CA ASP B 222 -15.38 -24.45 12.10
C ASP B 222 -14.52 -25.37 11.21
N ASP B 223 -15.05 -26.56 10.94
CA ASP B 223 -14.35 -27.52 10.11
C ASP B 223 -14.45 -27.11 8.66
N GLY B 224 -15.22 -26.06 8.39
CA GLY B 224 -15.36 -25.59 7.03
C GLY B 224 -14.38 -24.49 6.67
N ARG B 225 -13.54 -24.10 7.62
CA ARG B 225 -12.60 -23.03 7.41
C ARG B 225 -11.62 -23.30 6.27
N PHE B 226 -10.94 -24.44 6.34
CA PHE B 226 -9.97 -24.84 5.32
C PHE B 226 -10.50 -24.62 3.89
N ALA B 227 -11.68 -25.16 3.60
CA ALA B 227 -12.27 -25.01 2.27
C ALA B 227 -12.53 -23.54 1.97
N GLN B 228 -13.14 -22.83 2.91
CA GLN B 228 -13.44 -21.42 2.70
C GLN B 228 -12.19 -20.62 2.34
N LEU B 229 -11.09 -20.88 3.03
CA LEU B 229 -9.86 -20.16 2.75
C LEU B 229 -9.44 -20.39 1.31
N LEU B 230 -9.60 -21.62 0.84
CA LEU B 230 -9.21 -21.96 -0.52
C LEU B 230 -10.07 -21.29 -1.57
N LEU B 231 -11.30 -20.95 -1.20
CA LEU B 231 -12.22 -20.28 -2.12
C LEU B 231 -11.70 -18.93 -2.60
N ARG B 232 -10.81 -18.32 -1.83
CA ARG B 232 -10.25 -17.03 -2.22
C ARG B 232 -9.33 -17.15 -3.44
N LEU B 233 -8.75 -18.33 -3.64
CA LEU B 233 -7.82 -18.54 -4.77
C LEU B 233 -8.39 -18.25 -6.15
N PRO B 234 -9.60 -18.76 -6.46
CA PRO B 234 -10.20 -18.51 -7.77
C PRO B 234 -10.42 -17.00 -8.01
N ALA B 235 -10.85 -16.30 -6.96
CA ALA B 235 -11.08 -14.86 -7.05
C ALA B 235 -9.74 -14.16 -7.31
N LEU B 236 -8.69 -14.65 -6.67
CA LEU B 236 -7.37 -14.08 -6.84
C LEU B 236 -6.91 -14.24 -8.28
N ARG B 237 -7.12 -15.44 -8.83
CA ARG B 237 -6.71 -15.71 -10.21
C ARG B 237 -7.46 -14.84 -11.21
N SER B 238 -8.77 -14.75 -11.04
CA SER B 238 -9.58 -13.95 -11.95
C SER B 238 -9.13 -12.48 -11.97
N ILE B 239 -8.98 -11.88 -10.79
CA ILE B 239 -8.57 -10.49 -10.67
C ILE B 239 -7.18 -10.32 -11.28
N SER B 240 -6.32 -11.28 -10.97
CA SER B 240 -4.95 -11.29 -11.45
C SER B 240 -4.88 -11.29 -12.98
N LEU B 241 -5.80 -12.00 -13.64
CA LEU B 241 -5.82 -12.06 -15.09
C LEU B 241 -6.21 -10.71 -15.69
N LYS B 242 -7.12 -9.99 -15.03
CA LYS B 242 -7.51 -8.68 -15.52
C LYS B 242 -6.35 -7.69 -15.35
N CYS B 243 -5.59 -7.79 -14.26
CA CYS B 243 -4.45 -6.90 -14.06
C CYS B 243 -3.48 -7.00 -15.21
N GLN B 244 -3.21 -8.24 -15.63
CA GLN B 244 -2.28 -8.47 -16.72
C GLN B 244 -2.80 -7.84 -17.99
N ASP B 245 -4.10 -7.98 -18.23
CA ASP B 245 -4.72 -7.39 -19.41
C ASP B 245 -4.42 -5.89 -19.40
N HIS B 246 -4.57 -5.27 -18.24
CA HIS B 246 -4.30 -3.83 -18.07
C HIS B 246 -2.86 -3.47 -18.41
N LEU B 247 -1.92 -4.28 -17.95
CA LEU B 247 -0.49 -4.02 -18.21
C LEU B 247 -0.16 -3.85 -19.68
N PHE B 248 -0.59 -4.81 -20.49
CA PHE B 248 -0.30 -4.78 -21.92
C PHE B 248 -1.03 -3.66 -22.65
N LEU B 249 -2.24 -3.35 -22.20
CA LEU B 249 -3.01 -2.28 -22.83
C LEU B 249 -2.34 -0.92 -22.64
N PHE B 250 -1.74 -0.69 -21.48
CA PHE B 250 -1.08 0.59 -21.22
C PHE B 250 0.38 0.60 -21.68
N ARG B 251 0.81 -0.51 -22.26
CA ARG B 251 2.18 -0.64 -22.74
C ARG B 251 3.26 -0.05 -21.80
N ILE B 252 3.38 -0.63 -20.62
CA ILE B 252 4.39 -0.19 -19.66
C ILE B 252 5.29 -1.35 -19.22
N THR B 253 5.37 -2.39 -20.07
CA THR B 253 6.18 -3.55 -19.79
C THR B 253 7.44 -3.54 -20.65
N SER B 254 8.48 -4.22 -20.18
CA SER B 254 9.75 -4.31 -20.89
C SER B 254 9.63 -5.00 -22.26
N ASP B 255 10.52 -4.64 -23.18
CA ASP B 255 10.51 -5.27 -24.49
C ASP B 255 11.03 -6.68 -24.29
N ARG B 256 11.87 -6.86 -23.28
CA ARG B 256 12.45 -8.18 -22.97
C ARG B 256 11.42 -9.04 -22.27
N PRO B 257 11.29 -10.31 -22.69
CA PRO B 257 10.32 -11.22 -22.08
C PRO B 257 10.68 -11.52 -20.62
N LEU B 258 9.69 -11.42 -19.75
CA LEU B 258 9.87 -11.64 -18.32
C LEU B 258 10.63 -12.96 -18.04
N GLU B 259 10.36 -13.99 -18.84
CA GLU B 259 11.05 -15.27 -18.67
C GLU B 259 12.56 -15.05 -18.56
N GLU B 260 13.10 -14.25 -19.47
CA GLU B 260 14.53 -13.96 -19.48
C GLU B 260 14.99 -13.28 -18.20
N LEU B 261 14.22 -12.30 -17.75
CA LEU B 261 14.58 -11.56 -16.55
C LEU B 261 14.63 -12.49 -15.34
N PHE B 262 13.66 -13.39 -15.23
CA PHE B 262 13.62 -14.36 -14.13
C PHE B 262 14.82 -15.30 -14.23
N LEU B 263 15.06 -15.81 -15.43
CA LEU B 263 16.16 -16.75 -15.67
C LEU B 263 17.50 -16.13 -15.28
N GLU B 264 17.67 -14.85 -15.61
CA GLU B 264 18.92 -14.16 -15.30
C GLU B 264 19.14 -13.92 -13.82
N GLN B 265 18.07 -13.62 -13.07
CA GLN B 265 18.27 -13.42 -11.64
C GLN B 265 18.52 -14.78 -10.98
N LEU B 266 17.81 -15.80 -11.43
CA LEU B 266 17.99 -17.12 -10.85
C LEU B 266 19.41 -17.64 -11.07
N GLU B 267 19.94 -17.44 -12.28
CA GLU B 267 21.29 -17.91 -12.60
C GLU B 267 22.37 -17.10 -11.88
N ALA B 268 21.96 -16.07 -11.14
CA ALA B 268 22.90 -15.22 -10.40
C ALA B 268 22.88 -15.57 -8.92
N PRO B 269 23.92 -15.20 -8.18
CA PRO B 269 23.96 -15.48 -6.74
C PRO B 269 22.98 -14.60 -5.98
N PRO B 270 22.38 -15.12 -4.91
CA PRO B 270 21.43 -14.27 -4.16
C PRO B 270 22.09 -12.97 -3.73
N PRO B 271 21.28 -11.93 -3.41
CA PRO B 271 21.87 -10.66 -2.97
C PRO B 271 22.80 -10.91 -1.79
N PRO B 272 23.59 -9.89 -1.39
CA PRO B 272 24.52 -10.07 -0.27
C PRO B 272 24.18 -11.19 0.72
N GLY B 273 23.09 -11.05 1.51
CA GLY B 273 22.75 -12.13 2.47
C GLY B 273 22.23 -13.41 1.82
N PHE C 9 -19.95 33.50 3.40
CA PHE C 9 -19.51 33.45 4.83
C PHE C 9 -20.54 34.16 5.72
N SER C 10 -21.53 33.42 6.19
CA SER C 10 -22.57 33.98 7.04
C SER C 10 -23.03 33.01 8.12
N ILE C 11 -23.49 33.53 9.25
CA ILE C 11 -23.94 32.66 10.33
C ILE C 11 -24.86 31.59 9.80
N GLU C 12 -25.55 31.89 8.70
CA GLU C 12 -26.48 30.94 8.11
C GLU C 12 -25.80 29.91 7.20
N ARG C 13 -24.62 30.25 6.71
CA ARG C 13 -23.88 29.33 5.85
C ARG C 13 -23.14 28.36 6.78
N ILE C 14 -22.84 28.83 7.99
CA ILE C 14 -22.19 28.01 8.99
C ILE C 14 -23.24 27.10 9.65
N ILE C 15 -24.45 27.63 9.82
CA ILE C 15 -25.54 26.86 10.40
C ILE C 15 -25.88 25.70 9.47
N GLU C 16 -25.97 25.98 8.18
CA GLU C 16 -26.30 24.96 7.19
C GLU C 16 -25.34 23.77 7.25
N ALA C 17 -24.06 24.06 7.45
CA ALA C 17 -23.05 23.01 7.52
C ALA C 17 -23.32 22.08 8.70
N GLU C 18 -23.52 22.66 9.88
CA GLU C 18 -23.79 21.88 11.08
C GLU C 18 -25.01 21.01 10.90
N GLN C 19 -26.11 21.64 10.53
CA GLN C 19 -27.37 20.93 10.35
C GLN C 19 -27.32 19.80 9.34
N ARG C 20 -26.78 20.07 8.16
CA ARG C 20 -26.70 19.05 7.14
C ARG C 20 -25.79 17.91 7.57
N ALA C 21 -24.66 18.23 8.19
CA ALA C 21 -23.74 17.19 8.65
C ALA C 21 -24.42 16.29 9.66
N GLU C 22 -25.32 16.87 10.44
CA GLU C 22 -26.04 16.14 11.47
C GLU C 22 -27.13 15.20 10.95
N THR C 23 -27.64 15.44 9.75
CA THR C 23 -28.71 14.59 9.23
C THR C 23 -28.41 13.72 8.02
N GLN C 24 -27.36 14.04 7.27
CA GLN C 24 -27.06 13.30 6.05
C GLN C 24 -26.03 12.17 6.15
N CYS C 25 -25.43 11.99 7.32
CA CYS C 25 -24.42 10.95 7.47
C CYS C 25 -25.01 9.61 7.90
N GLY C 26 -26.29 9.62 8.29
CA GLY C 26 -26.92 8.38 8.73
C GLY C 26 -26.25 7.78 9.95
N ASP C 27 -25.96 6.49 9.90
CA ASP C 27 -25.33 5.83 11.02
C ASP C 27 -23.85 5.68 10.74
N ARG C 28 -23.35 6.40 9.75
CA ARG C 28 -21.93 6.34 9.41
C ARG C 28 -21.08 6.79 10.60
N ALA C 29 -19.95 6.11 10.80
CA ALA C 29 -19.10 6.41 11.93
C ALA C 29 -17.60 6.37 11.69
N LEU C 30 -16.90 7.22 12.43
CA LEU C 30 -15.46 7.27 12.39
C LEU C 30 -15.13 6.48 13.63
N THR C 31 -14.53 5.32 13.45
CA THR C 31 -14.21 4.44 14.57
C THR C 31 -12.91 4.75 15.31
N PHE C 32 -13.00 5.60 16.32
CA PHE C 32 -11.83 5.95 17.11
C PHE C 32 -11.99 5.35 18.51
N LEU C 33 -13.20 5.47 19.04
CA LEU C 33 -13.51 4.92 20.36
C LEU C 33 -13.91 3.46 20.22
N ARG C 34 -13.33 2.61 21.07
CA ARG C 34 -13.59 1.18 21.02
C ARG C 34 -13.31 0.49 22.36
N VAL C 35 -14.11 -0.52 22.67
CA VAL C 35 -13.92 -1.28 23.90
C VAL C 35 -13.28 -2.61 23.49
N GLY C 36 -11.98 -2.73 23.74
CA GLY C 36 -11.24 -3.93 23.38
C GLY C 36 -10.77 -4.75 24.58
N PRO C 37 -10.02 -5.84 24.33
CA PRO C 37 -9.51 -6.69 25.41
C PRO C 37 -8.64 -6.00 26.46
N TYR C 38 -7.70 -5.16 26.01
CA TYR C 38 -6.81 -4.46 26.94
C TYR C 38 -7.47 -3.26 27.61
N SER C 39 -8.66 -2.90 27.15
CA SER C 39 -9.39 -1.76 27.72
C SER C 39 -9.65 -1.91 29.22
N THR C 40 -9.30 -0.87 29.97
CA THR C 40 -9.49 -0.84 31.41
C THR C 40 -10.96 -0.61 31.76
N VAL C 41 -11.85 -1.44 31.21
CA VAL C 41 -13.28 -1.27 31.45
C VAL C 41 -13.93 -2.43 32.19
N GLN C 42 -14.85 -2.09 33.09
CA GLN C 42 -15.58 -3.07 33.88
C GLN C 42 -16.44 -3.89 32.93
N PRO C 43 -16.10 -5.19 32.76
CA PRO C 43 -16.90 -6.04 31.86
C PRO C 43 -18.37 -5.96 32.21
N ASP C 44 -18.66 -5.55 33.44
CA ASP C 44 -20.03 -5.43 33.91
C ASP C 44 -20.66 -4.25 33.16
N TYR C 45 -19.81 -3.41 32.58
CA TYR C 45 -20.26 -2.23 31.83
C TYR C 45 -19.74 -2.11 30.40
N LYS C 46 -18.84 -2.99 29.96
CA LYS C 46 -18.30 -2.88 28.60
C LYS C 46 -19.39 -2.50 27.60
N GLY C 47 -20.55 -3.14 27.71
CA GLY C 47 -21.63 -2.82 26.80
C GLY C 47 -21.95 -1.34 26.86
N ALA C 48 -22.15 -0.83 28.09
CA ALA C 48 -22.48 0.57 28.30
C ALA C 48 -21.43 1.51 27.72
N VAL C 49 -20.16 1.26 28.05
CA VAL C 49 -19.08 2.12 27.55
C VAL C 49 -18.98 2.06 26.03
N SER C 50 -19.18 0.89 25.44
CA SER C 50 -19.07 0.76 23.99
C SER C 50 -20.21 1.49 23.31
N ALA C 51 -21.32 1.65 24.01
CA ALA C 51 -22.47 2.35 23.46
C ALA C 51 -22.07 3.82 23.39
N LEU C 52 -21.36 4.28 24.42
CA LEU C 52 -20.92 5.67 24.48
C LEU C 52 -19.93 5.89 23.33
N CYS C 53 -19.09 4.88 23.09
CA CYS C 53 -18.11 4.94 22.02
C CYS C 53 -18.79 5.09 20.64
N GLN C 54 -19.84 4.32 20.40
CA GLN C 54 -20.53 4.39 19.12
C GLN C 54 -21.13 5.78 18.88
N VAL C 55 -21.67 6.38 19.94
CA VAL C 55 -22.25 7.71 19.83
C VAL C 55 -21.18 8.72 19.41
N VAL C 56 -20.07 8.72 20.12
CA VAL C 56 -19.00 9.64 19.81
C VAL C 56 -18.42 9.40 18.41
N ASN C 57 -18.24 8.13 18.03
CA ASN C 57 -17.67 7.84 16.71
C ASN C 57 -18.56 8.36 15.57
N LYS C 58 -19.86 8.44 15.81
CA LYS C 58 -20.78 8.94 14.81
C LYS C 58 -20.70 10.46 14.75
N GLN C 59 -20.53 11.10 15.91
CA GLN C 59 -20.43 12.55 15.96
C GLN C 59 -19.11 13.00 15.34
N LEU C 60 -18.10 12.14 15.42
CA LEU C 60 -16.79 12.43 14.85
C LEU C 60 -16.88 12.41 13.33
N PHE C 61 -17.57 11.42 12.79
CA PHE C 61 -17.75 11.30 11.34
C PHE C 61 -18.45 12.56 10.86
N GLN C 62 -19.54 12.91 11.54
CA GLN C 62 -20.32 14.09 11.22
C GLN C 62 -19.48 15.35 11.27
N MET C 63 -18.59 15.43 12.27
CA MET C 63 -17.73 16.59 12.44
C MET C 63 -16.84 16.81 11.22
N VAL C 64 -16.29 15.72 10.69
CA VAL C 64 -15.43 15.80 9.53
C VAL C 64 -16.20 16.34 8.32
N GLU C 65 -17.44 15.91 8.16
CA GLU C 65 -18.25 16.37 7.02
C GLU C 65 -18.65 17.82 7.26
N TYR C 66 -18.78 18.18 8.52
CA TYR C 66 -19.13 19.54 8.91
C TYR C 66 -18.00 20.46 8.44
N ALA C 67 -16.78 20.13 8.82
CA ALA C 67 -15.62 20.93 8.45
C ALA C 67 -15.47 20.98 6.94
N ARG C 68 -15.72 19.86 6.26
CA ARG C 68 -15.60 19.82 4.81
C ARG C 68 -16.49 20.88 4.18
N MET C 69 -17.62 21.18 4.81
CA MET C 69 -18.52 22.19 4.26
C MET C 69 -18.25 23.63 4.75
N MET C 70 -17.52 23.79 5.84
CA MET C 70 -17.23 25.13 6.33
C MET C 70 -16.45 25.99 5.31
N PRO C 71 -16.79 27.30 5.22
CA PRO C 71 -16.11 28.19 4.27
C PRO C 71 -14.58 28.05 4.28
N HIS C 72 -14.02 27.76 3.12
CA HIS C 72 -12.58 27.63 2.92
C HIS C 72 -11.81 26.49 3.58
N PHE C 73 -12.46 25.73 4.47
CA PHE C 73 -11.77 24.64 5.16
C PHE C 73 -11.17 23.66 4.18
N ALA C 74 -11.90 23.35 3.12
CA ALA C 74 -11.40 22.40 2.14
C ALA C 74 -10.38 22.99 1.18
N GLN C 75 -9.94 24.22 1.40
CA GLN C 75 -8.99 24.86 0.48
C GLN C 75 -7.55 24.84 0.95
N VAL C 76 -7.34 24.78 2.25
CA VAL C 76 -5.99 24.77 2.78
C VAL C 76 -5.38 23.39 2.58
N PRO C 77 -4.05 23.28 2.57
CA PRO C 77 -3.49 21.94 2.37
C PRO C 77 -4.10 20.89 3.33
N LEU C 78 -4.14 19.64 2.86
CA LEU C 78 -4.71 18.57 3.65
C LEU C 78 -4.05 18.38 4.99
N ASP C 79 -2.74 18.56 5.04
CA ASP C 79 -2.08 18.40 6.32
C ASP C 79 -2.69 19.37 7.33
N ASP C 80 -3.03 20.58 6.90
CA ASP C 80 -3.62 21.58 7.82
C ASP C 80 -5.05 21.22 8.23
N GLN C 81 -5.80 20.62 7.32
CA GLN C 81 -7.17 20.23 7.62
C GLN C 81 -7.15 19.17 8.72
N VAL C 82 -6.17 18.28 8.63
CA VAL C 82 -6.00 17.21 9.61
C VAL C 82 -5.63 17.79 10.97
N ILE C 83 -4.71 18.73 11.00
CA ILE C 83 -4.29 19.35 12.25
C ILE C 83 -5.41 20.13 12.93
N LEU C 84 -6.23 20.83 12.14
CA LEU C 84 -7.33 21.62 12.69
C LEU C 84 -8.34 20.72 13.37
N LEU C 85 -8.67 19.61 12.72
CA LEU C 85 -9.64 18.66 13.30
C LEU C 85 -9.09 17.99 14.55
N LYS C 86 -7.81 17.64 14.53
CA LYS C 86 -7.19 17.01 15.68
C LYS C 86 -7.17 17.92 16.90
N ALA C 87 -7.10 19.22 16.66
CA ALA C 87 -7.04 20.17 17.76
C ALA C 87 -8.40 20.59 18.33
N ALA C 88 -9.41 20.62 17.46
CA ALA C 88 -10.72 21.05 17.88
C ALA C 88 -11.77 19.99 18.21
N TRP C 89 -11.62 18.76 17.74
CA TRP C 89 -12.66 17.75 17.95
C TRP C 89 -13.31 17.63 19.32
N ILE C 90 -12.52 17.47 20.37
CA ILE C 90 -13.08 17.36 21.72
C ILE C 90 -13.87 18.60 22.11
N GLU C 91 -13.33 19.78 21.84
CA GLU C 91 -14.03 21.02 22.19
C GLU C 91 -15.33 21.18 21.42
N LEU C 92 -15.35 20.69 20.19
CA LEU C 92 -16.56 20.77 19.39
C LEU C 92 -17.62 19.84 19.95
N LEU C 93 -17.21 18.64 20.35
CA LEU C 93 -18.17 17.69 20.91
C LEU C 93 -18.73 18.18 22.22
N ILE C 94 -17.85 18.63 23.11
CA ILE C 94 -18.28 19.12 24.43
C ILE C 94 -19.16 20.36 24.33
N ALA C 95 -18.94 21.19 23.32
CA ALA C 95 -19.77 22.39 23.13
C ALA C 95 -21.20 21.93 22.83
N ASN C 96 -21.32 20.87 22.03
CA ASN C 96 -22.63 20.32 21.69
C ASN C 96 -23.32 19.70 22.90
N VAL C 97 -22.56 19.03 23.78
CA VAL C 97 -23.20 18.43 24.95
C VAL C 97 -23.61 19.51 25.94
N ALA C 98 -22.78 20.54 26.12
CA ALA C 98 -23.12 21.62 27.04
C ALA C 98 -24.42 22.28 26.58
N TRP C 99 -24.55 22.45 25.27
CA TRP C 99 -25.75 23.07 24.72
C TRP C 99 -26.98 22.22 24.96
N CYS C 100 -26.83 20.91 24.80
CA CYS C 100 -27.95 20.01 25.02
C CYS C 100 -28.35 19.91 26.48
N SER C 101 -27.36 19.75 27.36
CA SER C 101 -27.61 19.62 28.78
C SER C 101 -28.35 20.81 29.40
N ILE C 102 -28.51 21.89 28.65
CA ILE C 102 -29.21 23.05 29.18
C ILE C 102 -30.65 22.66 29.42
N VAL C 103 -31.15 21.72 28.63
CA VAL C 103 -32.53 21.26 28.77
C VAL C 103 -32.82 20.72 30.16
N SER C 104 -31.98 19.79 30.63
CA SER C 104 -32.15 19.21 31.96
C SER C 104 -32.42 20.30 32.99
N LEU C 105 -31.67 21.39 32.90
CA LEU C 105 -31.80 22.53 33.81
C LEU C 105 -33.23 23.05 33.86
N GLN C 133 -29.02 17.17 37.29
CA GLN C 133 -27.84 16.31 37.31
C GLN C 133 -27.89 15.35 36.12
N GLN C 134 -28.22 15.90 34.95
CA GLN C 134 -28.31 15.12 33.72
C GLN C 134 -27.55 15.79 32.57
N LEU C 135 -26.69 15.03 31.93
CA LEU C 135 -25.85 15.51 30.83
C LEU C 135 -26.26 14.82 29.53
N PHE C 136 -26.66 15.60 28.53
CA PHE C 136 -27.09 15.04 27.24
C PHE C 136 -25.98 15.05 26.19
N LEU C 137 -25.91 13.97 25.42
CA LEU C 137 -24.95 13.85 24.32
C LEU C 137 -25.72 14.08 23.03
N ASN C 138 -27.01 13.79 23.08
CA ASN C 138 -27.94 13.93 21.97
C ASN C 138 -29.20 14.57 22.53
N GLN C 139 -30.24 14.66 21.71
CA GLN C 139 -31.50 15.21 22.17
C GLN C 139 -32.33 14.06 22.76
N SER C 140 -31.64 13.07 23.33
CA SER C 140 -32.29 11.91 23.95
C SER C 140 -31.30 11.12 24.81
N PHE C 141 -30.18 10.74 24.21
CA PHE C 141 -29.14 9.99 24.90
C PHE C 141 -28.54 10.87 26.00
N SER C 142 -28.69 10.49 27.26
CA SER C 142 -28.14 11.28 28.37
C SER C 142 -27.41 10.42 29.39
N TYR C 143 -27.01 11.04 30.50
CA TYR C 143 -26.31 10.36 31.59
C TYR C 143 -26.58 11.06 32.91
N HIS C 144 -26.74 10.29 33.98
CA HIS C 144 -27.02 10.85 35.30
C HIS C 144 -25.76 10.98 36.16
N ARG C 145 -25.80 11.94 37.08
CA ARG C 145 -24.69 12.21 37.99
C ARG C 145 -24.12 10.92 38.56
N ASN C 146 -25.01 10.06 39.06
CA ASN C 146 -24.64 8.79 39.66
C ASN C 146 -23.87 7.86 38.71
N SER C 147 -23.92 8.16 37.42
CA SER C 147 -23.23 7.34 36.42
C SER C 147 -21.77 7.77 36.25
N ALA C 148 -21.50 9.05 36.49
CA ALA C 148 -20.16 9.59 36.38
C ALA C 148 -19.36 9.32 37.65
N ILE C 149 -20.02 9.43 38.80
CA ILE C 149 -19.37 9.19 40.08
C ILE C 149 -18.78 7.78 40.09
N LYS C 150 -19.40 6.89 39.31
CA LYS C 150 -18.95 5.51 39.21
C LYS C 150 -17.61 5.44 38.49
N ALA C 151 -17.59 5.94 37.25
CA ALA C 151 -16.37 5.91 36.42
C ALA C 151 -15.28 6.90 36.82
N GLY C 152 -15.48 7.62 37.93
CA GLY C 152 -14.48 8.57 38.39
C GLY C 152 -14.49 9.92 37.72
N VAL C 153 -15.27 10.06 36.65
CA VAL C 153 -15.35 11.31 35.91
C VAL C 153 -16.47 12.22 36.40
N SER C 154 -16.55 12.40 37.72
CA SER C 154 -17.60 13.26 38.28
C SER C 154 -17.16 14.72 38.25
N ALA C 155 -15.86 14.94 38.13
CA ALA C 155 -15.31 16.29 38.08
C ALA C 155 -15.74 16.91 36.75
N ILE C 156 -15.36 16.24 35.65
CA ILE C 156 -15.72 16.72 34.31
C ILE C 156 -17.22 16.97 34.21
N PHE C 157 -18.00 15.96 34.59
CA PHE C 157 -19.46 16.05 34.55
C PHE C 157 -19.89 17.35 35.24
N ASP C 158 -19.37 17.57 36.45
CA ASP C 158 -19.73 18.76 37.18
C ASP C 158 -19.39 20.09 36.49
N ARG C 159 -18.16 20.21 35.99
CA ARG C 159 -17.82 21.48 35.35
C ARG C 159 -18.45 21.73 33.99
N ILE C 160 -18.81 20.66 33.27
CA ILE C 160 -19.45 20.88 31.98
C ILE C 160 -20.74 21.64 32.23
N LEU C 161 -21.58 21.12 33.12
CA LEU C 161 -22.85 21.77 33.44
C LEU C 161 -22.60 23.07 34.20
N SER C 162 -21.67 23.02 35.15
CA SER C 162 -21.32 24.16 36.00
C SER C 162 -20.78 25.40 35.27
N GLU C 163 -19.75 25.21 34.46
CA GLU C 163 -19.15 26.34 33.73
C GLU C 163 -19.66 26.59 32.31
N LEU C 164 -20.29 25.59 31.69
CA LEU C 164 -20.78 25.80 30.33
C LEU C 164 -22.30 25.91 30.23
N SER C 165 -23.00 24.81 30.44
CA SER C 165 -24.46 24.80 30.34
C SER C 165 -25.15 25.92 31.13
N VAL C 166 -24.87 25.97 32.44
CA VAL C 166 -25.49 26.97 33.30
C VAL C 166 -25.21 28.39 32.81
N LYS C 167 -23.94 28.68 32.57
CA LYS C 167 -23.58 30.02 32.12
C LYS C 167 -24.15 30.36 30.74
N MET C 168 -24.29 29.37 29.88
CA MET C 168 -24.86 29.62 28.56
C MET C 168 -26.33 30.00 28.74
N LYS C 169 -27.03 29.21 29.54
CA LYS C 169 -28.44 29.48 29.82
C LYS C 169 -28.56 30.86 30.43
N ARG C 170 -27.74 31.10 31.46
CA ARG C 170 -27.74 32.39 32.14
C ARG C 170 -27.55 33.55 31.15
N LEU C 171 -26.81 33.31 30.06
CA LEU C 171 -26.56 34.33 29.05
C LEU C 171 -27.60 34.38 27.94
N ASN C 172 -28.47 33.39 27.90
CA ASN C 172 -29.50 33.32 26.86
C ASN C 172 -28.81 33.04 25.52
N LEU C 173 -27.78 32.20 25.56
CA LEU C 173 -27.03 31.84 24.35
C LEU C 173 -27.99 31.22 23.34
N ASP C 174 -27.94 31.67 22.09
CA ASP C 174 -28.81 31.12 21.07
C ASP C 174 -27.99 30.27 20.10
N ARG C 175 -28.66 29.56 19.19
CA ARG C 175 -27.96 28.69 18.25
C ARG C 175 -26.93 29.41 17.36
N ARG C 176 -27.30 30.57 16.82
CA ARG C 176 -26.38 31.31 15.97
C ARG C 176 -25.06 31.57 16.70
N GLU C 177 -25.15 31.97 17.96
CA GLU C 177 -23.96 32.26 18.74
C GLU C 177 -23.13 31.02 19.05
N LEU C 178 -23.78 29.87 19.21
CA LEU C 178 -23.04 28.64 19.49
C LEU C 178 -22.35 28.20 18.22
N SER C 179 -23.00 28.45 17.08
CA SER C 179 -22.41 28.11 15.80
C SER C 179 -21.16 28.95 15.62
N CYS C 180 -21.24 30.23 16.00
CA CYS C 180 -20.10 31.14 15.88
C CYS C 180 -18.94 30.70 16.79
N LEU C 181 -19.27 30.36 18.03
CA LEU C 181 -18.23 29.93 18.96
C LEU C 181 -17.51 28.68 18.44
N LYS C 182 -18.28 27.75 17.89
CA LYS C 182 -17.71 26.51 17.36
C LYS C 182 -16.80 26.76 16.15
N ALA C 183 -17.19 27.71 15.29
CA ALA C 183 -16.41 28.06 14.10
C ALA C 183 -15.09 28.66 14.55
N ILE C 184 -15.17 29.58 15.51
CA ILE C 184 -13.99 30.23 16.07
C ILE C 184 -13.02 29.14 16.53
N ILE C 185 -13.55 28.13 17.21
CA ILE C 185 -12.72 27.02 17.68
C ILE C 185 -12.04 26.29 16.51
N LEU C 186 -12.84 25.93 15.50
CA LEU C 186 -12.32 25.22 14.33
C LEU C 186 -11.18 25.99 13.68
N TYR C 187 -11.45 27.25 13.33
CA TYR C 187 -10.45 28.12 12.68
C TYR C 187 -9.36 28.58 13.66
N ASN C 188 -8.50 27.66 14.08
CA ASN C 188 -7.44 27.97 15.03
C ASN C 188 -6.08 28.00 14.30
N PRO C 189 -5.50 29.21 14.15
CA PRO C 189 -4.21 29.40 13.48
C PRO C 189 -2.96 29.20 14.32
N ASP C 190 -3.12 29.02 15.63
CA ASP C 190 -1.95 28.89 16.50
C ASP C 190 -1.45 27.48 16.77
N ILE C 191 -1.86 26.52 15.96
CA ILE C 191 -1.43 25.16 16.18
C ILE C 191 -0.08 24.89 15.51
N ARG C 192 0.78 24.17 16.20
CA ARG C 192 2.09 23.85 15.68
C ARG C 192 1.97 23.02 14.40
N GLY C 193 2.76 23.37 13.39
CA GLY C 193 2.74 22.63 12.14
C GLY C 193 1.87 23.18 11.03
N ILE C 194 0.97 24.08 11.36
CA ILE C 194 0.05 24.66 10.37
C ILE C 194 0.76 25.50 9.31
N LYS C 195 0.32 25.36 8.06
CA LYS C 195 0.91 26.09 6.95
C LYS C 195 0.17 27.40 6.65
N SER C 196 -1.14 27.33 6.52
CA SER C 196 -1.93 28.50 6.19
C SER C 196 -2.50 29.28 7.37
N ARG C 197 -1.61 29.77 8.25
CA ARG C 197 -2.04 30.52 9.42
C ARG C 197 -2.86 31.77 9.08
N ALA C 198 -2.40 32.56 8.11
CA ALA C 198 -3.08 33.79 7.74
C ALA C 198 -4.52 33.54 7.31
N GLU C 199 -4.73 32.58 6.40
CA GLU C 199 -6.06 32.26 5.92
C GLU C 199 -6.96 31.78 7.06
N ILE C 200 -6.40 30.96 7.94
CA ILE C 200 -7.17 30.43 9.05
C ILE C 200 -7.61 31.57 9.96
N GLU C 201 -6.70 32.49 10.25
CA GLU C 201 -6.99 33.65 11.10
C GLU C 201 -8.02 34.55 10.40
N MET C 202 -7.86 34.71 9.10
CA MET C 202 -8.76 35.55 8.34
C MET C 202 -10.17 34.96 8.46
N CYS C 203 -10.26 33.63 8.51
CA CYS C 203 -11.57 32.99 8.65
C CYS C 203 -12.20 33.24 10.00
N ARG C 204 -11.39 33.10 11.03
CA ARG C 204 -11.82 33.32 12.40
C ARG C 204 -12.31 34.75 12.60
N GLU C 205 -11.58 35.71 12.02
CA GLU C 205 -11.96 37.10 12.17
C GLU C 205 -13.29 37.41 11.49
N LYS C 206 -13.60 36.72 10.40
CA LYS C 206 -14.88 36.95 9.73
C LYS C 206 -16.01 36.42 10.60
N VAL C 207 -15.72 35.39 11.40
CA VAL C 207 -16.73 34.84 12.30
C VAL C 207 -16.92 35.83 13.45
N TYR C 208 -15.84 36.48 13.87
CA TYR C 208 -15.92 37.49 14.94
C TYR C 208 -16.90 38.57 14.47
N ALA C 209 -16.69 39.01 13.22
CA ALA C 209 -17.52 40.05 12.60
C ALA C 209 -18.97 39.61 12.56
N CYS C 210 -19.21 38.33 12.30
CA CYS C 210 -20.57 37.80 12.27
C CYS C 210 -21.18 37.76 13.68
N LEU C 211 -20.41 37.24 14.63
CA LEU C 211 -20.87 37.14 16.01
C LEU C 211 -21.21 38.54 16.57
N ASP C 212 -20.31 39.50 16.36
CA ASP C 212 -20.55 40.86 16.86
C ASP C 212 -21.82 41.45 16.27
N GLU C 213 -21.99 41.31 14.96
CA GLU C 213 -23.17 41.83 14.30
C GLU C 213 -24.44 41.22 14.89
N HIS C 214 -24.41 39.91 15.07
CA HIS C 214 -25.56 39.23 15.62
C HIS C 214 -25.89 39.93 16.93
N CYS C 215 -24.84 40.24 17.70
CA CYS C 215 -25.02 40.90 19.00
C CYS C 215 -25.66 42.28 18.87
N ARG C 216 -25.02 43.14 18.09
CA ARG C 216 -25.52 44.49 17.89
C ARG C 216 -26.96 44.52 17.39
N LEU C 217 -27.37 43.49 16.67
CA LEU C 217 -28.74 43.43 16.14
C LEU C 217 -29.77 42.77 17.05
N GLU C 218 -29.43 41.61 17.62
CA GLU C 218 -30.36 40.91 18.48
C GLU C 218 -30.11 41.09 19.98
N HIS C 219 -29.32 42.11 20.31
CA HIS C 219 -28.99 42.45 21.69
C HIS C 219 -28.52 43.90 21.71
N PRO C 220 -29.33 44.82 21.17
CA PRO C 220 -29.01 46.25 21.10
C PRO C 220 -28.35 46.74 22.38
N GLY C 221 -28.84 46.24 23.50
CA GLY C 221 -28.29 46.64 24.77
C GLY C 221 -26.83 46.33 25.04
N ASP C 222 -26.65 45.45 26.02
CA ASP C 222 -25.36 45.02 26.57
C ASP C 222 -24.22 44.94 25.56
N ASP C 223 -23.37 45.96 25.58
CA ASP C 223 -22.23 46.01 24.67
C ASP C 223 -21.13 45.08 25.17
N GLY C 224 -21.33 44.50 26.35
CA GLY C 224 -20.34 43.61 26.90
C GLY C 224 -20.64 42.15 26.58
N ARG C 225 -21.74 41.89 25.86
CA ARG C 225 -22.12 40.53 25.52
C ARG C 225 -21.06 39.77 24.73
N PHE C 226 -20.62 40.37 23.62
CA PHE C 226 -19.61 39.77 22.75
C PHE C 226 -18.42 39.21 23.52
N ALA C 227 -17.81 40.02 24.37
CA ALA C 227 -16.67 39.53 25.13
C ALA C 227 -17.09 38.43 26.11
N GLN C 228 -18.22 38.60 26.78
CA GLN C 228 -18.67 37.59 27.72
C GLN C 228 -18.83 36.23 27.04
N LEU C 229 -19.42 36.23 25.85
CA LEU C 229 -19.60 34.98 25.12
C LEU C 229 -18.26 34.31 24.88
N LEU C 230 -17.25 35.12 24.55
CA LEU C 230 -15.93 34.57 24.29
C LEU C 230 -15.26 33.99 25.52
N LEU C 231 -15.67 34.46 26.69
CA LEU C 231 -15.09 33.96 27.94
C LEU C 231 -15.34 32.47 28.15
N ARG C 232 -16.38 31.93 27.51
CA ARG C 232 -16.69 30.52 27.64
C ARG C 232 -15.64 29.62 26.97
N LEU C 233 -14.93 30.16 25.98
CA LEU C 233 -13.92 29.39 25.25
C LEU C 233 -12.81 28.82 26.11
N PRO C 234 -12.21 29.64 26.99
CA PRO C 234 -11.13 29.10 27.85
C PRO C 234 -11.64 27.97 28.74
N ALA C 235 -12.87 28.13 29.22
CA ALA C 235 -13.49 27.14 30.09
C ALA C 235 -13.85 25.87 29.31
N LEU C 236 -13.96 26.01 28.00
CA LEU C 236 -14.27 24.86 27.14
C LEU C 236 -12.96 24.12 26.89
N ARG C 237 -11.89 24.87 26.65
CA ARG C 237 -10.58 24.27 26.38
C ARG C 237 -10.06 23.50 27.59
N SER C 238 -10.15 24.11 28.77
CA SER C 238 -9.68 23.45 29.98
C SER C 238 -10.39 22.12 30.23
N ILE C 239 -11.72 22.14 30.20
CA ILE C 239 -12.51 20.93 30.41
C ILE C 239 -12.16 19.89 29.35
N SER C 240 -12.06 20.37 28.12
CA SER C 240 -11.74 19.51 26.97
C SER C 240 -10.39 18.79 27.14
N LEU C 241 -9.42 19.45 27.77
CA LEU C 241 -8.11 18.85 27.99
C LEU C 241 -8.20 17.74 29.02
N LYS C 242 -9.09 17.92 30.00
CA LYS C 242 -9.29 16.93 31.04
C LYS C 242 -9.89 15.67 30.41
N CYS C 243 -10.91 15.87 29.57
CA CYS C 243 -11.57 14.75 28.91
C CYS C 243 -10.57 13.93 28.10
N GLN C 244 -9.58 14.60 27.54
CA GLN C 244 -8.58 13.90 26.74
C GLN C 244 -7.64 13.10 27.63
N ASP C 245 -7.35 13.61 28.82
CA ASP C 245 -6.46 12.90 29.73
C ASP C 245 -7.19 11.68 30.27
N HIS C 246 -8.51 11.77 30.33
CA HIS C 246 -9.33 10.67 30.82
C HIS C 246 -9.62 9.65 29.73
N LEU C 247 -9.13 9.90 28.53
CA LEU C 247 -9.33 8.96 27.44
C LEU C 247 -8.13 8.04 27.38
N PHE C 248 -6.94 8.65 27.34
CA PHE C 248 -5.70 7.89 27.27
C PHE C 248 -5.51 7.09 28.56
N LEU C 249 -6.48 7.19 29.46
CA LEU C 249 -6.41 6.52 30.75
C LEU C 249 -7.37 5.35 30.91
N PHE C 250 -8.22 5.15 29.90
CA PHE C 250 -9.17 4.05 29.92
C PHE C 250 -8.84 3.10 28.78
N ARG C 251 -7.79 3.42 28.03
CA ARG C 251 -7.35 2.61 26.91
C ARG C 251 -8.50 2.30 25.96
N ILE C 252 -9.39 3.28 25.74
CA ILE C 252 -10.51 3.01 24.86
C ILE C 252 -10.40 3.68 23.50
N THR C 253 -9.17 4.04 23.13
CA THR C 253 -8.93 4.69 21.84
C THR C 253 -8.26 3.72 20.89
N SER C 254 -8.43 3.98 19.59
CA SER C 254 -7.86 3.14 18.55
C SER C 254 -6.35 3.07 18.56
N ASP C 255 -5.82 1.97 18.02
CA ASP C 255 -4.36 1.79 17.94
C ASP C 255 -3.85 2.64 16.80
N ARG C 256 -4.76 3.07 15.94
CA ARG C 256 -4.41 3.91 14.80
C ARG C 256 -4.53 5.37 15.22
N PRO C 257 -3.55 6.20 14.85
CA PRO C 257 -3.58 7.62 15.21
C PRO C 257 -4.74 8.34 14.52
N LEU C 258 -5.49 9.10 15.31
CA LEU C 258 -6.65 9.85 14.81
C LEU C 258 -6.33 10.62 13.53
N GLU C 259 -5.12 11.17 13.43
CA GLU C 259 -4.70 11.91 12.25
C GLU C 259 -5.02 11.10 10.99
N GLU C 260 -4.64 9.83 11.01
CA GLU C 260 -4.87 8.95 9.86
C GLU C 260 -6.35 8.79 9.55
N LEU C 261 -7.15 8.58 10.58
CA LEU C 261 -8.57 8.40 10.39
C LEU C 261 -9.20 9.64 9.74
N PHE C 262 -8.80 10.83 10.18
CA PHE C 262 -9.31 12.09 9.63
C PHE C 262 -8.86 12.22 8.17
N LEU C 263 -7.58 11.97 7.93
CA LEU C 263 -7.01 12.06 6.59
C LEU C 263 -7.75 11.15 5.61
N GLU C 264 -8.08 9.94 6.07
CA GLU C 264 -8.76 8.98 5.22
C GLU C 264 -10.20 9.38 4.87
N GLN C 265 -10.93 9.95 5.83
CA GLN C 265 -12.29 10.36 5.52
C GLN C 265 -12.24 11.58 4.60
N LEU C 266 -11.32 12.50 4.87
CA LEU C 266 -11.18 13.68 4.03
C LEU C 266 -10.85 13.31 2.59
N GLU C 267 -9.91 12.38 2.40
CA GLU C 267 -9.52 11.96 1.06
C GLU C 267 -10.61 11.18 0.35
N ALA C 268 -11.70 10.92 1.06
CA ALA C 268 -12.85 10.21 0.52
C ALA C 268 -14.00 11.18 0.25
N PRO C 269 -15.00 10.75 -0.53
CA PRO C 269 -16.15 11.60 -0.85
C PRO C 269 -17.20 11.66 0.28
N PRO C 270 -18.16 12.58 0.17
CA PRO C 270 -19.21 12.71 1.19
C PRO C 270 -20.32 11.69 0.95
N PRO C 271 -21.13 11.42 1.97
CA PRO C 271 -22.26 10.47 1.92
C PRO C 271 -23.40 10.67 0.89
N PRO C 272 -24.23 11.72 1.02
CA PRO C 272 -25.30 11.89 0.03
C PRO C 272 -24.91 12.87 -1.09
N GLY C 273 -24.52 14.08 -0.69
CA GLY C 273 -24.13 15.10 -1.64
C GLY C 273 -23.09 16.01 -1.01
N PHE D 9 -4.86 33.44 -9.95
CA PHE D 9 -3.71 33.03 -9.08
C PHE D 9 -3.72 31.51 -9.00
N SER D 10 -3.16 30.87 -10.01
CA SER D 10 -3.08 29.41 -10.10
C SER D 10 -1.70 29.04 -10.59
N ILE D 11 -1.42 27.75 -10.71
CA ILE D 11 -0.10 27.37 -11.18
C ILE D 11 0.09 27.78 -12.62
N GLU D 12 -0.97 27.73 -13.41
CA GLU D 12 -0.84 28.12 -14.80
C GLU D 12 -0.38 29.59 -14.90
N ARG D 13 -0.88 30.42 -13.98
CA ARG D 13 -0.52 31.83 -13.94
C ARG D 13 0.95 32.03 -13.56
N ILE D 14 1.47 31.18 -12.67
CA ILE D 14 2.85 31.27 -12.23
C ILE D 14 3.81 30.72 -13.27
N ILE D 15 3.39 29.67 -13.97
CA ILE D 15 4.19 29.06 -15.02
C ILE D 15 4.37 30.08 -16.16
N GLU D 16 3.28 30.73 -16.52
CA GLU D 16 3.30 31.72 -17.61
C GLU D 16 4.32 32.83 -17.36
N ALA D 17 4.40 33.28 -16.12
CA ALA D 17 5.35 34.32 -15.75
C ALA D 17 6.78 33.86 -15.99
N GLU D 18 7.14 32.69 -15.49
CA GLU D 18 8.48 32.15 -15.68
C GLU D 18 8.83 32.03 -17.14
N GLN D 19 7.98 31.32 -17.88
CA GLN D 19 8.20 31.09 -19.29
C GLN D 19 8.35 32.35 -20.11
N ARG D 20 7.43 33.29 -19.94
CA ARG D 20 7.48 34.53 -20.71
C ARG D 20 8.72 35.35 -20.36
N ALA D 21 9.06 35.40 -19.07
CA ALA D 21 10.23 36.15 -18.64
C ALA D 21 11.50 35.56 -19.26
N GLU D 22 11.47 34.25 -19.48
CA GLU D 22 12.59 33.54 -20.06
C GLU D 22 12.80 33.74 -21.57
N THR D 23 11.74 34.09 -22.28
CA THR D 23 11.87 34.28 -23.72
C THR D 23 11.71 35.69 -24.29
N GLN D 24 11.11 36.61 -23.55
CA GLN D 24 10.87 37.96 -24.05
C GLN D 24 11.89 39.04 -23.70
N CYS D 25 12.89 38.71 -22.90
CA CYS D 25 13.88 39.70 -22.51
C CYS D 25 15.07 39.78 -23.45
N GLY D 26 15.15 38.83 -24.38
CA GLY D 26 16.27 38.82 -25.32
C GLY D 26 17.62 38.71 -24.62
N ASP D 27 18.52 39.64 -24.92
CA ASP D 27 19.86 39.59 -24.32
C ASP D 27 20.13 40.69 -23.29
N ARG D 28 19.07 41.28 -22.76
CA ARG D 28 19.23 42.32 -21.77
C ARG D 28 19.74 41.75 -20.45
N ALA D 29 20.44 42.57 -19.69
CA ALA D 29 20.97 42.11 -18.44
C ALA D 29 21.05 43.18 -17.38
N LEU D 30 21.03 42.75 -16.12
CA LEU D 30 21.18 43.66 -15.00
C LEU D 30 22.59 43.32 -14.56
N THR D 31 23.49 44.27 -14.73
CA THR D 31 24.89 44.09 -14.43
C THR D 31 25.26 44.15 -12.95
N PHE D 32 25.05 43.06 -12.22
CA PHE D 32 25.41 43.08 -10.82
C PHE D 32 26.77 42.39 -10.68
N LEU D 33 27.01 41.37 -11.50
CA LEU D 33 28.27 40.64 -11.48
C LEU D 33 29.27 41.14 -12.51
N ARG D 34 30.44 41.62 -12.06
CA ARG D 34 31.47 42.11 -12.98
C ARG D 34 32.87 41.78 -12.45
N VAL D 35 33.84 41.61 -13.34
CA VAL D 35 35.21 41.31 -12.92
C VAL D 35 35.98 42.62 -12.73
N GLY D 36 35.51 43.44 -11.78
CA GLY D 36 36.12 44.73 -11.49
C GLY D 36 37.61 44.76 -11.14
N PRO D 37 38.19 45.96 -11.05
CA PRO D 37 39.62 46.14 -10.74
C PRO D 37 39.99 45.67 -9.34
N TYR D 38 38.97 45.53 -8.49
CA TYR D 38 39.18 45.08 -7.13
C TYR D 38 38.72 43.63 -6.94
N SER D 39 38.81 42.84 -8.00
CA SER D 39 38.40 41.44 -7.94
C SER D 39 39.58 40.55 -7.61
N THR D 40 39.43 39.77 -6.55
CA THR D 40 40.47 38.85 -6.13
C THR D 40 40.66 37.76 -7.17
N VAL D 41 40.16 37.98 -8.37
CA VAL D 41 40.27 37.00 -9.44
C VAL D 41 41.59 37.09 -10.22
N GLN D 42 42.18 35.93 -10.51
CA GLN D 42 43.43 35.84 -11.26
C GLN D 42 43.17 36.19 -12.73
N PRO D 43 43.93 37.18 -13.25
CA PRO D 43 43.86 37.71 -14.63
C PRO D 43 43.70 36.69 -15.75
N ASP D 44 44.44 35.59 -15.67
CA ASP D 44 44.37 34.57 -16.71
C ASP D 44 43.00 33.97 -16.87
N TYR D 45 42.26 33.92 -15.77
CA TYR D 45 40.94 33.35 -15.80
C TYR D 45 39.94 34.47 -15.71
N LYS D 46 39.90 35.31 -16.75
CA LYS D 46 38.97 36.42 -16.74
C LYS D 46 37.90 36.26 -17.79
N GLY D 47 38.29 35.87 -18.99
CA GLY D 47 37.31 35.68 -20.04
C GLY D 47 36.25 34.71 -19.60
N ALA D 48 36.68 33.55 -19.11
CA ALA D 48 35.78 32.50 -18.65
C ALA D 48 34.83 32.98 -17.55
N VAL D 49 35.38 33.61 -16.52
CA VAL D 49 34.57 34.10 -15.43
C VAL D 49 33.60 35.18 -15.87
N SER D 50 34.03 36.05 -16.76
CA SER D 50 33.16 37.12 -17.23
C SER D 50 32.01 36.56 -18.06
N ALA D 51 32.23 35.40 -18.66
CA ALA D 51 31.20 34.76 -19.46
C ALA D 51 30.15 34.26 -18.48
N LEU D 52 30.59 33.74 -17.34
CA LEU D 52 29.69 33.26 -16.31
C LEU D 52 28.87 34.46 -15.79
N CYS D 53 29.54 35.60 -15.66
CA CYS D 53 28.90 36.82 -15.19
C CYS D 53 27.79 37.26 -16.13
N GLN D 54 28.05 37.24 -17.44
CA GLN D 54 27.03 37.64 -18.40
C GLN D 54 25.78 36.75 -18.33
N VAL D 55 25.99 35.45 -18.13
CA VAL D 55 24.88 34.51 -18.03
C VAL D 55 24.00 34.88 -16.84
N VAL D 56 24.62 35.03 -15.68
CA VAL D 56 23.89 35.36 -14.47
C VAL D 56 23.20 36.73 -14.56
N ASN D 57 23.87 37.72 -15.14
CA ASN D 57 23.27 39.05 -15.28
C ASN D 57 22.02 39.03 -16.15
N LYS D 58 21.95 38.09 -17.09
CA LYS D 58 20.77 37.99 -17.97
C LYS D 58 19.65 37.30 -17.21
N GLN D 59 20.00 36.31 -16.40
CA GLN D 59 18.99 35.59 -15.61
C GLN D 59 18.44 36.50 -14.54
N LEU D 60 19.26 37.45 -14.08
CA LEU D 60 18.82 38.42 -13.07
C LEU D 60 17.78 39.37 -13.66
N PHE D 61 18.04 39.83 -14.89
CA PHE D 61 17.13 40.74 -15.58
C PHE D 61 15.79 40.01 -15.74
N GLN D 62 15.87 38.78 -16.23
CA GLN D 62 14.67 37.96 -16.43
C GLN D 62 13.89 37.74 -15.12
N MET D 63 14.64 37.54 -14.03
CA MET D 63 14.02 37.33 -12.73
C MET D 63 13.17 38.52 -12.32
N VAL D 64 13.68 39.73 -12.55
CA VAL D 64 12.94 40.93 -12.22
C VAL D 64 11.63 41.00 -13.00
N GLU D 65 11.69 40.69 -14.28
CA GLU D 65 10.48 40.71 -15.10
C GLU D 65 9.53 39.59 -14.68
N TYR D 66 10.10 38.50 -14.18
CA TYR D 66 9.33 37.38 -13.69
C TYR D 66 8.49 37.83 -12.50
N ALA D 67 9.15 38.42 -11.51
CA ALA D 67 8.47 38.92 -10.31
C ALA D 67 7.43 39.97 -10.67
N ARG D 68 7.82 40.89 -11.56
CA ARG D 68 6.94 41.96 -12.01
C ARG D 68 5.59 41.43 -12.52
N MET D 69 5.60 40.20 -13.04
CA MET D 69 4.40 39.53 -13.56
C MET D 69 3.68 38.59 -12.57
N MET D 70 4.30 38.31 -11.41
CA MET D 70 3.70 37.43 -10.39
C MET D 70 2.57 38.08 -9.61
N PRO D 71 1.46 37.35 -9.43
CA PRO D 71 0.29 37.85 -8.70
C PRO D 71 0.61 38.76 -7.51
N HIS D 72 0.05 39.97 -7.55
CA HIS D 72 0.19 40.97 -6.49
C HIS D 72 1.56 41.56 -6.26
N PHE D 73 2.59 41.00 -6.89
CA PHE D 73 3.93 41.49 -6.69
C PHE D 73 4.03 42.98 -6.96
N ALA D 74 3.51 43.41 -8.11
CA ALA D 74 3.59 44.80 -8.49
C ALA D 74 2.79 45.84 -7.68
N GLN D 75 1.80 45.42 -6.89
CA GLN D 75 1.04 46.41 -6.12
C GLN D 75 1.65 46.75 -4.74
N VAL D 76 2.42 45.83 -4.16
CA VAL D 76 3.03 46.12 -2.87
C VAL D 76 4.02 47.23 -3.15
N PRO D 77 4.45 47.99 -2.12
CA PRO D 77 5.41 49.07 -2.36
C PRO D 77 6.75 48.63 -2.91
N LEU D 78 7.25 49.43 -3.86
CA LEU D 78 8.53 49.17 -4.50
C LEU D 78 9.57 48.72 -3.48
N ASP D 79 9.70 49.44 -2.38
CA ASP D 79 10.66 49.08 -1.37
C ASP D 79 10.54 47.61 -0.94
N ASP D 80 9.32 47.13 -0.79
CA ASP D 80 9.13 45.73 -0.41
C ASP D 80 9.56 44.89 -1.61
N GLN D 81 9.16 45.28 -2.81
CA GLN D 81 9.52 44.53 -4.01
C GLN D 81 11.02 44.38 -4.11
N VAL D 82 11.74 45.43 -3.75
CA VAL D 82 13.20 45.43 -3.79
C VAL D 82 13.76 44.45 -2.76
N ILE D 83 13.20 44.48 -1.55
CA ILE D 83 13.66 43.59 -0.50
C ILE D 83 13.41 42.12 -0.84
N LEU D 84 12.25 41.82 -1.44
CA LEU D 84 11.91 40.45 -1.81
C LEU D 84 12.91 39.89 -2.82
N LEU D 85 13.23 40.69 -3.83
CA LEU D 85 14.17 40.26 -4.86
C LEU D 85 15.58 40.08 -4.28
N LYS D 86 15.99 41.00 -3.41
CA LYS D 86 17.30 40.92 -2.80
C LYS D 86 17.47 39.67 -1.94
N ALA D 87 16.41 39.26 -1.26
CA ALA D 87 16.52 38.08 -0.41
C ALA D 87 16.38 36.77 -1.17
N ALA D 88 15.62 36.79 -2.26
CA ALA D 88 15.38 35.58 -3.03
C ALA D 88 16.25 35.23 -4.24
N TRP D 89 16.84 36.22 -4.92
CA TRP D 89 17.59 35.98 -6.16
C TRP D 89 18.51 34.78 -6.27
N ILE D 90 19.45 34.62 -5.33
CA ILE D 90 20.37 33.50 -5.39
C ILE D 90 19.64 32.15 -5.33
N GLU D 91 18.67 32.03 -4.43
CA GLU D 91 17.92 30.79 -4.32
C GLU D 91 17.13 30.48 -5.60
N LEU D 92 16.60 31.52 -6.23
CA LEU D 92 15.85 31.32 -7.45
C LEU D 92 16.77 30.83 -8.55
N LEU D 93 17.95 31.43 -8.67
CA LEU D 93 18.90 31.02 -9.71
C LEU D 93 19.36 29.57 -9.49
N ILE D 94 19.80 29.26 -8.27
CA ILE D 94 20.26 27.92 -7.95
C ILE D 94 19.17 26.85 -8.12
N ALA D 95 17.90 27.23 -7.91
CA ALA D 95 16.81 26.27 -8.09
C ALA D 95 16.75 25.90 -9.57
N ASN D 96 16.96 26.89 -10.43
CA ASN D 96 16.95 26.66 -11.87
C ASN D 96 18.13 25.81 -12.30
N VAL D 97 19.31 26.00 -11.71
CA VAL D 97 20.45 25.18 -12.11
C VAL D 97 20.25 23.74 -11.62
N ALA D 98 19.61 23.58 -10.46
CA ALA D 98 19.38 22.24 -9.92
C ALA D 98 18.52 21.47 -10.90
N TRP D 99 17.46 22.12 -11.35
CA TRP D 99 16.52 21.53 -12.30
C TRP D 99 17.18 21.21 -13.63
N CYS D 100 17.97 22.15 -14.16
CA CYS D 100 18.63 21.93 -15.43
C CYS D 100 19.56 20.73 -15.33
N SER D 101 20.48 20.78 -14.37
CA SER D 101 21.46 19.72 -14.15
C SER D 101 20.87 18.33 -14.02
N ILE D 102 19.59 18.22 -13.72
CA ILE D 102 18.96 16.91 -13.61
C ILE D 102 19.24 16.05 -14.84
N VAL D 103 19.32 16.68 -16.00
CA VAL D 103 19.56 15.96 -17.25
C VAL D 103 20.84 15.12 -17.22
N SER D 104 21.88 15.64 -16.57
CA SER D 104 23.17 14.94 -16.51
C SER D 104 23.20 13.77 -15.52
N LEU D 105 22.02 13.29 -15.10
CA LEU D 105 21.96 12.20 -14.14
C LEU D 105 21.31 10.94 -14.73
N GLN D 133 28.92 14.90 -12.37
CA GLN D 133 29.31 15.03 -13.77
C GLN D 133 29.29 16.49 -14.23
N GLN D 134 28.12 16.96 -14.66
CA GLN D 134 27.99 18.35 -15.13
C GLN D 134 26.90 19.14 -14.37
N LEU D 135 27.15 20.43 -14.24
CA LEU D 135 26.21 21.34 -13.61
C LEU D 135 25.76 22.31 -14.72
N PHE D 136 24.47 22.34 -15.02
CA PHE D 136 23.95 23.22 -16.06
C PHE D 136 23.38 24.53 -15.53
N LEU D 137 23.66 25.62 -16.24
CA LEU D 137 23.12 26.94 -15.88
C LEU D 137 21.98 27.23 -16.83
N ASN D 138 22.06 26.63 -18.00
CA ASN D 138 21.07 26.76 -19.07
C ASN D 138 20.85 25.36 -19.62
N GLN D 139 20.08 25.24 -20.70
CA GLN D 139 19.88 23.93 -21.28
C GLN D 139 21.14 23.63 -22.09
N SER D 140 22.00 24.64 -22.23
CA SER D 140 23.23 24.48 -22.98
C SER D 140 24.46 25.09 -22.33
N PHE D 141 24.31 25.87 -21.27
CA PHE D 141 25.48 26.43 -20.60
C PHE D 141 25.82 25.54 -19.38
N SER D 142 27.02 24.94 -19.38
CA SER D 142 27.38 24.04 -18.28
C SER D 142 28.86 23.93 -17.91
N TYR D 143 29.11 23.43 -16.71
CA TYR D 143 30.47 23.25 -16.21
C TYR D 143 30.76 21.83 -15.75
N HIS D 144 32.03 21.45 -15.89
CA HIS D 144 32.50 20.13 -15.46
C HIS D 144 33.21 20.28 -14.12
N ARG D 145 33.07 19.27 -13.27
CA ARG D 145 33.64 19.32 -11.95
C ARG D 145 35.08 19.88 -11.91
N ASN D 146 35.86 19.64 -12.94
CA ASN D 146 37.22 20.13 -13.00
C ASN D 146 37.24 21.65 -12.95
N SER D 147 36.33 22.29 -13.69
CA SER D 147 36.26 23.75 -13.71
C SER D 147 36.08 24.27 -12.28
N ALA D 148 35.14 23.66 -11.56
CA ALA D 148 34.85 24.04 -10.18
C ALA D 148 36.01 23.66 -9.28
N ILE D 149 36.71 22.59 -9.64
CA ILE D 149 37.87 22.11 -8.91
C ILE D 149 38.97 23.16 -8.83
N LYS D 150 39.37 23.69 -9.99
CA LYS D 150 40.44 24.68 -10.06
C LYS D 150 39.98 26.10 -9.74
N ALA D 151 38.68 26.30 -9.62
CA ALA D 151 38.16 27.63 -9.26
C ALA D 151 38.02 27.64 -7.75
N GLY D 152 38.05 26.44 -7.17
CA GLY D 152 37.94 26.31 -5.72
C GLY D 152 36.52 26.31 -5.20
N VAL D 153 35.61 25.77 -5.98
CA VAL D 153 34.21 25.74 -5.58
C VAL D 153 33.56 24.39 -5.80
N SER D 154 34.33 23.31 -5.64
CA SER D 154 33.81 21.96 -5.82
C SER D 154 32.85 21.59 -4.71
N ALA D 155 32.96 22.26 -3.57
CA ALA D 155 32.07 21.97 -2.45
C ALA D 155 30.64 22.30 -2.90
N ILE D 156 30.42 23.55 -3.31
CA ILE D 156 29.11 24.00 -3.78
C ILE D 156 28.63 23.14 -4.96
N PHE D 157 29.54 22.91 -5.89
CA PHE D 157 29.27 22.11 -7.08
C PHE D 157 28.59 20.81 -6.71
N ASP D 158 29.20 20.08 -5.77
CA ASP D 158 28.69 18.79 -5.34
C ASP D 158 27.37 18.78 -4.57
N ARG D 159 27.18 19.68 -3.61
CA ARG D 159 25.90 19.64 -2.89
C ARG D 159 24.72 20.13 -3.71
N ILE D 160 24.99 20.88 -4.78
CA ILE D 160 23.89 21.33 -5.63
C ILE D 160 23.32 20.08 -6.32
N LEU D 161 24.20 19.32 -6.96
CA LEU D 161 23.79 18.10 -7.64
C LEU D 161 23.32 17.05 -6.66
N SER D 162 24.08 16.91 -5.58
CA SER D 162 23.81 15.91 -4.55
C SER D 162 22.55 16.14 -3.72
N GLU D 163 22.46 17.32 -3.10
CA GLU D 163 21.34 17.67 -2.24
C GLU D 163 20.10 18.21 -2.93
N LEU D 164 20.24 18.72 -4.16
CA LEU D 164 19.09 19.26 -4.88
C LEU D 164 18.73 18.43 -6.11
N SER D 165 19.58 18.47 -7.13
CA SER D 165 19.32 17.71 -8.36
C SER D 165 18.97 16.23 -8.12
N VAL D 166 19.86 15.51 -7.45
CA VAL D 166 19.62 14.09 -7.19
C VAL D 166 18.31 13.85 -6.45
N LYS D 167 18.11 14.55 -5.34
CA LYS D 167 16.88 14.37 -4.59
C LYS D 167 15.64 14.79 -5.34
N MET D 168 15.75 15.77 -6.23
CA MET D 168 14.59 16.19 -7.01
C MET D 168 14.25 15.06 -7.97
N LYS D 169 15.27 14.55 -8.65
CA LYS D 169 15.08 13.44 -9.59
C LYS D 169 14.46 12.26 -8.83
N ARG D 170 15.07 11.93 -7.70
CA ARG D 170 14.61 10.83 -6.87
C ARG D 170 13.13 10.99 -6.51
N LEU D 171 12.67 12.25 -6.40
CA LEU D 171 11.29 12.53 -6.05
C LEU D 171 10.35 12.66 -7.26
N ASN D 172 10.93 12.68 -8.46
CA ASN D 172 10.12 12.82 -9.67
C ASN D 172 9.50 14.22 -9.67
N LEU D 173 10.29 15.21 -9.24
CA LEU D 173 9.82 16.59 -9.19
C LEU D 173 9.47 17.03 -10.61
N ASP D 174 8.30 17.65 -10.78
CA ASP D 174 7.92 18.11 -12.10
C ASP D 174 8.06 19.64 -12.20
N ARG D 175 8.09 20.17 -13.42
CA ARG D 175 8.26 21.60 -13.70
C ARG D 175 7.26 22.47 -12.97
N ARG D 176 5.99 22.07 -13.01
CA ARG D 176 4.98 22.83 -12.34
C ARG D 176 5.32 22.95 -10.86
N GLU D 177 5.78 21.86 -10.25
CA GLU D 177 6.11 21.89 -8.84
C GLU D 177 7.30 22.78 -8.57
N LEU D 178 8.31 22.72 -9.43
CA LEU D 178 9.48 23.59 -9.26
C LEU D 178 8.99 25.06 -9.24
N SER D 179 7.95 25.34 -10.01
CA SER D 179 7.38 26.69 -10.05
C SER D 179 6.80 27.05 -8.67
N CYS D 180 6.11 26.10 -8.05
CA CYS D 180 5.52 26.36 -6.74
C CYS D 180 6.60 26.62 -5.69
N LEU D 181 7.64 25.80 -5.68
CA LEU D 181 8.72 26.01 -4.72
C LEU D 181 9.36 27.39 -4.88
N LYS D 182 9.55 27.80 -6.13
CA LYS D 182 10.17 29.10 -6.41
C LYS D 182 9.28 30.28 -5.97
N ALA D 183 7.97 30.12 -6.07
CA ALA D 183 7.03 31.18 -5.66
C ALA D 183 7.06 31.31 -4.14
N ILE D 184 7.11 30.16 -3.47
CA ILE D 184 7.14 30.09 -2.01
C ILE D 184 8.36 30.90 -1.57
N ILE D 185 9.47 30.71 -2.29
CA ILE D 185 10.70 31.42 -2.01
C ILE D 185 10.53 32.93 -2.19
N LEU D 186 10.01 33.34 -3.35
CA LEU D 186 9.78 34.75 -3.63
C LEU D 186 8.92 35.42 -2.56
N TYR D 187 7.74 34.86 -2.31
CA TYR D 187 6.81 35.39 -1.31
C TYR D 187 7.26 35.12 0.11
N ASN D 188 8.33 35.78 0.54
CA ASN D 188 8.89 35.61 1.88
C ASN D 188 8.56 36.82 2.75
N PRO D 189 7.65 36.64 3.73
CA PRO D 189 7.23 37.71 4.65
C PRO D 189 8.09 37.97 5.87
N ASP D 190 9.09 37.13 6.11
CA ASP D 190 9.92 37.29 7.29
C ASP D 190 11.20 38.11 7.13
N ILE D 191 11.29 38.88 6.06
CA ILE D 191 12.50 39.68 5.85
C ILE D 191 12.40 41.00 6.60
N ARG D 192 13.52 41.39 7.18
CA ARG D 192 13.58 42.63 7.91
C ARG D 192 13.26 43.81 7.00
N GLY D 193 12.46 44.74 7.50
CA GLY D 193 12.13 45.92 6.72
C GLY D 193 10.88 45.89 5.87
N ILE D 194 10.32 44.71 5.66
CA ILE D 194 9.11 44.57 4.84
C ILE D 194 7.89 45.23 5.45
N LYS D 195 7.09 45.87 4.60
CA LYS D 195 5.88 46.55 5.05
C LYS D 195 4.63 45.68 4.97
N SER D 196 4.40 45.06 3.82
CA SER D 196 3.23 44.23 3.61
C SER D 196 3.38 42.73 3.91
N ARG D 197 3.75 42.40 5.15
CA ARG D 197 3.93 41.02 5.55
C ARG D 197 2.70 40.13 5.34
N ALA D 198 1.54 40.62 5.77
CA ALA D 198 0.30 39.86 5.65
C ALA D 198 -0.04 39.47 4.21
N GLU D 199 -0.06 40.46 3.32
CA GLU D 199 -0.37 40.23 1.91
C GLU D 199 0.63 39.29 1.26
N ILE D 200 1.89 39.40 1.64
CA ILE D 200 2.89 38.52 1.06
C ILE D 200 2.66 37.09 1.57
N GLU D 201 2.36 36.95 2.86
CA GLU D 201 2.09 35.64 3.46
C GLU D 201 0.89 34.97 2.80
N MET D 202 -0.13 35.77 2.52
CA MET D 202 -1.35 35.30 1.89
C MET D 202 -1.01 34.71 0.52
N CYS D 203 -0.06 35.35 -0.17
CA CYS D 203 0.41 34.91 -1.49
C CYS D 203 1.13 33.56 -1.37
N ARG D 204 1.99 33.42 -0.37
CA ARG D 204 2.68 32.18 -0.13
C ARG D 204 1.71 31.04 0.20
N GLU D 205 0.71 31.34 1.04
CA GLU D 205 -0.25 30.31 1.43
C GLU D 205 -1.11 29.84 0.27
N LYS D 206 -1.36 30.72 -0.69
CA LYS D 206 -2.16 30.33 -1.84
C LYS D 206 -1.34 29.40 -2.72
N VAL D 207 -0.02 29.56 -2.70
CA VAL D 207 0.86 28.69 -3.47
C VAL D 207 0.90 27.33 -2.77
N TYR D 208 0.85 27.34 -1.44
CA TYR D 208 0.83 26.09 -0.68
C TYR D 208 -0.39 25.27 -1.12
N ALA D 209 -1.56 25.90 -1.13
CA ALA D 209 -2.76 25.21 -1.54
C ALA D 209 -2.59 24.68 -2.97
N CYS D 210 -2.01 25.48 -3.86
CA CYS D 210 -1.81 25.03 -5.24
C CYS D 210 -0.89 23.81 -5.26
N LEU D 211 0.23 23.89 -4.57
CA LEU D 211 1.17 22.79 -4.52
C LEU D 211 0.51 21.53 -3.96
N ASP D 212 -0.21 21.67 -2.85
CA ASP D 212 -0.88 20.53 -2.24
C ASP D 212 -1.88 19.89 -3.22
N GLU D 213 -2.68 20.71 -3.86
CA GLU D 213 -3.67 20.21 -4.82
C GLU D 213 -3.01 19.43 -5.96
N HIS D 214 -1.98 20.03 -6.56
CA HIS D 214 -1.25 19.43 -7.69
C HIS D 214 -0.62 18.12 -7.30
N CYS D 215 0.21 18.20 -6.27
CA CYS D 215 0.95 17.08 -5.70
C CYS D 215 0.06 15.84 -5.48
N ARG D 216 -1.08 16.01 -4.80
CA ARG D 216 -1.94 14.88 -4.53
C ARG D 216 -2.81 14.48 -5.72
N LEU D 217 -2.61 15.14 -6.85
CA LEU D 217 -3.39 14.82 -8.04
C LEU D 217 -2.51 14.14 -9.09
N GLU D 218 -1.28 14.62 -9.25
CA GLU D 218 -0.39 14.03 -10.25
C GLU D 218 0.69 13.10 -9.70
N HIS D 219 0.85 13.09 -8.38
CA HIS D 219 1.84 12.23 -7.74
C HIS D 219 1.21 11.52 -6.54
N PRO D 220 0.14 10.76 -6.79
CA PRO D 220 -0.55 10.04 -5.72
C PRO D 220 0.27 8.82 -5.27
N GLY D 221 -0.10 8.30 -4.12
CA GLY D 221 0.60 7.15 -3.58
C GLY D 221 1.47 7.60 -2.45
N ASP D 222 1.22 8.81 -1.97
CA ASP D 222 2.06 9.32 -0.91
C ASP D 222 1.59 10.66 -0.36
N ASP D 223 0.94 10.61 0.80
CA ASP D 223 0.44 11.83 1.43
C ASP D 223 1.59 12.61 2.06
N GLY D 224 2.78 12.02 2.03
CA GLY D 224 3.93 12.68 2.62
C GLY D 224 4.73 13.46 1.59
N ARG D 225 4.29 13.44 0.34
CA ARG D 225 5.01 14.13 -0.73
C ARG D 225 5.15 15.63 -0.49
N PHE D 226 4.03 16.30 -0.24
CA PHE D 226 4.00 17.75 0.01
C PHE D 226 5.08 18.17 1.00
N ALA D 227 5.10 17.54 2.17
CA ALA D 227 6.08 17.83 3.21
C ALA D 227 7.52 17.53 2.74
N GLN D 228 7.72 16.46 1.98
CA GLN D 228 9.04 16.13 1.46
C GLN D 228 9.56 17.18 0.48
N LEU D 229 8.67 17.65 -0.41
CA LEU D 229 9.07 18.64 -1.40
C LEU D 229 9.56 19.88 -0.69
N LEU D 230 8.89 20.26 0.39
CA LEU D 230 9.27 21.45 1.13
C LEU D 230 10.60 21.31 1.83
N LEU D 231 11.01 20.09 2.13
CA LEU D 231 12.30 19.85 2.78
C LEU D 231 13.50 20.33 1.94
N ARG D 232 13.30 20.43 0.64
CA ARG D 232 14.39 20.90 -0.23
C ARG D 232 14.71 22.38 -0.02
N LEU D 233 13.74 23.15 0.48
CA LEU D 233 13.94 24.58 0.69
C LEU D 233 15.10 24.95 1.63
N PRO D 234 15.18 24.31 2.80
CA PRO D 234 16.27 24.62 3.73
C PRO D 234 17.63 24.33 3.09
N ALA D 235 17.69 23.26 2.31
CA ALA D 235 18.93 22.90 1.65
C ALA D 235 19.28 23.99 0.65
N LEU D 236 18.26 24.44 -0.06
CA LEU D 236 18.46 25.47 -1.07
C LEU D 236 19.00 26.73 -0.41
N ARG D 237 18.41 27.13 0.72
CA ARG D 237 18.85 28.33 1.42
C ARG D 237 20.29 28.23 1.90
N SER D 238 20.63 27.10 2.50
CA SER D 238 21.99 26.90 3.00
C SER D 238 23.02 27.01 1.88
N ILE D 239 22.82 26.29 0.78
CA ILE D 239 23.73 26.32 -0.36
C ILE D 239 23.82 27.74 -0.93
N SER D 240 22.66 28.37 -1.03
CA SER D 240 22.55 29.73 -1.54
C SER D 240 23.38 30.72 -0.71
N LEU D 241 23.43 30.52 0.61
CA LEU D 241 24.20 31.42 1.47
C LEU D 241 25.70 31.24 1.20
N LYS D 242 26.12 30.03 0.87
CA LYS D 242 27.54 29.76 0.57
C LYS D 242 27.92 30.40 -0.77
N CYS D 243 27.04 30.29 -1.75
CA CYS D 243 27.27 30.90 -3.05
C CYS D 243 27.53 32.38 -2.83
N GLN D 244 26.71 33.00 -1.99
CA GLN D 244 26.89 34.41 -1.70
C GLN D 244 28.30 34.65 -1.21
N ASP D 245 28.73 33.83 -0.26
CA ASP D 245 30.06 33.96 0.31
C ASP D 245 31.17 33.99 -0.74
N HIS D 246 31.06 33.17 -1.77
CA HIS D 246 32.06 33.15 -2.82
C HIS D 246 32.08 34.43 -3.65
N LEU D 247 30.89 34.97 -3.92
CA LEU D 247 30.79 36.21 -4.68
C LEU D 247 31.55 37.34 -4.02
N PHE D 248 31.29 37.55 -2.73
CA PHE D 248 31.94 38.62 -1.99
C PHE D 248 33.45 38.40 -1.79
N LEU D 249 33.82 37.16 -1.52
CA LEU D 249 35.21 36.80 -1.31
C LEU D 249 36.03 37.16 -2.56
N PHE D 250 35.48 36.86 -3.73
CA PHE D 250 36.16 37.13 -5.00
C PHE D 250 36.04 38.58 -5.48
N ARG D 251 35.01 39.27 -5.02
CA ARG D 251 34.79 40.67 -5.39
C ARG D 251 34.47 40.92 -6.89
N ILE D 252 33.66 40.05 -7.47
CA ILE D 252 33.23 40.18 -8.86
C ILE D 252 31.84 40.79 -8.94
N THR D 253 31.48 41.55 -7.91
CA THR D 253 30.17 42.19 -7.87
C THR D 253 30.31 43.69 -8.10
N SER D 254 29.22 44.31 -8.53
CA SER D 254 29.19 45.74 -8.81
C SER D 254 29.43 46.61 -7.60
N ASP D 255 29.94 47.81 -7.87
CA ASP D 255 30.23 48.82 -6.86
C ASP D 255 28.91 49.44 -6.40
N ARG D 256 27.88 49.24 -7.21
CA ARG D 256 26.55 49.74 -6.92
C ARG D 256 25.78 48.65 -6.20
N PRO D 257 25.04 49.02 -5.14
CA PRO D 257 24.25 48.04 -4.38
C PRO D 257 23.12 47.48 -5.22
N LEU D 258 22.98 46.15 -5.21
CA LEU D 258 21.97 45.45 -5.97
C LEU D 258 20.58 46.07 -5.80
N GLU D 259 20.28 46.54 -4.59
CA GLU D 259 18.99 47.17 -4.31
C GLU D 259 18.68 48.23 -5.38
N GLU D 260 19.66 49.09 -5.63
CA GLU D 260 19.51 50.14 -6.62
C GLU D 260 19.23 49.59 -8.02
N LEU D 261 19.97 48.58 -8.43
CA LEU D 261 19.78 47.99 -9.75
C LEU D 261 18.35 47.43 -9.90
N PHE D 262 17.85 46.76 -8.86
CA PHE D 262 16.49 46.20 -8.88
C PHE D 262 15.47 47.34 -8.97
N LEU D 263 15.66 48.35 -8.12
CA LEU D 263 14.77 49.50 -8.07
C LEU D 263 14.67 50.19 -9.44
N GLU D 264 15.81 50.31 -10.10
CA GLU D 264 15.85 50.96 -11.39
C GLU D 264 15.14 50.17 -12.50
N GLN D 265 15.28 48.84 -12.49
CA GLN D 265 14.59 48.08 -13.51
C GLN D 265 13.09 48.09 -13.22
N LEU D 266 12.72 47.98 -11.95
CA LEU D 266 11.31 47.99 -11.59
C LEU D 266 10.63 49.30 -11.97
N GLU D 267 11.31 50.42 -11.72
CA GLU D 267 10.76 51.73 -12.04
C GLU D 267 10.71 52.02 -13.54
N ALA D 268 11.36 51.18 -14.35
CA ALA D 268 11.32 51.37 -15.80
C ALA D 268 10.27 50.47 -16.43
N PRO D 269 9.88 50.73 -17.68
CA PRO D 269 8.87 49.89 -18.32
C PRO D 269 9.45 48.53 -18.71
N PRO D 270 8.59 47.51 -18.84
CA PRO D 270 9.13 46.21 -19.23
C PRO D 270 9.48 46.17 -20.70
N PRO D 271 10.28 45.16 -21.13
CA PRO D 271 10.66 45.01 -22.53
C PRO D 271 9.34 44.77 -23.29
N PRO D 272 9.37 44.34 -24.56
CA PRO D 272 8.06 44.15 -25.22
C PRO D 272 6.95 43.67 -24.27
N GLY D 273 7.23 42.59 -23.55
CA GLY D 273 6.26 42.04 -22.61
C GLY D 273 5.75 43.04 -21.60
N PHE E 9 6.18 -48.23 7.38
CA PHE E 9 5.07 -48.49 6.42
C PHE E 9 5.23 -49.89 5.85
N SER E 10 4.59 -50.87 6.48
CA SER E 10 4.66 -52.26 6.07
C SER E 10 3.39 -53.00 6.45
N ILE E 11 3.21 -54.20 5.90
CA ILE E 11 2.03 -54.98 6.21
C ILE E 11 1.84 -55.04 7.71
N GLU E 12 2.95 -55.23 8.42
CA GLU E 12 2.94 -55.32 9.88
C GLU E 12 2.36 -54.05 10.52
N ARG E 13 2.63 -52.92 9.88
CA ARG E 13 2.13 -51.64 10.36
C ARG E 13 0.64 -51.51 10.09
N ILE E 14 0.20 -52.15 9.00
CA ILE E 14 -1.20 -52.11 8.59
C ILE E 14 -2.03 -53.14 9.36
N ILE E 15 -1.41 -54.28 9.66
CA ILE E 15 -2.08 -55.33 10.42
C ILE E 15 -2.37 -54.81 11.82
N GLU E 16 -1.38 -54.16 12.43
CA GLU E 16 -1.52 -53.65 13.78
C GLU E 16 -2.71 -52.70 13.91
N ALA E 17 -2.91 -51.86 12.90
CA ALA E 17 -4.02 -50.91 12.91
C ALA E 17 -5.35 -51.63 12.94
N GLU E 18 -5.52 -52.61 12.07
CA GLU E 18 -6.76 -53.37 12.01
C GLU E 18 -7.04 -54.05 13.34
N GLN E 19 -6.08 -54.84 13.79
CA GLN E 19 -6.22 -55.58 15.03
C GLN E 19 -6.52 -54.72 16.24
N ARG E 20 -5.74 -53.66 16.43
CA ARG E 20 -5.98 -52.78 17.56
C ARG E 20 -7.34 -52.08 17.49
N ALA E 21 -7.73 -51.65 16.30
CA ALA E 21 -9.02 -50.98 16.14
C ALA E 21 -10.15 -51.94 16.50
N GLU E 22 -9.93 -53.22 16.23
CA GLU E 22 -10.93 -54.25 16.50
C GLU E 22 -11.09 -54.62 17.98
N THR E 23 -10.09 -54.36 18.80
CA THR E 23 -10.19 -54.72 20.20
C THR E 23 -10.24 -53.62 21.22
N GLN E 24 -9.79 -52.42 20.87
CA GLN E 24 -9.76 -51.30 21.82
C GLN E 24 -10.94 -50.35 21.84
N CYS E 25 -11.92 -50.53 20.95
CA CYS E 25 -13.04 -49.63 20.91
C CYS E 25 -14.20 -50.07 21.80
N GLY E 26 -14.10 -51.29 22.32
CA GLY E 26 -15.17 -51.79 23.16
C GLY E 26 -16.51 -51.85 22.44
N ASP E 27 -17.52 -51.26 23.06
CA ASP E 27 -18.86 -51.27 22.49
C ASP E 27 -19.21 -49.93 21.85
N ARG E 28 -18.20 -49.05 21.76
CA ARG E 28 -18.39 -47.74 21.17
C ARG E 28 -18.94 -47.90 19.75
N ALA E 29 -19.73 -46.94 19.29
CA ALA E 29 -20.31 -47.06 17.98
C ALA E 29 -20.70 -45.75 17.28
N LEU E 30 -20.62 -45.79 15.96
CA LEU E 30 -21.02 -44.65 15.13
C LEU E 30 -22.47 -45.01 14.80
N THR E 31 -23.42 -44.21 15.27
CA THR E 31 -24.82 -44.51 15.04
C THR E 31 -25.44 -44.04 13.72
N PHE E 32 -25.08 -44.71 12.63
CA PHE E 32 -25.59 -44.36 11.31
C PHE E 32 -26.85 -45.17 10.98
N LEU E 33 -26.90 -46.42 11.42
CA LEU E 33 -28.06 -47.28 11.16
C LEU E 33 -29.02 -47.42 12.34
N ARG E 34 -30.31 -47.36 12.05
CA ARG E 34 -31.35 -47.50 13.10
C ARG E 34 -32.70 -47.77 12.44
N VAL E 35 -33.54 -48.56 13.08
CA VAL E 35 -34.86 -48.85 12.51
C VAL E 35 -35.76 -47.62 12.56
N GLY E 36 -36.15 -47.18 13.75
CA GLY E 36 -36.97 -45.99 13.81
C GLY E 36 -38.42 -46.16 13.37
N PRO E 37 -39.31 -45.28 13.82
CA PRO E 37 -40.74 -45.33 13.49
C PRO E 37 -41.14 -45.38 12.01
N TYR E 38 -40.30 -44.87 11.11
CA TYR E 38 -40.73 -44.90 9.72
C TYR E 38 -39.92 -45.75 8.75
N SER E 39 -39.17 -46.71 9.29
CA SER E 39 -38.39 -47.61 8.45
C SER E 39 -39.33 -48.58 7.75
N THR E 40 -38.81 -49.24 6.71
CA THR E 40 -39.62 -50.19 5.95
C THR E 40 -39.31 -51.59 6.45
N VAL E 41 -39.50 -51.79 7.74
CA VAL E 41 -39.27 -53.08 8.39
C VAL E 41 -40.48 -53.41 9.24
N GLN E 42 -41.10 -54.56 8.98
CA GLN E 42 -42.27 -54.97 9.75
C GLN E 42 -41.87 -55.09 11.20
N PRO E 43 -42.78 -54.71 12.11
CA PRO E 43 -42.54 -54.76 13.56
C PRO E 43 -41.99 -56.07 14.11
N ASP E 44 -42.32 -57.20 13.47
CA ASP E 44 -41.85 -58.49 13.94
C ASP E 44 -40.36 -58.68 13.70
N TYR E 45 -39.81 -57.92 12.74
CA TYR E 45 -38.39 -58.02 12.47
C TYR E 45 -37.59 -56.79 12.87
N LYS E 46 -38.25 -55.76 13.39
CA LYS E 46 -37.52 -54.56 13.78
C LYS E 46 -36.39 -54.90 14.73
N GLY E 47 -36.67 -55.74 15.72
CA GLY E 47 -35.65 -56.13 16.66
C GLY E 47 -34.45 -56.72 15.94
N ALA E 48 -34.71 -57.69 15.06
CA ALA E 48 -33.67 -58.36 14.30
C ALA E 48 -32.85 -57.39 13.45
N VAL E 49 -33.53 -56.52 12.69
CA VAL E 49 -32.83 -55.56 11.84
C VAL E 49 -32.01 -54.58 12.68
N SER E 50 -32.56 -54.15 13.82
CA SER E 50 -31.85 -53.18 14.65
C SER E 50 -30.61 -53.81 15.25
N ALA E 51 -30.63 -55.13 15.40
CA ALA E 51 -29.47 -55.84 15.94
C ALA E 51 -28.37 -55.79 14.87
N LEU E 52 -28.78 -55.92 13.61
CA LEU E 52 -27.84 -55.86 12.50
C LEU E 52 -27.25 -54.46 12.46
N CYS E 53 -28.10 -53.48 12.72
CA CYS E 53 -27.68 -52.08 12.73
C CYS E 53 -26.60 -51.83 13.78
N GLN E 54 -26.80 -52.34 14.98
CA GLN E 54 -25.84 -52.16 16.06
C GLN E 54 -24.47 -52.76 15.72
N VAL E 55 -24.48 -53.91 15.07
CA VAL E 55 -23.24 -54.56 14.65
C VAL E 55 -22.46 -53.67 13.68
N VAL E 56 -23.15 -53.21 12.63
CA VAL E 56 -22.51 -52.37 11.63
C VAL E 56 -22.04 -51.04 12.23
N ASN E 57 -22.85 -50.44 13.10
CA ASN E 57 -22.45 -49.16 13.71
C ASN E 57 -21.18 -49.29 14.54
N LYS E 58 -20.93 -50.47 15.12
CA LYS E 58 -19.73 -50.68 15.91
C LYS E 58 -18.53 -50.89 14.98
N GLN E 59 -18.76 -51.58 13.86
CA GLN E 59 -17.68 -51.81 12.91
C GLN E 59 -17.31 -50.50 12.23
N LEU E 60 -18.28 -49.58 12.12
CA LEU E 60 -18.03 -48.28 11.51
C LEU E 60 -17.13 -47.43 12.44
N PHE E 61 -17.43 -47.47 13.74
CA PHE E 61 -16.64 -46.75 14.71
C PHE E 61 -15.20 -47.25 14.64
N GLN E 62 -15.06 -48.58 14.63
CA GLN E 62 -13.75 -49.22 14.57
C GLN E 62 -13.01 -48.84 13.30
N MET E 63 -13.75 -48.73 12.19
CA MET E 63 -13.16 -48.37 10.91
C MET E 63 -12.49 -47.00 10.97
N VAL E 64 -13.18 -46.06 11.59
CA VAL E 64 -12.65 -44.71 11.73
C VAL E 64 -11.34 -44.73 12.51
N GLU E 65 -11.29 -45.48 13.60
CA GLU E 65 -10.07 -45.56 14.41
C GLU E 65 -8.98 -46.31 13.65
N TYR E 66 -9.40 -47.23 12.79
CA TYR E 66 -8.47 -47.99 11.96
C TYR E 66 -7.76 -47.02 11.02
N ALA E 67 -8.54 -46.21 10.30
CA ALA E 67 -7.99 -45.24 9.36
C ALA E 67 -7.12 -44.21 10.07
N ARG E 68 -7.57 -43.72 11.21
CA ARG E 68 -6.77 -42.75 11.95
C ARG E 68 -5.34 -43.27 12.21
N MET E 69 -5.21 -44.58 12.46
CA MET E 69 -3.90 -45.19 12.72
C MET E 69 -3.12 -45.61 11.47
N MET E 70 -3.74 -45.52 10.31
CA MET E 70 -3.08 -45.92 9.06
C MET E 70 -2.03 -44.90 8.59
N PRO E 71 -0.90 -45.39 8.10
CA PRO E 71 0.18 -44.52 7.62
C PRO E 71 -0.28 -43.30 6.84
N HIS E 72 0.13 -42.13 7.32
CA HIS E 72 -0.16 -40.84 6.69
C HIS E 72 -1.62 -40.41 6.63
N PHE E 73 -2.53 -41.30 7.02
CA PHE E 73 -3.93 -40.95 6.93
C PHE E 73 -4.26 -39.67 7.69
N ALA E 74 -3.83 -39.59 8.94
CA ALA E 74 -4.14 -38.42 9.78
C ALA E 74 -3.45 -37.10 9.36
N GLN E 75 -2.52 -37.16 8.41
CA GLN E 75 -1.83 -35.95 7.96
C GLN E 75 -2.59 -35.16 6.87
N VAL E 76 -3.23 -35.87 5.92
CA VAL E 76 -3.94 -35.17 4.86
C VAL E 76 -5.11 -34.39 5.47
N PRO E 77 -5.58 -33.33 4.79
CA PRO E 77 -6.69 -32.55 5.35
C PRO E 77 -7.94 -33.35 5.72
N LEU E 78 -8.62 -32.91 6.76
CA LEU E 78 -9.82 -33.57 7.22
C LEU E 78 -10.84 -33.82 6.12
N ASP E 79 -11.07 -32.82 5.29
CA ASP E 79 -12.04 -32.94 4.20
C ASP E 79 -11.72 -34.22 3.40
N ASP E 80 -10.44 -34.45 3.15
CA ASP E 80 -9.98 -35.63 2.40
C ASP E 80 -10.16 -36.90 3.24
N GLN E 81 -9.90 -36.83 4.55
CA GLN E 81 -10.08 -38.01 5.40
C GLN E 81 -11.54 -38.42 5.39
N VAL E 82 -12.42 -37.43 5.43
CA VAL E 82 -13.85 -37.68 5.42
C VAL E 82 -14.30 -38.30 4.10
N ILE E 83 -13.77 -37.79 3.00
CA ILE E 83 -14.13 -38.31 1.68
C ILE E 83 -13.64 -39.74 1.48
N LEU E 84 -12.44 -40.05 1.95
CA LEU E 84 -11.88 -41.40 1.82
C LEU E 84 -12.74 -42.42 2.58
N LEU E 85 -13.17 -42.05 3.79
CA LEU E 85 -14.00 -42.96 4.57
C LEU E 85 -15.38 -43.14 3.94
N LYS E 86 -15.94 -42.06 3.43
CA LYS E 86 -17.25 -42.12 2.81
C LYS E 86 -17.26 -43.00 1.56
N ALA E 87 -16.14 -43.00 0.86
CA ALA E 87 -16.02 -43.79 -0.35
C ALA E 87 -15.64 -45.25 -0.08
N ALA E 88 -14.91 -45.51 1.00
CA ALA E 88 -14.48 -46.89 1.26
C ALA E 88 -15.23 -47.75 2.28
N TRP E 89 -16.03 -47.14 3.16
CA TRP E 89 -16.68 -47.91 4.22
C TRP E 89 -17.40 -49.20 3.88
N ILE E 90 -18.32 -49.17 2.93
CA ILE E 90 -19.07 -50.38 2.56
C ILE E 90 -18.15 -51.48 2.04
N GLU E 91 -17.20 -51.12 1.20
CA GLU E 91 -16.27 -52.10 0.67
C GLU E 91 -15.41 -52.72 1.76
N LEU E 92 -15.04 -51.91 2.74
CA LEU E 92 -14.21 -52.40 3.83
C LEU E 92 -15.00 -53.39 4.68
N LEU E 93 -16.26 -53.06 4.95
CA LEU E 93 -17.09 -53.96 5.77
C LEU E 93 -17.33 -55.27 5.05
N ILE E 94 -17.74 -55.20 3.78
CA ILE E 94 -18.00 -56.40 2.99
C ILE E 94 -16.77 -57.28 2.80
N ALA E 95 -15.57 -56.66 2.77
CA ALA E 95 -14.36 -57.44 2.62
C ALA E 95 -14.19 -58.27 3.89
N ASN E 96 -14.54 -57.70 5.03
CA ASN E 96 -14.43 -58.43 6.30
C ASN E 96 -15.44 -59.56 6.38
N VAL E 97 -16.65 -59.36 5.85
CA VAL E 97 -17.65 -60.43 5.92
C VAL E 97 -17.24 -61.53 4.95
N ALA E 98 -16.64 -61.13 3.84
CA ALA E 98 -16.20 -62.07 2.82
C ALA E 98 -15.15 -62.97 3.45
N TRP E 99 -14.22 -62.37 4.18
CA TRP E 99 -13.16 -63.12 4.85
C TRP E 99 -13.70 -64.10 5.87
N CYS E 100 -14.46 -63.57 6.82
CA CYS E 100 -15.06 -64.38 7.88
C CYS E 100 -15.93 -65.49 7.35
N SER E 101 -16.54 -65.27 6.19
CA SER E 101 -17.43 -66.28 5.62
C SER E 101 -16.74 -67.49 4.98
N ILE E 102 -15.44 -67.39 4.70
CA ILE E 102 -14.71 -68.51 4.11
C ILE E 102 -14.80 -69.73 5.04
N VAL E 103 -14.81 -69.45 6.34
CA VAL E 103 -14.88 -70.48 7.37
C VAL E 103 -16.07 -71.45 7.18
N SER E 104 -17.11 -70.99 6.46
CA SER E 104 -18.29 -71.82 6.26
C SER E 104 -18.23 -72.67 4.99
N LEU E 105 -17.31 -72.34 4.09
CA LEU E 105 -17.19 -73.08 2.85
C LEU E 105 -16.41 -74.39 3.08
N GLN E 131 -24.18 -74.48 -3.31
CA GLN E 131 -24.51 -73.09 -3.01
C GLN E 131 -24.35 -72.81 -1.52
N PRO E 132 -23.35 -71.99 -1.16
CA PRO E 132 -23.12 -71.65 0.26
C PRO E 132 -24.38 -71.09 0.91
N GLN E 133 -24.59 -71.45 2.17
CA GLN E 133 -25.80 -71.00 2.85
C GLN E 133 -25.60 -70.15 4.11
N GLN E 134 -24.37 -69.72 4.38
CA GLN E 134 -24.08 -68.94 5.58
C GLN E 134 -23.16 -67.73 5.34
N LEU E 135 -23.46 -66.62 6.02
CA LEU E 135 -22.69 -65.39 5.87
C LEU E 135 -22.38 -64.80 7.24
N PHE E 136 -21.10 -64.69 7.56
CA PHE E 136 -20.67 -64.15 8.87
C PHE E 136 -20.30 -62.67 8.83
N LEU E 137 -20.74 -61.94 9.86
CA LEU E 137 -20.43 -60.53 10.01
C LEU E 137 -19.31 -60.40 11.03
N ASN E 138 -19.25 -61.39 11.92
CA ASN E 138 -18.26 -61.48 12.99
C ASN E 138 -17.78 -62.93 12.99
N GLN E 139 -16.86 -63.25 13.88
CA GLN E 139 -16.41 -64.62 13.93
C GLN E 139 -17.54 -65.41 14.59
N SER E 140 -18.62 -64.72 14.95
CA SER E 140 -19.75 -65.35 15.62
C SER E 140 -21.17 -64.87 15.23
N PHE E 141 -21.25 -63.69 14.60
CA PHE E 141 -22.57 -63.17 14.20
C PHE E 141 -22.80 -63.50 12.72
N SER E 142 -23.77 -64.36 12.43
CA SER E 142 -24.00 -64.72 11.04
C SER E 142 -25.45 -64.94 10.65
N TYR E 143 -25.66 -65.13 9.36
CA TYR E 143 -26.99 -65.37 8.78
C TYR E 143 -26.97 -66.53 7.81
N HIS E 144 -28.10 -67.23 7.73
CA HIS E 144 -28.26 -68.33 6.80
C HIS E 144 -29.12 -67.84 5.64
N ARG E 145 -28.77 -68.26 4.44
CA ARG E 145 -29.45 -67.85 3.22
C ARG E 145 -30.95 -67.60 3.33
N ASN E 146 -31.63 -68.44 4.10
CA ASN E 146 -33.08 -68.35 4.30
C ASN E 146 -33.50 -66.95 4.76
N SER E 147 -32.65 -66.29 5.54
CA SER E 147 -32.94 -64.95 6.05
C SER E 147 -32.83 -63.94 4.92
N ALA E 148 -31.81 -64.12 4.08
CA ALA E 148 -31.60 -63.24 2.94
C ALA E 148 -32.83 -63.24 2.05
N ILE E 149 -33.43 -64.42 1.89
CA ILE E 149 -34.61 -64.57 1.03
C ILE E 149 -35.81 -63.78 1.55
N LYS E 150 -36.02 -63.77 2.87
CA LYS E 150 -37.15 -63.03 3.42
C LYS E 150 -36.85 -61.54 3.42
N ALA E 151 -35.57 -61.21 3.53
CA ALA E 151 -35.16 -59.81 3.55
C ALA E 151 -35.21 -59.21 2.15
N GLY E 152 -35.06 -60.06 1.14
CA GLY E 152 -35.09 -59.61 -0.24
C GLY E 152 -33.71 -59.32 -0.76
N VAL E 153 -32.69 -59.90 -0.12
CA VAL E 153 -31.33 -59.66 -0.54
C VAL E 153 -30.54 -60.93 -0.85
N SER E 154 -31.20 -61.94 -1.41
CA SER E 154 -30.51 -63.18 -1.72
C SER E 154 -29.45 -62.97 -2.79
N ALA E 155 -29.72 -62.05 -3.71
CA ALA E 155 -28.77 -61.76 -4.78
C ALA E 155 -27.43 -61.41 -4.16
N ILE E 156 -27.43 -60.31 -3.38
CA ILE E 156 -26.27 -59.81 -2.67
C ILE E 156 -25.56 -60.96 -1.94
N PHE E 157 -26.34 -61.64 -1.10
CA PHE E 157 -25.88 -62.78 -0.33
C PHE E 157 -25.07 -63.74 -1.23
N ASP E 158 -25.73 -64.25 -2.26
CA ASP E 158 -25.10 -65.17 -3.19
C ASP E 158 -23.80 -64.68 -3.80
N ARG E 159 -23.81 -63.51 -4.43
CA ARG E 159 -22.57 -63.05 -5.04
C ARG E 159 -21.50 -62.69 -4.04
N ILE E 160 -21.88 -62.37 -2.80
CA ILE E 160 -20.84 -62.09 -1.80
C ILE E 160 -20.08 -63.40 -1.55
N LEU E 161 -20.80 -64.50 -1.51
CA LEU E 161 -20.16 -65.78 -1.27
C LEU E 161 -19.57 -66.36 -2.53
N SER E 162 -20.30 -66.27 -3.63
CA SER E 162 -19.85 -66.78 -4.92
C SER E 162 -18.67 -65.99 -5.49
N GLU E 163 -18.76 -64.66 -5.48
CA GLU E 163 -17.68 -63.81 -6.03
C GLU E 163 -16.52 -63.47 -5.12
N LEU E 164 -16.71 -63.54 -3.81
CA LEU E 164 -15.63 -63.16 -2.90
C LEU E 164 -15.11 -64.29 -2.03
N SER E 165 -15.92 -64.74 -1.08
CA SER E 165 -15.50 -65.83 -0.19
C SER E 165 -14.93 -67.05 -0.91
N VAL E 166 -15.72 -67.63 -1.81
CA VAL E 166 -15.28 -68.81 -2.55
C VAL E 166 -13.98 -68.57 -3.30
N LYS E 167 -13.91 -67.51 -4.07
CA LYS E 167 -12.70 -67.22 -4.82
C LYS E 167 -11.50 -66.90 -3.93
N MET E 168 -11.74 -66.32 -2.76
CA MET E 168 -10.62 -66.03 -1.86
C MET E 168 -10.08 -67.37 -1.35
N LYS E 169 -10.99 -68.24 -0.92
CA LYS E 169 -10.60 -69.55 -0.42
C LYS E 169 -9.83 -70.27 -1.53
N ARG E 170 -10.43 -70.29 -2.71
CA ARG E 170 -9.83 -70.94 -3.87
C ARG E 170 -8.41 -70.43 -4.12
N LEU E 171 -8.15 -69.17 -3.77
CA LEU E 171 -6.84 -68.56 -3.95
C LEU E 171 -5.90 -68.73 -2.76
N ASN E 172 -6.42 -69.22 -1.64
CA ASN E 172 -5.63 -69.38 -0.44
C ASN E 172 -5.24 -68.00 0.07
N LEU E 173 -6.17 -67.06 -0.02
CA LEU E 173 -5.93 -65.69 0.44
C LEU E 173 -5.60 -65.73 1.94
N ASP E 174 -4.53 -65.05 2.33
CA ASP E 174 -4.18 -65.02 3.75
C ASP E 174 -4.54 -63.65 4.37
N ARG E 175 -4.65 -63.61 5.69
CA ARG E 175 -5.02 -62.42 6.46
C ARG E 175 -4.15 -61.19 6.24
N ARG E 176 -2.86 -61.38 6.04
CA ARG E 176 -2.03 -60.22 5.78
C ARG E 176 -2.37 -59.62 4.41
N GLU E 177 -2.77 -60.49 3.49
CA GLU E 177 -3.12 -60.08 2.15
C GLU E 177 -4.47 -59.38 2.13
N LEU E 178 -5.40 -59.85 2.97
CA LEU E 178 -6.71 -59.22 3.08
C LEU E 178 -6.46 -57.80 3.60
N SER E 179 -5.37 -57.61 4.33
CA SER E 179 -5.02 -56.30 4.85
C SER E 179 -4.56 -55.38 3.74
N CYS E 180 -3.76 -55.91 2.80
CA CYS E 180 -3.26 -55.13 1.69
C CYS E 180 -4.39 -54.68 0.78
N LEU E 181 -5.32 -55.60 0.45
CA LEU E 181 -6.42 -55.25 -0.41
C LEU E 181 -7.27 -54.13 0.21
N LYS E 182 -7.48 -54.21 1.52
CA LYS E 182 -8.28 -53.22 2.23
C LYS E 182 -7.61 -51.86 2.27
N ALA E 183 -6.30 -51.84 2.48
CA ALA E 183 -5.56 -50.56 2.51
C ALA E 183 -5.65 -49.89 1.13
N ILE E 184 -5.51 -50.72 0.09
CA ILE E 184 -5.58 -50.31 -1.30
C ILE E 184 -6.91 -49.60 -1.54
N ILE E 185 -7.97 -50.17 -0.98
CA ILE E 185 -9.29 -49.60 -1.09
C ILE E 185 -9.34 -48.23 -0.40
N LEU E 186 -8.87 -48.18 0.84
CA LEU E 186 -8.84 -46.95 1.61
C LEU E 186 -8.13 -45.82 0.86
N TYR E 187 -6.90 -46.08 0.44
CA TYR E 187 -6.09 -45.09 -0.27
C TYR E 187 -6.54 -44.91 -1.72
N ASN E 188 -7.71 -44.31 -1.89
CA ASN E 188 -8.28 -44.09 -3.22
C ASN E 188 -8.18 -42.61 -3.62
N PRO E 189 -7.28 -42.29 -4.57
CA PRO E 189 -7.05 -40.92 -5.05
C PRO E 189 -7.97 -40.40 -6.14
N ASP E 190 -8.85 -41.25 -6.67
CA ASP E 190 -9.74 -40.82 -7.74
C ASP E 190 -11.11 -40.32 -7.33
N ILE E 191 -11.29 -39.97 -6.07
CA ILE E 191 -12.59 -39.50 -5.62
C ILE E 191 -12.71 -38.02 -5.87
N ARG E 192 -13.87 -37.61 -6.36
CA ARG E 192 -14.14 -36.21 -6.63
C ARG E 192 -14.03 -35.41 -5.32
N GLY E 193 -13.37 -34.26 -5.40
CA GLY E 193 -13.22 -33.39 -4.23
C GLY E 193 -11.95 -33.52 -3.42
N ILE E 194 -11.21 -34.60 -3.62
CA ILE E 194 -9.98 -34.83 -2.88
C ILE E 194 -8.88 -33.82 -3.20
N LYS E 195 -8.16 -33.41 -2.17
CA LYS E 195 -7.08 -32.45 -2.31
C LYS E 195 -5.71 -33.08 -2.52
N SER E 196 -5.36 -34.01 -1.64
CA SER E 196 -4.06 -34.66 -1.70
C SER E 196 -4.00 -35.95 -2.51
N ARG E 197 -4.34 -35.89 -3.80
CA ARG E 197 -4.34 -37.07 -4.66
C ARG E 197 -2.96 -37.76 -4.76
N ALA E 198 -1.91 -36.98 -4.94
CA ALA E 198 -0.56 -37.54 -5.07
C ALA E 198 -0.13 -38.34 -3.85
N GLU E 199 -0.21 -37.71 -2.67
CA GLU E 199 0.17 -38.37 -1.43
C GLU E 199 -0.56 -39.67 -1.23
N ILE E 200 -1.84 -39.69 -1.57
CA ILE E 200 -2.64 -40.89 -1.39
C ILE E 200 -2.26 -42.01 -2.38
N GLU E 201 -1.92 -41.66 -3.61
CA GLU E 201 -1.53 -42.66 -4.59
C GLU E 201 -0.20 -43.28 -4.13
N MET E 202 0.64 -42.45 -3.54
CA MET E 202 1.95 -42.84 -3.03
C MET E 202 1.75 -43.93 -1.97
N CYS E 203 0.73 -43.75 -1.13
CA CYS E 203 0.40 -44.72 -0.09
C CYS E 203 -0.15 -46.00 -0.73
N ARG E 204 -1.00 -45.86 -1.73
CA ARG E 204 -1.55 -47.03 -2.41
C ARG E 204 -0.42 -47.82 -3.11
N GLU E 205 0.50 -47.10 -3.75
CA GLU E 205 1.58 -47.75 -4.46
C GLU E 205 2.54 -48.45 -3.51
N LYS E 206 2.68 -47.94 -2.30
CA LYS E 206 3.56 -48.58 -1.35
C LYS E 206 2.92 -49.88 -0.88
N VAL E 207 1.59 -49.92 -0.86
CA VAL E 207 0.89 -51.12 -0.45
C VAL E 207 1.04 -52.14 -1.59
N TYR E 208 1.05 -51.67 -2.83
CA TYR E 208 1.23 -52.57 -3.98
C TYR E 208 2.56 -53.32 -3.81
N ALA E 209 3.64 -52.60 -3.51
CA ALA E 209 4.94 -53.23 -3.35
C ALA E 209 4.93 -54.16 -2.16
N CYS E 210 4.18 -53.81 -1.13
CA CYS E 210 4.13 -54.71 0.01
C CYS E 210 3.42 -55.99 -0.42
N LEU E 211 2.29 -55.85 -1.09
CA LEU E 211 1.53 -57.00 -1.55
C LEU E 211 2.35 -57.87 -2.50
N ASP E 212 3.02 -57.24 -3.46
CA ASP E 212 3.83 -57.97 -4.42
C ASP E 212 4.92 -58.75 -3.71
N GLU E 213 5.60 -58.10 -2.78
CA GLU E 213 6.67 -58.75 -2.04
C GLU E 213 6.18 -59.99 -1.27
N HIS E 214 5.05 -59.87 -0.58
CA HIS E 214 4.49 -60.96 0.25
C HIS E 214 3.85 -62.12 -0.50
N CYS E 215 3.31 -61.82 -1.66
CA CYS E 215 2.63 -62.80 -2.48
C CYS E 215 3.58 -63.84 -3.12
N ARG E 216 4.80 -63.40 -3.49
CA ARG E 216 5.83 -64.22 -4.13
C ARG E 216 6.50 -65.10 -3.08
N LEU E 217 6.61 -64.54 -1.88
CA LEU E 217 7.27 -65.22 -0.78
C LEU E 217 6.48 -66.38 -0.18
N GLU E 218 5.25 -66.09 0.23
CA GLU E 218 4.43 -67.11 0.87
C GLU E 218 3.45 -67.90 -0.01
N HIS E 219 3.26 -67.46 -1.24
CA HIS E 219 2.37 -68.17 -2.15
C HIS E 219 3.06 -68.28 -3.53
N PRO E 220 4.21 -68.98 -3.57
CA PRO E 220 5.02 -69.20 -4.76
C PRO E 220 4.38 -70.21 -5.71
N GLY E 221 4.86 -70.20 -6.94
CA GLY E 221 4.33 -71.12 -7.94
C GLY E 221 3.40 -70.38 -8.86
N ASP E 222 3.50 -69.05 -8.84
CA ASP E 222 2.58 -68.31 -9.67
C ASP E 222 2.84 -66.81 -9.70
N ASP E 223 3.44 -66.34 -10.79
CA ASP E 223 3.73 -64.92 -10.94
C ASP E 223 2.46 -64.16 -11.29
N GLY E 224 1.36 -64.91 -11.52
CA GLY E 224 0.12 -64.26 -11.84
C GLY E 224 -0.77 -64.04 -10.63
N ARG E 225 -0.28 -64.41 -9.44
CA ARG E 225 -1.07 -64.26 -8.23
C ARG E 225 -1.44 -62.81 -7.92
N PHE E 226 -0.45 -61.93 -7.91
CA PHE E 226 -0.65 -60.51 -7.63
C PHE E 226 -1.82 -59.95 -8.44
N ALA E 227 -1.76 -60.14 -9.74
CA ALA E 227 -2.81 -59.65 -10.63
C ALA E 227 -4.18 -60.24 -10.30
N GLN E 228 -4.20 -61.55 -9.99
CA GLN E 228 -5.44 -62.25 -9.66
C GLN E 228 -6.06 -61.71 -8.39
N LEU E 229 -5.24 -61.46 -7.38
CA LEU E 229 -5.73 -60.95 -6.11
C LEU E 229 -6.44 -59.62 -6.35
N LEU E 230 -5.87 -58.80 -7.21
CA LEU E 230 -6.46 -57.50 -7.50
C LEU E 230 -7.77 -57.58 -8.23
N LEU E 231 -8.00 -58.68 -8.95
CA LEU E 231 -9.26 -58.86 -9.68
C LEU E 231 -10.47 -58.89 -8.75
N ARG E 232 -10.27 -59.22 -7.49
CA ARG E 232 -11.39 -59.28 -6.54
C ARG E 232 -11.94 -57.88 -6.23
N LEU E 233 -11.12 -56.84 -6.42
CA LEU E 233 -11.53 -55.47 -6.11
C LEU E 233 -12.76 -54.98 -6.90
N PRO E 234 -12.78 -55.19 -8.22
CA PRO E 234 -13.93 -54.74 -9.01
C PRO E 234 -15.22 -55.42 -8.56
N ALA E 235 -15.14 -56.70 -8.23
CA ALA E 235 -16.32 -57.39 -7.80
C ALA E 235 -16.75 -56.79 -6.47
N LEU E 236 -15.78 -56.50 -5.59
CA LEU E 236 -16.09 -55.94 -4.27
C LEU E 236 -16.83 -54.64 -4.45
N ARG E 237 -16.34 -53.81 -5.35
CA ARG E 237 -16.98 -52.52 -5.60
C ARG E 237 -18.40 -52.66 -6.11
N SER E 238 -18.59 -53.54 -7.09
CA SER E 238 -19.92 -53.77 -7.65
C SER E 238 -20.93 -54.22 -6.58
N ILE E 239 -20.58 -55.23 -5.79
CA ILE E 239 -21.45 -55.76 -4.75
C ILE E 239 -21.73 -54.65 -3.74
N SER E 240 -20.67 -53.92 -3.40
CA SER E 240 -20.75 -52.84 -2.44
C SER E 240 -21.76 -51.76 -2.87
N LEU E 241 -21.82 -51.49 -4.17
CA LEU E 241 -22.74 -50.47 -4.68
C LEU E 241 -24.19 -50.91 -4.56
N LYS E 242 -24.48 -52.17 -4.86
CA LYS E 242 -25.85 -52.64 -4.75
C LYS E 242 -26.26 -52.72 -3.28
N CYS E 243 -25.30 -52.97 -2.38
CA CYS E 243 -25.62 -52.99 -0.95
C CYS E 243 -26.13 -51.60 -0.56
N GLN E 244 -25.50 -50.55 -1.08
CA GLN E 244 -25.90 -49.19 -0.76
C GLN E 244 -27.34 -48.90 -1.20
N ASP E 245 -27.75 -49.46 -2.33
CA ASP E 245 -29.11 -49.22 -2.81
C ASP E 245 -30.14 -49.90 -1.92
N HIS E 246 -29.79 -51.09 -1.43
CA HIS E 246 -30.67 -51.83 -0.56
C HIS E 246 -30.81 -51.09 0.75
N LEU E 247 -29.71 -50.54 1.26
CA LEU E 247 -29.75 -49.80 2.51
C LEU E 247 -30.68 -48.60 2.44
N PHE E 248 -30.75 -47.96 1.28
CA PHE E 248 -31.62 -46.79 1.14
C PHE E 248 -33.09 -47.12 0.96
N LEU E 249 -33.39 -48.32 0.48
CA LEU E 249 -34.78 -48.72 0.32
C LEU E 249 -35.41 -48.89 1.68
N PHE E 250 -34.78 -49.77 2.47
CA PHE E 250 -35.24 -50.11 3.81
C PHE E 250 -35.42 -48.87 4.67
N ARG E 251 -34.81 -47.78 4.23
CA ARG E 251 -34.95 -46.52 4.94
C ARG E 251 -34.47 -46.67 6.40
N ILE E 252 -33.24 -47.15 6.57
CA ILE E 252 -32.69 -47.41 7.90
C ILE E 252 -31.39 -46.65 8.20
N THR E 253 -31.17 -45.55 7.50
CA THR E 253 -29.98 -44.73 7.69
C THR E 253 -30.34 -43.45 8.43
N SER E 254 -29.35 -42.87 9.09
CA SER E 254 -29.53 -41.65 9.86
C SER E 254 -29.97 -40.46 9.02
N ASP E 255 -30.62 -39.52 9.69
CA ASP E 255 -31.10 -38.31 9.05
C ASP E 255 -29.88 -37.42 8.80
N ARG E 256 -28.85 -37.63 9.62
CA ARG E 256 -27.62 -36.88 9.54
C ARG E 256 -26.71 -37.50 8.49
N PRO E 257 -26.07 -36.68 7.64
CA PRO E 257 -25.17 -37.20 6.61
C PRO E 257 -23.93 -37.84 7.23
N LEU E 258 -23.60 -39.04 6.77
CA LEU E 258 -22.46 -39.80 7.25
C LEU E 258 -21.18 -38.95 7.33
N GLU E 259 -20.99 -38.06 6.37
CA GLU E 259 -19.83 -37.18 6.37
C GLU E 259 -19.66 -36.53 7.74
N GLU E 260 -20.75 -35.98 8.27
CA GLU E 260 -20.72 -35.31 9.56
C GLU E 260 -20.31 -36.26 10.68
N LEU E 261 -20.87 -37.46 10.68
CA LEU E 261 -20.55 -38.43 11.71
C LEU E 261 -19.06 -38.78 11.71
N PHE E 262 -18.50 -38.97 10.51
CA PHE E 262 -17.07 -39.27 10.37
C PHE E 262 -16.22 -38.08 10.86
N LEU E 263 -16.60 -36.89 10.42
CA LEU E 263 -15.88 -35.68 10.80
C LEU E 263 -15.85 -35.50 12.30
N GLU E 264 -16.98 -35.79 12.95
CA GLU E 264 -17.07 -35.63 14.39
C GLU E 264 -16.22 -36.62 15.17
N GLN E 265 -16.14 -37.87 14.70
CA GLN E 265 -15.32 -38.84 15.42
C GLN E 265 -13.85 -38.50 15.18
N LEU E 266 -13.52 -38.10 13.96
CA LEU E 266 -12.14 -37.76 13.65
C LEU E 266 -11.67 -36.57 14.48
N GLU E 267 -12.51 -35.54 14.61
CA GLU E 267 -12.16 -34.36 15.39
C GLU E 267 -12.10 -34.61 16.88
N ALA E 268 -12.57 -35.77 17.32
CA ALA E 268 -12.54 -36.12 18.73
C ALA E 268 -11.28 -36.92 18.98
N PRO E 269 -10.92 -37.12 20.26
CA PRO E 269 -9.71 -37.90 20.52
C PRO E 269 -10.02 -39.39 20.50
N PRO E 270 -9.09 -40.20 19.96
CA PRO E 270 -9.33 -41.64 19.91
C PRO E 270 -9.70 -42.18 21.30
N PRO E 271 -10.30 -43.38 21.35
CA PRO E 271 -10.64 -43.89 22.67
C PRO E 271 -9.37 -44.34 23.38
N PRO E 272 -9.49 -44.78 24.64
CA PRO E 272 -8.29 -45.23 25.36
C PRO E 272 -7.69 -46.44 24.64
N GLY E 273 -6.87 -46.15 23.63
CA GLY E 273 -6.23 -47.20 22.85
C GLY E 273 -5.73 -46.65 21.53
N PHE F 9 20.46 -41.57 -4.87
CA PHE F 9 19.94 -41.13 -6.19
C PHE F 9 20.82 -40.03 -6.80
N SER F 10 21.82 -40.44 -7.57
CA SER F 10 22.71 -39.47 -8.20
C SER F 10 23.33 -40.04 -9.46
N ILE F 11 23.80 -39.15 -10.34
CA ILE F 11 24.43 -39.54 -11.60
C ILE F 11 25.59 -40.50 -11.30
N GLU F 12 26.25 -40.27 -10.17
CA GLU F 12 27.37 -41.09 -9.76
C GLU F 12 26.92 -42.54 -9.57
N ARG F 13 25.79 -42.71 -8.89
CA ARG F 13 25.24 -44.03 -8.65
C ARG F 13 24.75 -44.66 -9.96
N ILE F 14 23.96 -43.91 -10.73
CA ILE F 14 23.43 -44.41 -11.99
C ILE F 14 24.56 -44.87 -12.89
N ILE F 15 25.67 -44.17 -12.85
CA ILE F 15 26.83 -44.54 -13.64
C ILE F 15 27.36 -45.88 -13.16
N GLU F 16 27.46 -46.04 -11.84
CA GLU F 16 27.96 -47.27 -11.26
C GLU F 16 27.16 -48.50 -11.71
N ALA F 17 25.85 -48.35 -11.82
CA ALA F 17 24.99 -49.44 -12.25
C ALA F 17 25.33 -49.87 -13.68
N GLU F 18 25.42 -48.90 -14.58
CA GLU F 18 25.75 -49.20 -15.97
C GLU F 18 27.07 -49.91 -16.08
N GLN F 19 28.10 -49.29 -15.51
CA GLN F 19 29.44 -49.83 -15.56
C GLN F 19 29.59 -51.22 -14.99
N ARG F 20 29.05 -51.44 -13.79
CA ARG F 20 29.14 -52.76 -13.17
C ARG F 20 28.37 -53.81 -13.97
N ALA F 21 27.19 -53.46 -14.47
CA ALA F 21 26.40 -54.41 -15.26
C ALA F 21 27.15 -54.80 -16.52
N GLU F 22 27.95 -53.88 -17.04
CA GLU F 22 28.72 -54.11 -18.25
C GLU F 22 29.95 -55.02 -18.06
N THR F 23 30.45 -55.13 -16.84
CA THR F 23 31.65 -55.95 -16.64
C THR F 23 31.51 -57.21 -15.78
N GLN F 24 30.45 -57.29 -14.98
CA GLN F 24 30.29 -58.44 -14.09
C GLN F 24 29.41 -59.59 -14.59
N CYS F 25 28.81 -59.45 -15.76
CA CYS F 25 27.95 -60.50 -16.25
C CYS F 25 28.69 -61.53 -17.12
N GLY F 26 29.94 -61.24 -17.45
CA GLY F 26 30.71 -62.16 -18.28
C GLY F 26 30.05 -62.42 -19.62
N ASP F 27 29.81 -63.68 -19.93
CA ASP F 27 29.18 -64.09 -21.19
C ASP F 27 27.73 -64.51 -20.99
N ARG F 28 27.15 -64.14 -19.85
CA ARG F 28 25.77 -64.48 -19.58
C ARG F 28 24.90 -63.72 -20.57
N ALA F 29 23.81 -64.36 -21.00
CA ALA F 29 22.91 -63.79 -21.99
C ALA F 29 21.45 -64.24 -21.84
N LEU F 30 20.53 -63.28 -21.98
CA LEU F 30 19.10 -63.58 -21.92
C LEU F 30 18.76 -63.72 -23.40
N THR F 31 18.79 -64.94 -23.90
CA THR F 31 18.54 -65.17 -25.33
C THR F 31 17.11 -64.89 -25.82
N PHE F 32 16.96 -63.78 -26.52
CA PHE F 32 15.67 -63.41 -27.07
C PHE F 32 15.76 -63.57 -28.58
N LEU F 33 16.93 -63.28 -29.12
CA LEU F 33 17.15 -63.40 -30.56
C LEU F 33 17.88 -64.71 -30.88
N ARG F 34 17.41 -65.37 -31.93
CA ARG F 34 17.97 -66.64 -32.39
C ARG F 34 17.54 -66.85 -33.85
N VAL F 35 18.43 -67.38 -34.67
CA VAL F 35 18.08 -67.63 -36.05
C VAL F 35 17.13 -68.83 -36.09
N GLY F 36 17.57 -69.95 -36.64
CA GLY F 36 16.71 -71.12 -36.70
C GLY F 36 15.99 -71.36 -38.01
N PRO F 37 15.26 -72.48 -38.12
CA PRO F 37 14.50 -72.88 -39.31
C PRO F 37 13.53 -71.85 -39.87
N TYR F 38 12.54 -71.47 -39.08
CA TYR F 38 11.54 -70.49 -39.52
C TYR F 38 12.12 -69.14 -39.92
N SER F 39 13.16 -68.70 -39.21
CA SER F 39 13.79 -67.41 -39.47
C SER F 39 14.00 -67.10 -40.96
N THR F 40 13.52 -65.93 -41.37
CA THR F 40 13.61 -65.47 -42.74
C THR F 40 15.02 -65.02 -43.10
N VAL F 41 16.01 -65.80 -42.68
CA VAL F 41 17.40 -65.47 -42.94
C VAL F 41 18.06 -66.45 -43.90
N GLN F 42 18.72 -65.90 -44.91
CA GLN F 42 19.41 -66.71 -45.91
C GLN F 42 20.49 -67.60 -45.29
N PRO F 43 20.63 -68.83 -45.78
CA PRO F 43 21.61 -69.78 -45.25
C PRO F 43 23.04 -69.25 -45.24
N ASP F 44 23.44 -68.52 -46.29
CA ASP F 44 24.78 -67.97 -46.39
C ASP F 44 25.17 -67.08 -45.21
N TYR F 45 24.26 -66.20 -44.80
CA TYR F 45 24.54 -65.27 -43.72
C TYR F 45 23.96 -65.59 -42.35
N LYS F 46 23.48 -66.81 -42.16
CA LYS F 46 22.95 -67.18 -40.86
C LYS F 46 24.02 -67.01 -39.79
N GLY F 47 25.25 -67.42 -40.09
CA GLY F 47 26.31 -67.27 -39.13
C GLY F 47 26.44 -65.83 -38.68
N ALA F 48 26.52 -64.93 -39.64
CA ALA F 48 26.64 -63.51 -39.38
C ALA F 48 25.50 -62.95 -38.53
N VAL F 49 24.27 -63.26 -38.92
CA VAL F 49 23.13 -62.77 -38.19
C VAL F 49 23.07 -63.33 -36.78
N SER F 50 23.45 -64.59 -36.62
CA SER F 50 23.40 -65.21 -35.29
C SER F 50 24.47 -64.60 -34.39
N ALA F 51 25.53 -64.08 -34.99
CA ALA F 51 26.59 -63.45 -34.23
C ALA F 51 26.01 -62.15 -33.67
N LEU F 52 25.22 -61.47 -34.50
CA LEU F 52 24.57 -60.22 -34.07
C LEU F 52 23.60 -60.53 -32.94
N CYS F 53 22.90 -61.66 -33.06
CA CYS F 53 21.96 -62.10 -32.03
C CYS F 53 22.66 -62.33 -30.69
N GLN F 54 23.82 -62.99 -30.70
CA GLN F 54 24.54 -63.27 -29.47
C GLN F 54 24.95 -61.98 -28.77
N VAL F 55 25.38 -60.98 -29.54
CA VAL F 55 25.79 -59.70 -28.99
C VAL F 55 24.60 -59.04 -28.26
N VAL F 56 23.47 -58.96 -28.94
CA VAL F 56 22.29 -58.35 -28.36
C VAL F 56 21.79 -59.13 -27.15
N ASN F 57 21.81 -60.46 -27.21
CA ASN F 57 21.33 -61.25 -26.07
C ASN F 57 22.19 -61.02 -24.82
N LYS F 58 23.46 -60.68 -25.01
CA LYS F 58 24.35 -60.43 -23.88
C LYS F 58 24.06 -59.03 -23.31
N GLN F 59 23.77 -58.08 -24.19
CA GLN F 59 23.46 -56.73 -23.75
C GLN F 59 22.12 -56.70 -23.05
N LEU F 60 21.24 -57.62 -23.42
CA LEU F 60 19.93 -57.71 -22.80
C LEU F 60 20.07 -58.22 -21.36
N PHE F 61 20.91 -59.24 -21.18
CA PHE F 61 21.15 -59.81 -19.86
C PHE F 61 21.71 -58.70 -18.96
N GLN F 62 22.70 -57.98 -19.48
CA GLN F 62 23.33 -56.89 -18.76
C GLN F 62 22.32 -55.81 -18.39
N MET F 63 21.41 -55.50 -19.31
CA MET F 63 20.39 -54.49 -19.10
C MET F 63 19.53 -54.83 -17.90
N VAL F 64 19.15 -56.10 -17.78
CA VAL F 64 18.33 -56.54 -16.67
C VAL F 64 19.07 -56.32 -15.34
N GLU F 65 20.35 -56.63 -15.32
CA GLU F 65 21.13 -56.46 -14.09
C GLU F 65 21.34 -54.98 -13.81
N TYR F 66 21.36 -54.19 -14.88
CA TYR F 66 21.51 -52.75 -14.77
C TYR F 66 20.28 -52.20 -14.03
N ALA F 67 19.10 -52.51 -14.53
CA ALA F 67 17.86 -52.06 -13.91
C ALA F 67 17.79 -52.56 -12.47
N ARG F 68 18.26 -53.79 -12.27
CA ARG F 68 18.28 -54.39 -10.94
C ARG F 68 19.00 -53.48 -9.95
N MET F 69 20.02 -52.77 -10.41
CA MET F 69 20.79 -51.89 -9.54
C MET F 69 20.35 -50.43 -9.53
N MET F 70 19.37 -50.05 -10.35
CA MET F 70 18.91 -48.67 -10.40
C MET F 70 18.01 -48.29 -9.20
N PRO F 71 18.22 -47.10 -8.62
CA PRO F 71 17.40 -46.69 -7.47
C PRO F 71 15.92 -46.99 -7.61
N HIS F 72 15.37 -47.64 -6.57
CA HIS F 72 13.94 -47.97 -6.46
C HIS F 72 13.35 -48.96 -7.43
N PHE F 73 14.10 -49.33 -8.47
CA PHE F 73 13.60 -50.26 -9.48
C PHE F 73 13.19 -51.57 -8.86
N ALA F 74 14.09 -52.16 -8.07
CA ALA F 74 13.77 -53.44 -7.46
C ALA F 74 12.67 -53.34 -6.40
N GLN F 75 12.29 -52.13 -6.02
CA GLN F 75 11.24 -51.97 -5.00
C GLN F 75 9.79 -51.90 -5.52
N VAL F 76 9.57 -51.85 -6.84
CA VAL F 76 8.20 -51.80 -7.33
C VAL F 76 7.71 -53.20 -7.66
N PRO F 77 6.40 -53.38 -7.85
CA PRO F 77 5.96 -54.74 -8.17
C PRO F 77 6.61 -55.38 -9.41
N LEU F 78 6.89 -56.66 -9.31
CA LEU F 78 7.51 -57.39 -10.40
C LEU F 78 6.82 -57.18 -11.74
N ASP F 79 5.50 -57.23 -11.74
CA ASP F 79 4.80 -57.03 -13.00
C ASP F 79 5.25 -55.72 -13.63
N ASP F 80 5.42 -54.68 -12.80
CA ASP F 80 5.87 -53.37 -13.25
C ASP F 80 7.31 -53.37 -13.74
N GLN F 81 8.20 -54.10 -13.06
CA GLN F 81 9.59 -54.17 -13.47
C GLN F 81 9.68 -54.80 -14.85
N VAL F 82 8.84 -55.79 -15.08
CA VAL F 82 8.79 -56.49 -16.35
C VAL F 82 8.31 -55.54 -17.46
N ILE F 83 7.26 -54.77 -17.16
CA ILE F 83 6.71 -53.84 -18.15
C ILE F 83 7.71 -52.72 -18.52
N LEU F 84 8.44 -52.21 -17.54
CA LEU F 84 9.41 -51.15 -17.78
C LEU F 84 10.50 -51.64 -18.73
N LEU F 85 11.04 -52.83 -18.45
CA LEU F 85 12.09 -53.39 -19.31
C LEU F 85 11.57 -53.68 -20.72
N LYS F 86 10.35 -54.19 -20.82
CA LYS F 86 9.78 -54.48 -22.14
C LYS F 86 9.59 -53.21 -22.97
N ALA F 87 9.38 -52.07 -22.32
CA ALA F 87 9.16 -50.83 -23.04
C ALA F 87 10.42 -50.01 -23.31
N ALA F 88 11.49 -50.27 -22.56
CA ALA F 88 12.71 -49.50 -22.74
C ALA F 88 13.91 -50.25 -23.34
N TRP F 89 13.85 -51.57 -23.46
CA TRP F 89 15.02 -52.29 -23.96
C TRP F 89 15.63 -51.84 -25.29
N ILE F 90 14.83 -51.74 -26.35
CA ILE F 90 15.36 -51.32 -27.65
C ILE F 90 15.96 -49.92 -27.60
N GLU F 91 15.27 -48.98 -26.95
CA GLU F 91 15.79 -47.62 -26.84
C GLU F 91 17.08 -47.56 -26.06
N LEU F 92 17.21 -48.42 -25.05
CA LEU F 92 18.43 -48.44 -24.26
C LEU F 92 19.59 -48.98 -25.09
N LEU F 93 19.32 -50.02 -25.87
CA LEU F 93 20.38 -50.60 -26.70
C LEU F 93 20.83 -49.62 -27.77
N ILE F 94 19.87 -49.02 -28.48
CA ILE F 94 20.19 -48.06 -29.54
C ILE F 94 20.90 -46.81 -29.03
N ALA F 95 20.60 -46.39 -27.79
CA ALA F 95 21.28 -45.23 -27.22
C ALA F 95 22.76 -45.58 -27.07
N ASN F 96 23.05 -46.82 -26.65
CA ASN F 96 24.42 -47.26 -26.50
C ASN F 96 25.15 -47.34 -27.84
N VAL F 97 24.46 -47.80 -28.90
CA VAL F 97 25.14 -47.87 -30.21
C VAL F 97 25.38 -46.47 -30.76
N ALA F 98 24.44 -45.56 -30.54
CA ALA F 98 24.63 -44.20 -31.03
C ALA F 98 25.88 -43.61 -30.37
N TRP F 99 26.01 -43.80 -29.06
CA TRP F 99 27.18 -43.27 -28.36
C TRP F 99 28.47 -43.96 -28.84
N CYS F 100 28.43 -45.27 -29.07
CA CYS F 100 29.63 -45.94 -29.53
C CYS F 100 30.07 -45.57 -30.94
N SER F 101 29.12 -45.17 -31.78
CA SER F 101 29.40 -44.79 -33.16
C SER F 101 30.00 -43.38 -33.28
N ILE F 102 29.99 -42.61 -32.19
CA ILE F 102 30.55 -41.27 -32.23
C ILE F 102 32.03 -41.33 -32.62
N VAL F 103 32.76 -42.25 -31.97
CA VAL F 103 34.18 -42.44 -32.20
C VAL F 103 34.59 -42.49 -33.68
N SER F 104 33.69 -42.98 -34.54
CA SER F 104 34.00 -43.07 -35.96
C SER F 104 33.40 -41.94 -36.81
N LEU F 105 33.21 -40.76 -36.22
CA LEU F 105 32.66 -39.63 -36.96
C LEU F 105 33.69 -38.53 -37.14
N GLN F 131 28.54 -38.33 -45.09
CA GLN F 131 27.83 -39.54 -44.74
C GLN F 131 28.76 -40.58 -44.12
N PRO F 132 28.65 -40.82 -42.80
CA PRO F 132 29.50 -41.80 -42.12
C PRO F 132 29.32 -43.23 -42.65
N GLN F 133 30.21 -44.13 -42.26
CA GLN F 133 30.15 -45.50 -42.73
C GLN F 133 30.10 -46.60 -41.66
N GLN F 134 30.48 -46.27 -40.42
CA GLN F 134 30.47 -47.26 -39.35
C GLN F 134 29.46 -47.09 -38.21
N LEU F 135 28.85 -48.20 -37.80
CA LEU F 135 27.91 -48.23 -36.69
C LEU F 135 28.46 -49.26 -35.70
N PHE F 136 28.80 -48.81 -34.49
CA PHE F 136 29.32 -49.71 -33.46
C PHE F 136 28.28 -50.21 -32.47
N LEU F 137 28.38 -51.49 -32.12
CA LEU F 137 27.49 -52.09 -31.14
C LEU F 137 28.26 -52.20 -29.83
N ASN F 138 29.58 -52.28 -29.98
CA ASN F 138 30.52 -52.40 -28.86
C ASN F 138 31.67 -51.47 -29.16
N GLN F 139 32.72 -51.57 -28.35
CA GLN F 139 33.91 -50.76 -28.56
C GLN F 139 34.81 -51.53 -29.52
N SER F 140 34.30 -52.64 -30.08
CA SER F 140 35.07 -53.44 -31.02
C SER F 140 34.23 -54.16 -32.09
N PHE F 141 32.98 -54.48 -31.78
CA PHE F 141 32.09 -55.15 -32.73
C PHE F 141 31.35 -54.07 -33.51
N SER F 142 31.61 -53.95 -34.81
CA SER F 142 30.94 -52.93 -35.63
C SER F 142 30.62 -53.37 -37.06
N TYR F 143 29.78 -52.59 -37.74
CA TYR F 143 29.39 -52.88 -39.11
C TYR F 143 29.64 -51.73 -40.07
N HIS F 144 29.84 -52.06 -41.34
CA HIS F 144 30.03 -51.04 -42.37
C HIS F 144 28.71 -50.91 -43.09
N ARG F 145 28.39 -49.71 -43.54
CA ARG F 145 27.12 -49.45 -44.23
C ARG F 145 26.80 -50.51 -45.30
N ASN F 146 27.84 -51.09 -45.88
CA ASN F 146 27.68 -52.12 -46.91
C ASN F 146 26.83 -53.25 -46.34
N SER F 147 27.13 -53.67 -45.13
CA SER F 147 26.39 -54.74 -44.49
C SER F 147 24.90 -54.39 -44.36
N ALA F 148 24.63 -53.17 -43.89
CA ALA F 148 23.24 -52.71 -43.71
C ALA F 148 22.45 -52.77 -45.01
N ILE F 149 23.07 -52.37 -46.11
CA ILE F 149 22.40 -52.37 -47.42
C ILE F 149 22.17 -53.79 -47.92
N LYS F 150 23.14 -54.66 -47.66
CA LYS F 150 23.02 -56.04 -48.11
C LYS F 150 21.95 -56.76 -47.30
N ALA F 151 21.56 -56.15 -46.18
CA ALA F 151 20.52 -56.72 -45.31
C ALA F 151 19.28 -55.84 -45.41
N GLY F 152 19.32 -54.86 -46.30
CA GLY F 152 18.19 -53.98 -46.52
C GLY F 152 17.64 -53.33 -45.26
N VAL F 153 18.51 -52.67 -44.51
CA VAL F 153 18.13 -51.97 -43.28
C VAL F 153 19.00 -50.73 -43.13
N SER F 154 19.44 -50.20 -44.27
CA SER F 154 20.29 -49.01 -44.26
C SER F 154 19.50 -47.77 -43.81
N ALA F 155 18.18 -47.81 -43.95
CA ALA F 155 17.37 -46.68 -43.52
C ALA F 155 17.69 -46.40 -42.05
N ILE F 156 17.60 -47.45 -41.23
CA ILE F 156 17.90 -47.37 -39.81
C ILE F 156 19.36 -47.06 -39.58
N PHE F 157 20.23 -47.85 -40.20
CA PHE F 157 21.68 -47.66 -40.09
C PHE F 157 22.00 -46.16 -40.22
N ASP F 158 21.40 -45.54 -41.23
CA ASP F 158 21.63 -44.13 -41.50
C ASP F 158 21.00 -43.16 -40.52
N ARG F 159 19.71 -43.31 -40.25
CA ARG F 159 19.11 -42.37 -39.31
C ARG F 159 19.58 -42.53 -37.87
N ILE F 160 20.39 -43.55 -37.60
CA ILE F 160 20.91 -43.71 -36.25
C ILE F 160 22.13 -42.81 -36.12
N LEU F 161 22.93 -42.72 -37.18
CA LEU F 161 24.13 -41.88 -37.16
C LEU F 161 23.79 -40.39 -37.33
N SER F 162 22.86 -40.10 -38.22
CA SER F 162 22.44 -38.72 -38.49
C SER F 162 21.62 -38.05 -37.39
N GLU F 163 20.58 -38.73 -36.91
CA GLU F 163 19.73 -38.16 -35.86
C GLU F 163 20.22 -38.33 -34.44
N LEU F 164 21.07 -39.33 -34.20
CA LEU F 164 21.56 -39.53 -32.85
C LEU F 164 23.05 -39.26 -32.69
N SER F 165 23.89 -40.12 -33.23
CA SER F 165 25.34 -39.95 -33.12
C SER F 165 25.85 -38.54 -33.49
N VAL F 166 25.54 -38.11 -34.72
CA VAL F 166 25.98 -36.79 -35.17
C VAL F 166 25.52 -35.68 -34.24
N LYS F 167 24.23 -35.65 -33.94
CA LYS F 167 23.70 -34.60 -33.07
C LYS F 167 24.26 -34.66 -31.65
N MET F 168 24.58 -35.86 -31.17
CA MET F 168 25.15 -35.98 -29.83
C MET F 168 26.54 -35.37 -29.86
N LYS F 169 27.32 -35.74 -30.87
CA LYS F 169 28.67 -35.22 -31.02
C LYS F 169 28.59 -33.70 -31.13
N ARG F 170 27.72 -33.24 -32.02
CA ARG F 170 27.52 -31.82 -32.23
C ARG F 170 27.20 -31.09 -30.91
N LEU F 171 26.54 -31.78 -29.98
CA LEU F 171 26.17 -31.21 -28.69
C LEU F 171 27.24 -31.39 -27.62
N ASN F 172 28.25 -32.20 -27.90
CA ASN F 172 29.31 -32.48 -26.93
C ASN F 172 28.69 -33.28 -25.77
N LEU F 173 27.81 -34.20 -26.10
CA LEU F 173 27.16 -35.02 -25.09
C LEU F 173 28.23 -35.79 -24.34
N ASP F 174 28.15 -35.81 -23.01
CA ASP F 174 29.13 -36.55 -22.24
C ASP F 174 28.49 -37.79 -21.64
N ARG F 175 29.33 -38.66 -21.07
CA ARG F 175 28.89 -39.91 -20.46
C ARG F 175 27.84 -39.72 -19.39
N ARG F 176 28.00 -38.70 -18.56
CA ARG F 176 27.04 -38.44 -17.50
C ARG F 176 25.69 -38.06 -18.07
N GLU F 177 25.70 -37.26 -19.13
CA GLU F 177 24.45 -36.84 -19.73
C GLU F 177 23.72 -38.01 -20.40
N LEU F 178 24.48 -38.97 -20.97
CA LEU F 178 23.88 -40.13 -21.61
C LEU F 178 23.21 -41.01 -20.54
N SER F 179 23.91 -41.21 -19.43
CA SER F 179 23.37 -42.01 -18.35
C SER F 179 22.01 -41.44 -17.92
N CYS F 180 21.93 -40.12 -17.81
CA CYS F 180 20.68 -39.47 -17.43
C CYS F 180 19.58 -39.73 -18.45
N LEU F 181 19.90 -39.58 -19.73
CA LEU F 181 18.89 -39.82 -20.76
C LEU F 181 18.37 -41.26 -20.69
N LYS F 182 19.27 -42.20 -20.48
CA LYS F 182 18.87 -43.60 -20.41
C LYS F 182 18.00 -43.91 -19.19
N ALA F 183 18.26 -43.23 -18.07
CA ALA F 183 17.47 -43.42 -16.85
C ALA F 183 16.07 -42.86 -17.06
N ILE F 184 16.01 -41.70 -17.72
CA ILE F 184 14.72 -41.06 -17.99
C ILE F 184 13.88 -42.06 -18.80
N ILE F 185 14.53 -42.72 -19.76
CA ILE F 185 13.86 -43.72 -20.60
C ILE F 185 13.33 -44.89 -19.77
N LEU F 186 14.20 -45.47 -18.93
CA LEU F 186 13.81 -46.58 -18.07
C LEU F 186 12.60 -46.22 -17.20
N TYR F 187 12.69 -45.14 -16.44
CA TYR F 187 11.61 -44.68 -15.53
C TYR F 187 10.44 -44.06 -16.31
N ASN F 188 9.71 -44.89 -17.05
CA ASN F 188 8.58 -44.43 -17.84
C ASN F 188 7.26 -44.82 -17.18
N PRO F 189 6.55 -43.84 -16.63
CA PRO F 189 5.26 -44.06 -15.94
C PRO F 189 4.01 -44.14 -16.81
N ASP F 190 4.14 -43.86 -18.10
CA ASP F 190 2.97 -43.84 -18.97
C ASP F 190 2.65 -45.14 -19.70
N ILE F 191 3.23 -46.24 -19.26
CA ILE F 191 2.98 -47.51 -19.94
C ILE F 191 1.72 -48.16 -19.42
N ARG F 192 0.95 -48.74 -20.35
CA ARG F 192 -0.29 -49.43 -20.01
C ARG F 192 -0.02 -50.58 -19.05
N GLY F 193 -0.82 -50.68 -17.99
CA GLY F 193 -0.67 -51.77 -17.05
C GLY F 193 0.16 -51.53 -15.80
N ILE F 194 0.94 -50.45 -15.78
CA ILE F 194 1.79 -50.14 -14.66
C ILE F 194 1.01 -49.80 -13.39
N LYS F 195 1.51 -50.27 -12.25
CA LYS F 195 0.88 -50.04 -10.96
C LYS F 195 1.42 -48.82 -10.24
N SER F 196 2.73 -48.75 -10.12
CA SER F 196 3.37 -47.66 -9.40
C SER F 196 3.78 -46.46 -10.25
N ARG F 197 2.80 -45.84 -10.92
CA ARG F 197 3.09 -44.68 -11.76
C ARG F 197 3.75 -43.51 -11.01
N ALA F 198 3.21 -43.16 -9.85
CA ALA F 198 3.75 -42.04 -9.08
C ALA F 198 5.20 -42.26 -8.74
N GLU F 199 5.49 -43.45 -8.22
CA GLU F 199 6.84 -43.78 -7.83
C GLU F 199 7.80 -43.72 -9.02
N ILE F 200 7.34 -44.13 -10.20
CA ILE F 200 8.18 -44.12 -11.37
C ILE F 200 8.39 -42.71 -11.92
N GLU F 201 7.33 -41.89 -11.91
CA GLU F 201 7.46 -40.48 -12.35
C GLU F 201 8.40 -39.75 -11.38
N MET F 202 8.24 -40.05 -10.10
CA MET F 202 9.05 -39.48 -9.04
C MET F 202 10.52 -39.81 -9.31
N CYS F 203 10.78 -41.01 -9.82
CA CYS F 203 12.16 -41.41 -10.09
C CYS F 203 12.76 -40.65 -11.27
N ARG F 204 11.96 -40.49 -12.31
CA ARG F 204 12.32 -39.75 -13.52
C ARG F 204 12.60 -38.27 -13.21
N GLU F 205 11.78 -37.67 -12.36
CA GLU F 205 11.97 -36.27 -12.03
C GLU F 205 13.25 -36.02 -11.27
N LYS F 206 13.69 -36.99 -10.47
CA LYS F 206 14.94 -36.83 -9.74
C LYS F 206 16.10 -36.87 -10.73
N VAL F 207 15.94 -37.61 -11.82
CA VAL F 207 16.98 -37.67 -12.85
C VAL F 207 16.99 -36.33 -13.60
N TYR F 208 15.80 -35.75 -13.80
CA TYR F 208 15.73 -34.45 -14.45
C TYR F 208 16.59 -33.45 -13.63
N ALA F 209 16.39 -33.44 -12.32
CA ALA F 209 17.12 -32.55 -11.42
C ALA F 209 18.62 -32.82 -11.49
N CYS F 210 18.99 -34.08 -11.68
CA CYS F 210 20.41 -34.41 -11.80
C CYS F 210 20.94 -33.89 -13.12
N LEU F 211 20.22 -34.17 -14.21
CA LEU F 211 20.63 -33.72 -15.53
C LEU F 211 20.77 -32.20 -15.59
N ASP F 212 19.77 -31.48 -15.08
CA ASP F 212 19.78 -30.01 -15.08
C ASP F 212 20.98 -29.48 -14.30
N GLU F 213 21.22 -30.03 -13.12
CA GLU F 213 22.34 -29.60 -12.30
C GLU F 213 23.66 -29.81 -13.05
N HIS F 214 23.78 -30.97 -13.68
CA HIS F 214 24.98 -31.27 -14.41
C HIS F 214 25.18 -30.17 -15.45
N CYS F 215 24.07 -29.70 -16.02
CA CYS F 215 24.13 -28.65 -17.04
C CYS F 215 24.63 -27.29 -16.60
N ARG F 216 24.02 -26.70 -15.58
CA ARG F 216 24.47 -25.37 -15.17
C ARG F 216 25.71 -25.38 -14.28
N LEU F 217 26.34 -26.53 -14.21
CA LEU F 217 27.54 -26.67 -13.41
C LEU F 217 28.69 -26.99 -14.36
N GLU F 218 28.38 -27.63 -15.47
CA GLU F 218 29.39 -28.01 -16.46
C GLU F 218 29.26 -27.18 -17.73
N HIS F 219 28.13 -26.50 -17.87
CA HIS F 219 27.87 -25.66 -19.03
C HIS F 219 27.12 -24.43 -18.53
N PRO F 220 27.70 -23.73 -17.54
CA PRO F 220 27.07 -22.53 -16.98
C PRO F 220 26.97 -21.48 -18.07
N GLY F 221 26.04 -21.70 -18.98
CA GLY F 221 25.88 -20.77 -20.08
C GLY F 221 24.64 -21.12 -20.87
N ASP F 222 24.81 -21.86 -21.98
CA ASP F 222 23.65 -22.21 -22.79
C ASP F 222 22.57 -22.79 -21.89
N ASP F 223 21.60 -21.95 -21.54
CA ASP F 223 20.49 -22.38 -20.69
C ASP F 223 19.52 -23.23 -21.49
N GLY F 224 19.75 -23.33 -22.79
CA GLY F 224 18.87 -24.13 -23.61
C GLY F 224 19.37 -25.56 -23.79
N ARG F 225 20.52 -25.87 -23.19
CA ARG F 225 21.10 -27.21 -23.33
C ARG F 225 20.18 -28.32 -22.86
N PHE F 226 19.70 -28.21 -21.62
CA PHE F 226 18.80 -29.19 -21.01
C PHE F 226 17.67 -29.60 -21.96
N ALA F 227 16.95 -28.61 -22.48
CA ALA F 227 15.85 -28.84 -23.42
C ALA F 227 16.32 -29.55 -24.68
N GLN F 228 17.45 -29.09 -25.22
CA GLN F 228 18.01 -29.69 -26.44
C GLN F 228 18.35 -31.16 -26.25
N LEU F 229 18.98 -31.49 -25.11
CA LEU F 229 19.35 -32.87 -24.85
C LEU F 229 18.13 -33.76 -24.86
N LEU F 230 17.03 -33.25 -24.30
CA LEU F 230 15.80 -34.03 -24.24
C LEU F 230 15.18 -34.24 -25.60
N LEU F 231 15.46 -33.35 -26.55
CA LEU F 231 14.92 -33.48 -27.90
C LEU F 231 15.37 -34.77 -28.60
N ARG F 232 16.49 -35.33 -28.16
CA ARG F 232 16.97 -36.57 -28.76
C ARG F 232 16.08 -37.77 -28.44
N LEU F 233 15.34 -37.69 -27.34
CA LEU F 233 14.47 -38.79 -26.92
C LEU F 233 13.42 -39.20 -27.94
N PRO F 234 12.68 -38.23 -28.51
CA PRO F 234 11.65 -38.58 -29.49
C PRO F 234 12.26 -39.27 -30.71
N ALA F 235 13.45 -38.83 -31.11
CA ALA F 235 14.12 -39.41 -32.25
C ALA F 235 14.54 -40.84 -31.91
N LEU F 236 14.93 -41.04 -30.67
CA LEU F 236 15.35 -42.36 -30.21
C LEU F 236 14.16 -43.30 -30.25
N ARG F 237 13.00 -42.83 -29.76
CA ARG F 237 11.80 -43.66 -29.75
C ARG F 237 11.35 -44.05 -31.15
N SER F 238 11.33 -43.08 -32.06
CA SER F 238 10.89 -43.35 -33.41
C SER F 238 11.77 -44.41 -34.09
N ILE F 239 13.08 -44.23 -34.03
CA ILE F 239 14.02 -45.18 -34.64
C ILE F 239 13.85 -46.54 -33.99
N SER F 240 13.71 -46.53 -32.67
CA SER F 240 13.55 -47.74 -31.89
C SER F 240 12.31 -48.54 -32.32
N LEU F 241 11.24 -47.84 -32.68
CA LEU F 241 10.01 -48.51 -33.11
C LEU F 241 10.21 -49.21 -34.46
N LYS F 242 11.00 -48.59 -35.32
CA LYS F 242 11.28 -49.18 -36.62
C LYS F 242 12.18 -50.39 -36.45
N CYS F 243 13.09 -50.34 -35.48
CA CYS F 243 13.98 -51.47 -35.23
C CYS F 243 13.13 -52.65 -34.81
N GLN F 244 12.13 -52.39 -33.98
CA GLN F 244 11.24 -53.45 -33.53
C GLN F 244 10.55 -54.06 -34.75
N ASP F 245 10.00 -53.19 -35.58
CA ASP F 245 9.28 -53.60 -36.79
C ASP F 245 10.15 -54.53 -37.63
N HIS F 246 11.47 -54.35 -37.58
CA HIS F 246 12.35 -55.22 -38.36
C HIS F 246 12.59 -56.58 -37.71
N LEU F 247 12.54 -56.63 -36.40
CA LEU F 247 12.75 -57.90 -35.71
C LEU F 247 11.63 -58.87 -36.04
N PHE F 248 10.40 -58.38 -36.00
CA PHE F 248 9.24 -59.23 -36.28
C PHE F 248 9.13 -59.63 -37.75
N LEU F 249 9.84 -58.94 -38.61
CA LEU F 249 9.81 -59.23 -40.04
C LEU F 249 10.74 -60.38 -40.39
N PHE F 250 11.89 -60.43 -39.74
CA PHE F 250 12.88 -61.49 -39.98
C PHE F 250 12.58 -62.79 -39.24
N ARG F 251 11.70 -62.74 -38.25
CA ARG F 251 11.37 -63.92 -37.49
C ARG F 251 12.61 -64.46 -36.76
N ILE F 252 13.39 -63.57 -36.18
CA ILE F 252 14.58 -63.99 -35.47
C ILE F 252 14.43 -63.82 -33.95
N THR F 253 13.19 -63.80 -33.48
CA THR F 253 12.91 -63.66 -32.07
C THR F 253 12.41 -64.98 -31.50
N SER F 254 12.58 -65.14 -30.19
CA SER F 254 12.17 -66.35 -29.48
C SER F 254 10.67 -66.64 -29.54
N ASP F 255 10.32 -67.92 -29.38
CA ASP F 255 8.93 -68.38 -29.38
C ASP F 255 8.34 -67.97 -28.05
N ARG F 256 9.22 -67.75 -27.07
CA ARG F 256 8.81 -67.36 -25.74
C ARG F 256 8.71 -65.84 -25.65
N PRO F 257 7.63 -65.34 -25.04
CA PRO F 257 7.46 -63.89 -24.89
C PRO F 257 8.54 -63.29 -23.99
N LEU F 258 9.15 -62.21 -24.46
CA LEU F 258 10.22 -61.52 -23.73
C LEU F 258 9.84 -61.27 -22.27
N GLU F 259 8.57 -60.96 -22.02
CA GLU F 259 8.11 -60.73 -20.64
C GLU F 259 8.57 -61.85 -19.72
N GLU F 260 8.37 -63.09 -20.17
CA GLU F 260 8.75 -64.26 -19.38
C GLU F 260 10.25 -64.30 -19.14
N LEU F 261 11.05 -64.06 -20.18
CA LEU F 261 12.49 -64.09 -20.04
C LEU F 261 12.96 -63.06 -19.01
N PHE F 262 12.38 -61.86 -19.02
CA PHE F 262 12.74 -60.80 -18.07
C PHE F 262 12.34 -61.23 -16.66
N LEU F 263 11.11 -61.72 -16.54
CA LEU F 263 10.60 -62.16 -15.25
C LEU F 263 11.49 -63.23 -14.63
N GLU F 264 11.94 -64.16 -15.46
CA GLU F 264 12.78 -65.25 -14.98
C GLU F 264 14.15 -64.81 -14.51
N GLN F 265 14.77 -63.85 -15.19
CA GLN F 265 16.08 -63.38 -14.75
C GLN F 265 15.90 -62.55 -13.47
N LEU F 266 14.84 -61.75 -13.43
CA LEU F 266 14.60 -60.93 -12.25
C LEU F 266 14.37 -61.81 -11.02
N GLU F 267 13.57 -62.86 -11.16
CA GLU F 267 13.28 -63.76 -10.03
C GLU F 267 14.50 -64.57 -9.61
N ALA F 268 15.62 -64.40 -10.31
CA ALA F 268 16.83 -65.13 -9.99
C ALA F 268 17.87 -64.21 -9.40
N PRO F 269 18.78 -64.75 -8.59
CA PRO F 269 19.81 -63.92 -7.98
C PRO F 269 20.80 -63.40 -9.02
N PRO F 270 21.38 -62.22 -8.76
CA PRO F 270 22.35 -61.65 -9.71
C PRO F 270 23.62 -62.51 -9.81
N PRO F 271 24.41 -62.35 -10.88
CA PRO F 271 25.64 -63.14 -11.03
C PRO F 271 26.67 -62.70 -9.98
N PRO F 272 27.76 -63.48 -9.82
CA PRO F 272 28.80 -63.14 -8.84
C PRO F 272 29.08 -61.63 -8.78
N GLY F 273 28.71 -61.02 -7.65
CA GLY F 273 28.90 -59.59 -7.48
C GLY F 273 27.65 -58.81 -7.86
#